data_1EXS
# 
_entry.id   1EXS 
# 
_audit_conform.dict_name       mmcif_pdbx.dic 
_audit_conform.dict_version    5.398 
_audit_conform.dict_location   http://mmcif.pdb.org/dictionaries/ascii/mmcif_pdbx.dic 
# 
loop_
_database_2.database_id 
_database_2.database_code 
_database_2.pdbx_database_accession 
_database_2.pdbx_DOI 
PDB   1EXS         pdb_00001exs 10.2210/pdb1exs/pdb 
RCSB  RCSB011002   ?            ?                   
WWPDB D_1000011002 ?            ?                   
# 
loop_
_pdbx_audit_revision_history.ordinal 
_pdbx_audit_revision_history.data_content_type 
_pdbx_audit_revision_history.major_revision 
_pdbx_audit_revision_history.minor_revision 
_pdbx_audit_revision_history.revision_date 
1 'Structure model' 1 0 2000-11-15 
2 'Structure model' 1 1 2008-04-27 
3 'Structure model' 1 2 2011-07-13 
4 'Structure model' 1 3 2017-10-04 
5 'Structure model' 1 4 2024-11-06 
# 
_pdbx_audit_revision_details.ordinal             1 
_pdbx_audit_revision_details.revision_ordinal    1 
_pdbx_audit_revision_details.data_content_type   'Structure model' 
_pdbx_audit_revision_details.provider            repository 
_pdbx_audit_revision_details.type                'Initial release' 
_pdbx_audit_revision_details.description         ? 
_pdbx_audit_revision_details.details             ? 
# 
loop_
_pdbx_audit_revision_group.ordinal 
_pdbx_audit_revision_group.revision_ordinal 
_pdbx_audit_revision_group.data_content_type 
_pdbx_audit_revision_group.group 
1 2 'Structure model' 'Version format compliance' 
2 3 'Structure model' 'Derived calculations'      
3 3 'Structure model' 'Version format compliance' 
4 4 'Structure model' 'Refinement description'    
5 4 'Structure model' 'Structure summary'         
6 5 'Structure model' 'Data collection'           
7 5 'Structure model' 'Database references'       
8 5 'Structure model' 'Derived calculations'      
9 5 'Structure model' 'Structure summary'         
# 
loop_
_pdbx_audit_revision_category.ordinal 
_pdbx_audit_revision_category.revision_ordinal 
_pdbx_audit_revision_category.data_content_type 
_pdbx_audit_revision_category.category 
1 4 'Structure model' software                  
2 4 'Structure model' struct_keywords           
3 5 'Structure model' chem_comp_atom            
4 5 'Structure model' chem_comp_bond            
5 5 'Structure model' database_2                
6 5 'Structure model' pdbx_entry_details        
7 5 'Structure model' pdbx_modification_feature 
8 5 'Structure model' struct_ref                
9 5 'Structure model' struct_site               
# 
loop_
_pdbx_audit_revision_item.ordinal 
_pdbx_audit_revision_item.revision_ordinal 
_pdbx_audit_revision_item.data_content_type 
_pdbx_audit_revision_item.item 
1 4 'Structure model' '_struct_keywords.text'                
2 5 'Structure model' '_database_2.pdbx_DOI'                 
3 5 'Structure model' '_database_2.pdbx_database_accession'  
4 5 'Structure model' '_struct_ref.pdbx_seq_one_letter_code' 
5 5 'Structure model' '_struct_site.pdbx_auth_asym_id'       
6 5 'Structure model' '_struct_site.pdbx_auth_comp_id'       
7 5 'Structure model' '_struct_site.pdbx_auth_seq_id'        
# 
_pdbx_database_status.status_code                     REL 
_pdbx_database_status.entry_id                        1EXS 
_pdbx_database_status.recvd_initial_deposition_date   2000-05-04 
_pdbx_database_status.deposit_site                    RCSB 
_pdbx_database_status.process_site                    RCSB 
_pdbx_database_status.status_code_sf                  REL 
_pdbx_database_status.SG_entry                        . 
_pdbx_database_status.pdb_format_compatible           Y 
_pdbx_database_status.status_code_mr                  ? 
_pdbx_database_status.status_code_cs                  ? 
_pdbx_database_status.methods_development_category    ? 
_pdbx_database_status.status_code_nmr_data            ? 
# 
loop_
_audit_author.name 
_audit_author.pdbx_ordinal 
'Abrahams, J.P.'    1 
'Hoedemaeker, F.J.' 2 
# 
_citation.id                        primary 
_citation.title                     'A novel pH-dependent dimerization motif in beta-lactoglobulin from pig (Sus scrofa).' 
_citation.journal_abbrev            'Acta Crystallogr.,Sect.D' 
_citation.journal_volume            58 
_citation.page_first                480 
_citation.page_last                 486 
_citation.year                      2002 
_citation.journal_id_ASTM           ABCRE6 
_citation.country                   DK 
_citation.journal_id_ISSN           0907-4449 
_citation.journal_id_CSD            0766 
_citation.book_publisher            ? 
_citation.pdbx_database_id_PubMed   11856834 
_citation.pdbx_database_id_DOI      10.1107/S0907444902000616 
# 
loop_
_citation_author.citation_id 
_citation_author.name 
_citation_author.ordinal 
_citation_author.identifier_ORCID 
primary 'Hoedemaeker, F.J.' 1 ? 
primary 'Visschers, R.W.'   2 ? 
primary 'Alting, A.C.'      3 ? 
primary 'de Kruif, K.G.'    4 ? 
primary 'Kuil, M.E.'        5 ? 
primary 'Abrahams, J.P.'    6 ? 
# 
loop_
_entity.id 
_entity.type 
_entity.src_method 
_entity.pdbx_description 
_entity.formula_weight 
_entity.pdbx_number_of_molecules 
_entity.pdbx_ec 
_entity.pdbx_mutation 
_entity.pdbx_fragment 
_entity.details 
1 polymer     nat BETA-LACTOGLOBULIN 17882.469 1   ? ? 'VARIANT 1A' 
'A PUTATIVE BUT BIOLOGICALLY FUNCTIONAL DIMER IS CREATED BY THE CRYSTALLOGRAPHIC 2-FOLD AXIS' 
2 non-polymer syn 'SODIUM ION'       22.990    1   ? ? ?            ? 
3 non-polymer syn GLYCEROL           92.094    1   ? ? ?            ? 
4 water       nat water              18.015    154 ? ? ?            ? 
# 
_entity_poly.entity_id                      1 
_entity_poly.type                           'polypeptide(L)' 
_entity_poly.nstd_linkage                   no 
_entity_poly.nstd_monomer                   no 
_entity_poly.pdbx_seq_one_letter_code       
;VEVTPIMTELDTQKVAGTWHTVAMAVSDVSLLDAKSSPLKAYVEGLKPTPEGDLEILLQKRENDKCAQEVLLAKKTDIPA
VFKINALDENQLFLLDTDYDSHLLLCMENSASPEHSLVCQSLARTLEVDDQIREKFEDALKTLSVPMRILPAQLEEQCRV
;
_entity_poly.pdbx_seq_one_letter_code_can   
;VEVTPIMTELDTQKVAGTWHTVAMAVSDVSLLDAKSSPLKAYVEGLKPTPEGDLEILLQKRENDKCAQEVLLAKKTDIPA
VFKINALDENQLFLLDTDYDSHLLLCMENSASPEHSLVCQSLARTLEVDDQIREKFEDALKTLSVPMRILPAQLEEQCRV
;
_entity_poly.pdbx_strand_id                 A 
_entity_poly.pdbx_target_identifier         ? 
# 
loop_
_pdbx_entity_nonpoly.entity_id 
_pdbx_entity_nonpoly.name 
_pdbx_entity_nonpoly.comp_id 
2 'SODIUM ION' NA  
3 GLYCEROL     GOL 
4 water        HOH 
# 
loop_
_entity_poly_seq.entity_id 
_entity_poly_seq.num 
_entity_poly_seq.mon_id 
_entity_poly_seq.hetero 
1 1   VAL n 
1 2   GLU n 
1 3   VAL n 
1 4   THR n 
1 5   PRO n 
1 6   ILE n 
1 7   MET n 
1 8   THR n 
1 9   GLU n 
1 10  LEU n 
1 11  ASP n 
1 12  THR n 
1 13  GLN n 
1 14  LYS n 
1 15  VAL n 
1 16  ALA n 
1 17  GLY n 
1 18  THR n 
1 19  TRP n 
1 20  HIS n 
1 21  THR n 
1 22  VAL n 
1 23  ALA n 
1 24  MET n 
1 25  ALA n 
1 26  VAL n 
1 27  SER n 
1 28  ASP n 
1 29  VAL n 
1 30  SER n 
1 31  LEU n 
1 32  LEU n 
1 33  ASP n 
1 34  ALA n 
1 35  LYS n 
1 36  SER n 
1 37  SER n 
1 38  PRO n 
1 39  LEU n 
1 40  LYS n 
1 41  ALA n 
1 42  TYR n 
1 43  VAL n 
1 44  GLU n 
1 45  GLY n 
1 46  LEU n 
1 47  LYS n 
1 48  PRO n 
1 49  THR n 
1 50  PRO n 
1 51  GLU n 
1 52  GLY n 
1 53  ASP n 
1 54  LEU n 
1 55  GLU n 
1 56  ILE n 
1 57  LEU n 
1 58  LEU n 
1 59  GLN n 
1 60  LYS n 
1 61  ARG n 
1 62  GLU n 
1 63  ASN n 
1 64  ASP n 
1 65  LYS n 
1 66  CYS n 
1 67  ALA n 
1 68  GLN n 
1 69  GLU n 
1 70  VAL n 
1 71  LEU n 
1 72  LEU n 
1 73  ALA n 
1 74  LYS n 
1 75  LYS n 
1 76  THR n 
1 77  ASP n 
1 78  ILE n 
1 79  PRO n 
1 80  ALA n 
1 81  VAL n 
1 82  PHE n 
1 83  LYS n 
1 84  ILE n 
1 85  ASN n 
1 86  ALA n 
1 87  LEU n 
1 88  ASP n 
1 89  GLU n 
1 90  ASN n 
1 91  GLN n 
1 92  LEU n 
1 93  PHE n 
1 94  LEU n 
1 95  LEU n 
1 96  ASP n 
1 97  THR n 
1 98  ASP n 
1 99  TYR n 
1 100 ASP n 
1 101 SER n 
1 102 HIS n 
1 103 LEU n 
1 104 LEU n 
1 105 LEU n 
1 106 CYS n 
1 107 MET n 
1 108 GLU n 
1 109 ASN n 
1 110 SER n 
1 111 ALA n 
1 112 SER n 
1 113 PRO n 
1 114 GLU n 
1 115 HIS n 
1 116 SER n 
1 117 LEU n 
1 118 VAL n 
1 119 CYS n 
1 120 GLN n 
1 121 SER n 
1 122 LEU n 
1 123 ALA n 
1 124 ARG n 
1 125 THR n 
1 126 LEU n 
1 127 GLU n 
1 128 VAL n 
1 129 ASP n 
1 130 ASP n 
1 131 GLN n 
1 132 ILE n 
1 133 ARG n 
1 134 GLU n 
1 135 LYS n 
1 136 PHE n 
1 137 GLU n 
1 138 ASP n 
1 139 ALA n 
1 140 LEU n 
1 141 LYS n 
1 142 THR n 
1 143 LEU n 
1 144 SER n 
1 145 VAL n 
1 146 PRO n 
1 147 MET n 
1 148 ARG n 
1 149 ILE n 
1 150 LEU n 
1 151 PRO n 
1 152 ALA n 
1 153 GLN n 
1 154 LEU n 
1 155 GLU n 
1 156 GLU n 
1 157 GLN n 
1 158 CYS n 
1 159 ARG n 
1 160 VAL n 
# 
_entity_src_nat.entity_id                  1 
_entity_src_nat.pdbx_src_id                1 
_entity_src_nat.pdbx_alt_source_flag       sample 
_entity_src_nat.pdbx_beg_seq_num           ? 
_entity_src_nat.pdbx_end_seq_num           ? 
_entity_src_nat.common_name                pig 
_entity_src_nat.pdbx_organism_scientific   'Sus scrofa' 
_entity_src_nat.pdbx_ncbi_taxonomy_id      9823 
_entity_src_nat.genus                      Sus 
_entity_src_nat.species                    ? 
_entity_src_nat.strain                     ? 
_entity_src_nat.tissue                     ? 
_entity_src_nat.tissue_fraction            ? 
_entity_src_nat.pdbx_secretion             MILK 
_entity_src_nat.pdbx_fragment              ? 
_entity_src_nat.pdbx_variant               ? 
_entity_src_nat.pdbx_cell_line             ? 
_entity_src_nat.pdbx_atcc                  ? 
_entity_src_nat.pdbx_cellular_location     ? 
_entity_src_nat.pdbx_organ                 ? 
_entity_src_nat.pdbx_organelle             ? 
_entity_src_nat.pdbx_cell                  ? 
_entity_src_nat.pdbx_plasmid_name          ? 
_entity_src_nat.pdbx_plasmid_details       ? 
_entity_src_nat.details                    ? 
# 
loop_
_chem_comp.id 
_chem_comp.type 
_chem_comp.mon_nstd_flag 
_chem_comp.name 
_chem_comp.pdbx_synonyms 
_chem_comp.formula 
_chem_comp.formula_weight 
ALA 'L-peptide linking' y ALANINE         ?                               'C3 H7 N O2'     89.093  
ARG 'L-peptide linking' y ARGININE        ?                               'C6 H15 N4 O2 1' 175.209 
ASN 'L-peptide linking' y ASPARAGINE      ?                               'C4 H8 N2 O3'    132.118 
ASP 'L-peptide linking' y 'ASPARTIC ACID' ?                               'C4 H7 N O4'     133.103 
CYS 'L-peptide linking' y CYSTEINE        ?                               'C3 H7 N O2 S'   121.158 
GLN 'L-peptide linking' y GLUTAMINE       ?                               'C5 H10 N2 O3'   146.144 
GLU 'L-peptide linking' y 'GLUTAMIC ACID' ?                               'C5 H9 N O4'     147.129 
GLY 'peptide linking'   y GLYCINE         ?                               'C2 H5 N O2'     75.067  
GOL non-polymer         . GLYCEROL        'GLYCERIN; PROPANE-1,2,3-TRIOL' 'C3 H8 O3'       92.094  
HIS 'L-peptide linking' y HISTIDINE       ?                               'C6 H10 N3 O2 1' 156.162 
HOH non-polymer         . WATER           ?                               'H2 O'           18.015  
ILE 'L-peptide linking' y ISOLEUCINE      ?                               'C6 H13 N O2'    131.173 
LEU 'L-peptide linking' y LEUCINE         ?                               'C6 H13 N O2'    131.173 
LYS 'L-peptide linking' y LYSINE          ?                               'C6 H15 N2 O2 1' 147.195 
MET 'L-peptide linking' y METHIONINE      ?                               'C5 H11 N O2 S'  149.211 
NA  non-polymer         . 'SODIUM ION'    ?                               'Na 1'           22.990  
PHE 'L-peptide linking' y PHENYLALANINE   ?                               'C9 H11 N O2'    165.189 
PRO 'L-peptide linking' y PROLINE         ?                               'C5 H9 N O2'     115.130 
SER 'L-peptide linking' y SERINE          ?                               'C3 H7 N O3'     105.093 
THR 'L-peptide linking' y THREONINE       ?                               'C4 H9 N O3'     119.119 
TRP 'L-peptide linking' y TRYPTOPHAN      ?                               'C11 H12 N2 O2'  204.225 
TYR 'L-peptide linking' y TYROSINE        ?                               'C9 H11 N O3'    181.189 
VAL 'L-peptide linking' y VALINE          ?                               'C5 H11 N O2'    117.146 
# 
loop_
_pdbx_poly_seq_scheme.asym_id 
_pdbx_poly_seq_scheme.entity_id 
_pdbx_poly_seq_scheme.seq_id 
_pdbx_poly_seq_scheme.mon_id 
_pdbx_poly_seq_scheme.ndb_seq_num 
_pdbx_poly_seq_scheme.pdb_seq_num 
_pdbx_poly_seq_scheme.auth_seq_num 
_pdbx_poly_seq_scheme.pdb_mon_id 
_pdbx_poly_seq_scheme.auth_mon_id 
_pdbx_poly_seq_scheme.pdb_strand_id 
_pdbx_poly_seq_scheme.pdb_ins_code 
_pdbx_poly_seq_scheme.hetero 
A 1 1   VAL 1   1   1   VAL VAL A . n 
A 1 2   GLU 2   2   2   GLU GLU A . n 
A 1 3   VAL 3   3   3   VAL VAL A . n 
A 1 4   THR 4   4   4   THR THR A . n 
A 1 5   PRO 5   5   5   PRO PRO A . n 
A 1 6   ILE 6   6   6   ILE ILE A . n 
A 1 7   MET 7   7   7   MET MET A . n 
A 1 8   THR 8   8   8   THR THR A . n 
A 1 9   GLU 9   9   9   GLU GLU A . n 
A 1 10  LEU 10  10  10  LEU LEU A . n 
A 1 11  ASP 11  11  11  ASP ASP A . n 
A 1 12  THR 12  12  12  THR THR A . n 
A 1 13  GLN 13  13  13  GLN GLN A . n 
A 1 14  LYS 14  14  14  LYS LYS A . n 
A 1 15  VAL 15  15  15  VAL VAL A . n 
A 1 16  ALA 16  16  16  ALA ALA A . n 
A 1 17  GLY 17  17  17  GLY GLY A . n 
A 1 18  THR 18  18  18  THR THR A . n 
A 1 19  TRP 19  19  19  TRP TRP A . n 
A 1 20  HIS 20  20  20  HIS HIS A . n 
A 1 21  THR 21  21  21  THR THR A . n 
A 1 22  VAL 22  22  22  VAL VAL A . n 
A 1 23  ALA 23  23  23  ALA ALA A . n 
A 1 24  MET 24  24  24  MET MET A . n 
A 1 25  ALA 25  25  25  ALA ALA A . n 
A 1 26  VAL 26  26  26  VAL VAL A . n 
A 1 27  SER 27  27  27  SER SER A . n 
A 1 28  ASP 28  28  28  ASP ASP A . n 
A 1 29  VAL 29  29  29  VAL VAL A . n 
A 1 30  SER 30  30  30  SER SER A . n 
A 1 31  LEU 31  31  31  LEU LEU A . n 
A 1 32  LEU 32  32  32  LEU LEU A . n 
A 1 33  ASP 33  33  33  ASP ASP A . n 
A 1 34  ALA 34  34  34  ALA ALA A . n 
A 1 35  LYS 35  35  35  LYS LYS A . n 
A 1 36  SER 36  36  36  SER SER A . n 
A 1 37  SER 37  37  37  SER SER A . n 
A 1 38  PRO 38  38  38  PRO PRO A . n 
A 1 39  LEU 39  39  39  LEU LEU A . n 
A 1 40  LYS 40  40  40  LYS LYS A . n 
A 1 41  ALA 41  41  41  ALA ALA A . n 
A 1 42  TYR 42  42  42  TYR TYR A . n 
A 1 43  VAL 43  43  43  VAL VAL A . n 
A 1 44  GLU 44  44  44  GLU GLU A . n 
A 1 45  GLY 45  45  45  GLY GLY A . n 
A 1 46  LEU 46  46  46  LEU LEU A . n 
A 1 47  LYS 47  47  47  LYS LYS A . n 
A 1 48  PRO 48  48  48  PRO PRO A . n 
A 1 49  THR 49  49  49  THR THR A . n 
A 1 50  PRO 50  50  50  PRO PRO A . n 
A 1 51  GLU 51  51  51  GLU GLU A . n 
A 1 52  GLY 52  52  52  GLY GLY A . n 
A 1 53  ASP 53  53  53  ASP ASP A . n 
A 1 54  LEU 54  54  54  LEU LEU A . n 
A 1 55  GLU 55  55  55  GLU GLU A . n 
A 1 56  ILE 56  56  56  ILE ILE A . n 
A 1 57  LEU 57  57  57  LEU LEU A . n 
A 1 58  LEU 58  58  58  LEU LEU A . n 
A 1 59  GLN 59  59  59  GLN GLN A . n 
A 1 60  LYS 60  60  60  LYS LYS A . n 
A 1 61  ARG 61  61  61  ARG ARG A . n 
A 1 62  GLU 62  62  62  GLU GLU A . n 
A 1 63  ASN 63  63  63  ASN ASN A . n 
A 1 64  ASP 64  64  64  ASP ASP A . n 
A 1 65  LYS 65  65  65  LYS LYS A . n 
A 1 66  CYS 66  66  66  CYS CYS A . n 
A 1 67  ALA 67  67  67  ALA ALA A . n 
A 1 68  GLN 68  68  68  GLN GLN A . n 
A 1 69  GLU 69  69  69  GLU GLU A . n 
A 1 70  VAL 70  70  70  VAL VAL A . n 
A 1 71  LEU 71  71  71  LEU LEU A . n 
A 1 72  LEU 72  72  72  LEU LEU A . n 
A 1 73  ALA 73  73  73  ALA ALA A . n 
A 1 74  LYS 74  74  74  LYS LYS A . n 
A 1 75  LYS 75  75  75  LYS LYS A . n 
A 1 76  THR 76  76  76  THR THR A . n 
A 1 77  ASP 77  77  77  ASP ASP A . n 
A 1 78  ILE 78  78  78  ILE ILE A . n 
A 1 79  PRO 79  79  79  PRO PRO A . n 
A 1 80  ALA 80  80  80  ALA ALA A . n 
A 1 81  VAL 81  81  81  VAL VAL A . n 
A 1 82  PHE 82  82  82  PHE PHE A . n 
A 1 83  LYS 83  83  83  LYS LYS A . n 
A 1 84  ILE 84  84  84  ILE ILE A . n 
A 1 85  ASN 85  85  85  ASN ASN A . n 
A 1 86  ALA 86  86  86  ALA ALA A . n 
A 1 87  LEU 87  87  87  LEU LEU A . n 
A 1 88  ASP 88  88  88  ASP ASP A . n 
A 1 89  GLU 89  89  89  GLU GLU A . n 
A 1 90  ASN 90  90  90  ASN ASN A . n 
A 1 91  GLN 91  91  91  GLN GLN A . n 
A 1 92  LEU 92  92  92  LEU LEU A . n 
A 1 93  PHE 93  93  93  PHE PHE A . n 
A 1 94  LEU 94  94  94  LEU LEU A . n 
A 1 95  LEU 95  95  95  LEU LEU A . n 
A 1 96  ASP 96  96  96  ASP ASP A . n 
A 1 97  THR 97  97  97  THR THR A . n 
A 1 98  ASP 98  98  98  ASP ASP A . n 
A 1 99  TYR 99  99  99  TYR TYR A . n 
A 1 100 ASP 100 100 100 ASP ASP A . n 
A 1 101 SER 101 101 101 SER SER A . n 
A 1 102 HIS 102 102 102 HIS HIS A . n 
A 1 103 LEU 103 103 103 LEU LEU A . n 
A 1 104 LEU 104 104 104 LEU LEU A . n 
A 1 105 LEU 105 105 105 LEU LEU A . n 
A 1 106 CYS 106 106 106 CYS CYS A . n 
A 1 107 MET 107 107 107 MET MET A . n 
A 1 108 GLU 108 108 108 GLU GLU A . n 
A 1 109 ASN 109 109 109 ASN ASN A . n 
A 1 110 SER 110 110 110 SER SER A . n 
A 1 111 ALA 111 111 111 ALA ALA A . n 
A 1 112 SER 112 112 112 SER SER A . n 
A 1 113 PRO 113 113 113 PRO PRO A . n 
A 1 114 GLU 114 114 114 GLU GLU A . n 
A 1 115 HIS 115 115 115 HIS HIS A . n 
A 1 116 SER 116 116 116 SER SER A . n 
A 1 117 LEU 117 117 117 LEU LEU A . n 
A 1 118 VAL 118 118 118 VAL VAL A . n 
A 1 119 CYS 119 119 119 CYS CYS A . n 
A 1 120 GLN 120 120 120 GLN GLN A . n 
A 1 121 SER 121 121 121 SER SER A . n 
A 1 122 LEU 122 122 122 LEU LEU A . n 
A 1 123 ALA 123 123 123 ALA ALA A . n 
A 1 124 ARG 124 124 124 ARG ARG A . n 
A 1 125 THR 125 125 125 THR THR A . n 
A 1 126 LEU 126 126 126 LEU LEU A . n 
A 1 127 GLU 127 127 127 GLU GLU A . n 
A 1 128 VAL 128 128 128 VAL VAL A . n 
A 1 129 ASP 129 129 129 ASP ASP A . n 
A 1 130 ASP 130 130 130 ASP ASP A . n 
A 1 131 GLN 131 131 131 GLN GLN A . n 
A 1 132 ILE 132 132 132 ILE ILE A . n 
A 1 133 ARG 133 133 133 ARG ARG A . n 
A 1 134 GLU 134 134 134 GLU GLU A . n 
A 1 135 LYS 135 135 135 LYS LYS A . n 
A 1 136 PHE 136 136 136 PHE PHE A . n 
A 1 137 GLU 137 137 137 GLU GLU A . n 
A 1 138 ASP 138 138 138 ASP ASP A . n 
A 1 139 ALA 139 139 139 ALA ALA A . n 
A 1 140 LEU 140 140 140 LEU LEU A . n 
A 1 141 LYS 141 141 141 LYS LYS A . n 
A 1 142 THR 142 142 142 THR THR A . n 
A 1 143 LEU 143 143 143 LEU LEU A . n 
A 1 144 SER 144 144 144 SER SER A . n 
A 1 145 VAL 145 145 145 VAL VAL A . n 
A 1 146 PRO 146 146 146 PRO PRO A . n 
A 1 147 MET 147 147 147 MET MET A . n 
A 1 148 ARG 148 148 148 ARG ARG A . n 
A 1 149 ILE 149 149 149 ILE ILE A . n 
A 1 150 LEU 150 150 150 LEU LEU A . n 
A 1 151 PRO 151 151 151 PRO PRO A . n 
A 1 152 ALA 152 152 152 ALA ALA A . n 
A 1 153 GLN 153 153 153 GLN GLN A . n 
A 1 154 LEU 154 154 154 LEU LEU A . n 
A 1 155 GLU 155 155 155 GLU GLU A . n 
A 1 156 GLU 156 156 156 GLU GLU A . n 
A 1 157 GLN 157 157 157 GLN GLN A . n 
A 1 158 CYS 158 158 158 CYS CYS A . n 
A 1 159 ARG 159 159 159 ARG ARG A . n 
A 1 160 VAL 160 160 160 VAL VAL A . n 
# 
loop_
_pdbx_nonpoly_scheme.asym_id 
_pdbx_nonpoly_scheme.entity_id 
_pdbx_nonpoly_scheme.mon_id 
_pdbx_nonpoly_scheme.ndb_seq_num 
_pdbx_nonpoly_scheme.pdb_seq_num 
_pdbx_nonpoly_scheme.auth_seq_num 
_pdbx_nonpoly_scheme.pdb_mon_id 
_pdbx_nonpoly_scheme.auth_mon_id 
_pdbx_nonpoly_scheme.pdb_strand_id 
_pdbx_nonpoly_scheme.pdb_ins_code 
B 2 NA  1   2001 1   NA  IUM A . 
C 3 GOL 1   1001 1   GOL CRY A . 
D 4 HOH 1   2002 1   HOH WAT A . 
D 4 HOH 2   2003 2   HOH WAT A . 
D 4 HOH 3   2004 3   HOH WAT A . 
D 4 HOH 4   2005 4   HOH WAT A . 
D 4 HOH 5   2006 5   HOH WAT A . 
D 4 HOH 6   2007 6   HOH WAT A . 
D 4 HOH 7   2008 7   HOH WAT A . 
D 4 HOH 8   2009 8   HOH WAT A . 
D 4 HOH 9   2010 9   HOH WAT A . 
D 4 HOH 10  2011 10  HOH WAT A . 
D 4 HOH 11  2012 11  HOH WAT A . 
D 4 HOH 12  2013 12  HOH WAT A . 
D 4 HOH 13  2014 13  HOH WAT A . 
D 4 HOH 14  2015 14  HOH WAT A . 
D 4 HOH 15  2016 15  HOH WAT A . 
D 4 HOH 16  2017 16  HOH WAT A . 
D 4 HOH 17  2018 17  HOH WAT A . 
D 4 HOH 18  2019 18  HOH WAT A . 
D 4 HOH 19  2020 19  HOH WAT A . 
D 4 HOH 20  2021 20  HOH WAT A . 
D 4 HOH 21  2022 21  HOH WAT A . 
D 4 HOH 22  2023 22  HOH WAT A . 
D 4 HOH 23  2024 23  HOH WAT A . 
D 4 HOH 24  2025 24  HOH WAT A . 
D 4 HOH 25  2026 25  HOH WAT A . 
D 4 HOH 26  2027 26  HOH WAT A . 
D 4 HOH 27  2028 27  HOH WAT A . 
D 4 HOH 28  2029 28  HOH WAT A . 
D 4 HOH 29  2030 29  HOH WAT A . 
D 4 HOH 30  2031 30  HOH WAT A . 
D 4 HOH 31  2032 31  HOH WAT A . 
D 4 HOH 32  2033 32  HOH WAT A . 
D 4 HOH 33  2034 33  HOH WAT A . 
D 4 HOH 34  2035 34  HOH WAT A . 
D 4 HOH 35  2036 35  HOH WAT A . 
D 4 HOH 36  2037 36  HOH WAT A . 
D 4 HOH 37  2038 37  HOH WAT A . 
D 4 HOH 38  2039 38  HOH WAT A . 
D 4 HOH 39  2040 39  HOH WAT A . 
D 4 HOH 40  2041 40  HOH WAT A . 
D 4 HOH 41  2042 41  HOH WAT A . 
D 4 HOH 42  2043 42  HOH WAT A . 
D 4 HOH 43  2044 43  HOH WAT A . 
D 4 HOH 44  2045 44  HOH WAT A . 
D 4 HOH 45  2046 45  HOH WAT A . 
D 4 HOH 46  2047 46  HOH WAT A . 
D 4 HOH 47  2048 47  HOH WAT A . 
D 4 HOH 48  2049 48  HOH WAT A . 
D 4 HOH 49  2050 49  HOH WAT A . 
D 4 HOH 50  2051 50  HOH WAT A . 
D 4 HOH 51  2052 51  HOH WAT A . 
D 4 HOH 52  2053 52  HOH WAT A . 
D 4 HOH 53  2054 53  HOH WAT A . 
D 4 HOH 54  2055 54  HOH WAT A . 
D 4 HOH 55  2056 55  HOH WAT A . 
D 4 HOH 56  2057 56  HOH WAT A . 
D 4 HOH 57  2058 57  HOH WAT A . 
D 4 HOH 58  2059 58  HOH WAT A . 
D 4 HOH 59  2060 59  HOH WAT A . 
D 4 HOH 60  2061 60  HOH WAT A . 
D 4 HOH 61  2062 61  HOH WAT A . 
D 4 HOH 62  2063 62  HOH WAT A . 
D 4 HOH 63  2064 63  HOH WAT A . 
D 4 HOH 64  2065 64  HOH WAT A . 
D 4 HOH 65  2066 65  HOH WAT A . 
D 4 HOH 66  2067 66  HOH WAT A . 
D 4 HOH 67  2068 67  HOH WAT A . 
D 4 HOH 68  2069 68  HOH WAT A . 
D 4 HOH 69  2070 69  HOH WAT A . 
D 4 HOH 70  2071 70  HOH WAT A . 
D 4 HOH 71  2072 71  HOH WAT A . 
D 4 HOH 72  2073 72  HOH WAT A . 
D 4 HOH 73  2074 73  HOH WAT A . 
D 4 HOH 74  2075 74  HOH WAT A . 
D 4 HOH 75  2076 75  HOH WAT A . 
D 4 HOH 76  2077 76  HOH WAT A . 
D 4 HOH 77  2078 77  HOH WAT A . 
D 4 HOH 78  2079 78  HOH WAT A . 
D 4 HOH 79  2080 79  HOH WAT A . 
D 4 HOH 80  2081 80  HOH WAT A . 
D 4 HOH 81  2082 81  HOH WAT A . 
D 4 HOH 82  2083 82  HOH WAT A . 
D 4 HOH 83  2084 83  HOH WAT A . 
D 4 HOH 84  2085 84  HOH WAT A . 
D 4 HOH 85  2086 85  HOH WAT A . 
D 4 HOH 86  2087 86  HOH WAT A . 
D 4 HOH 87  2088 87  HOH WAT A . 
D 4 HOH 88  2089 88  HOH WAT A . 
D 4 HOH 89  2090 89  HOH WAT A . 
D 4 HOH 90  2091 90  HOH WAT A . 
D 4 HOH 91  2092 91  HOH WAT A . 
D 4 HOH 92  2093 92  HOH WAT A . 
D 4 HOH 93  2094 93  HOH WAT A . 
D 4 HOH 94  2095 94  HOH WAT A . 
D 4 HOH 95  2096 95  HOH WAT A . 
D 4 HOH 96  2097 96  HOH WAT A . 
D 4 HOH 97  2098 97  HOH WAT A . 
D 4 HOH 98  2099 98  HOH WAT A . 
D 4 HOH 99  2100 99  HOH WAT A . 
D 4 HOH 100 2101 100 HOH WAT A . 
D 4 HOH 101 2102 101 HOH WAT A . 
D 4 HOH 102 2103 102 HOH WAT A . 
D 4 HOH 103 2104 103 HOH WAT A . 
D 4 HOH 104 2105 104 HOH WAT A . 
D 4 HOH 105 2106 105 HOH WAT A . 
D 4 HOH 106 2107 106 HOH WAT A . 
D 4 HOH 107 2108 107 HOH WAT A . 
D 4 HOH 108 2109 108 HOH WAT A . 
D 4 HOH 109 2110 109 HOH WAT A . 
D 4 HOH 110 2111 110 HOH WAT A . 
D 4 HOH 111 2112 111 HOH WAT A . 
D 4 HOH 112 2113 112 HOH WAT A . 
D 4 HOH 113 2114 113 HOH WAT A . 
D 4 HOH 114 2115 114 HOH WAT A . 
D 4 HOH 115 2116 115 HOH WAT A . 
D 4 HOH 116 2117 116 HOH WAT A . 
D 4 HOH 117 2118 117 HOH WAT A . 
D 4 HOH 118 2119 118 HOH WAT A . 
D 4 HOH 119 2120 119 HOH WAT A . 
D 4 HOH 120 2121 120 HOH WAT A . 
D 4 HOH 121 2122 121 HOH WAT A . 
D 4 HOH 122 2123 122 HOH WAT A . 
D 4 HOH 123 2124 123 HOH WAT A . 
D 4 HOH 124 2125 124 HOH WAT A . 
D 4 HOH 125 2126 125 HOH WAT A . 
D 4 HOH 126 2127 126 HOH WAT A . 
D 4 HOH 127 2128 127 HOH WAT A . 
D 4 HOH 128 2129 128 HOH WAT A . 
D 4 HOH 129 2130 129 HOH WAT A . 
D 4 HOH 130 2131 130 HOH WAT A . 
D 4 HOH 131 2132 131 HOH WAT A . 
D 4 HOH 132 2133 132 HOH WAT A . 
D 4 HOH 133 2134 133 HOH WAT A . 
D 4 HOH 134 2135 134 HOH WAT A . 
D 4 HOH 135 2136 135 HOH WAT A . 
D 4 HOH 136 2137 136 HOH WAT A . 
D 4 HOH 137 2138 137 HOH WAT A . 
D 4 HOH 138 2139 138 HOH WAT A . 
D 4 HOH 139 2140 139 HOH WAT A . 
D 4 HOH 140 2141 140 HOH WAT A . 
D 4 HOH 141 2142 141 HOH WAT A . 
D 4 HOH 142 2143 142 HOH WAT A . 
D 4 HOH 143 2144 143 HOH WAT A . 
D 4 HOH 144 2145 144 HOH WAT A . 
D 4 HOH 145 2146 145 HOH WAT A . 
D 4 HOH 146 2147 146 HOH WAT A . 
D 4 HOH 147 2148 147 HOH WAT A . 
D 4 HOH 148 2149 148 HOH WAT A . 
D 4 HOH 149 2150 149 HOH WAT A . 
D 4 HOH 150 2151 150 HOH WAT A . 
D 4 HOH 151 2152 151 HOH WAT A . 
D 4 HOH 152 2153 152 HOH WAT A . 
D 4 HOH 153 2154 153 HOH WAT A . 
D 4 HOH 154 2155 154 HOH WAT A . 
# 
loop_
_software.name 
_software.classification 
_software.version 
_software.citation_id 
_software.pdbx_ordinal 
MOSFLM   'data reduction' .         ? 1 
SCALA    'data scaling'   .         ? 2 
SHARP    phasing          .         ? 3 
SOLOMON  phasing          .         ? 4 
REFMAC   refinement       .         ? 5 
ARP/wARP 'model building' .         ? 6 
CCP4     'data scaling'   '(SCALA)' ? 7 
# 
_cell.entry_id           1EXS 
_cell.length_a           80.605 
_cell.length_b           80.605 
_cell.length_c           78.520 
_cell.angle_alpha        90.00 
_cell.angle_beta         90.00 
_cell.angle_gamma        120.00 
_cell.Z_PDB              6 
_cell.pdbx_unique_axis   ? 
# 
_symmetry.entry_id                         1EXS 
_symmetry.space_group_name_H-M             'P 32 2 1' 
_symmetry.pdbx_full_space_group_name_H-M   ? 
_symmetry.cell_setting                     ? 
_symmetry.Int_Tables_number                154 
# 
_exptl.entry_id          1EXS 
_exptl.method            'X-RAY DIFFRACTION' 
_exptl.crystals_number   2 
# 
_exptl_crystal.id                    1 
_exptl_crystal.density_meas          ? 
_exptl_crystal.density_percent_sol   70.12 
_exptl_crystal.density_Matthews      4.12 
_exptl_crystal.description           ? 
# 
_exptl_crystal_grow.crystal_id      1 
_exptl_crystal_grow.method          MICROBATCH 
_exptl_crystal_grow.pH              3.2 
_exptl_crystal_grow.temp            293 
_exptl_crystal_grow.temp_details    ? 
_exptl_crystal_grow.pdbx_details    'Sodium chloride, Formate buffer, pH 3.2, microbatch, temperature 293K' 
_exptl_crystal_grow.pdbx_pH_range   ? 
# 
_diffrn.id                     1 
_diffrn.ambient_temp           100 
_diffrn.ambient_temp_details   ? 
_diffrn.crystal_id             1 
# 
_diffrn_detector.diffrn_id              1 
_diffrn_detector.detector               'IMAGE PLATE' 
_diffrn_detector.type                   MARRESEARCH 
_diffrn_detector.pdbx_collection_date   2000-03-15 
_diffrn_detector.details                ? 
# 
_diffrn_radiation.diffrn_id                        1 
_diffrn_radiation.wavelength_id                    1 
_diffrn_radiation.monochromator                    ? 
_diffrn_radiation.pdbx_monochromatic_or_laue_m_l   M 
_diffrn_radiation.pdbx_diffrn_protocol             'SINGLE WAVELENGTH' 
_diffrn_radiation.pdbx_scattering_type             x-ray 
# 
_diffrn_radiation_wavelength.id           1 
_diffrn_radiation_wavelength.wavelength   1.5418 
_diffrn_radiation_wavelength.wt           1.0 
# 
_diffrn_source.diffrn_id                   1 
_diffrn_source.source                      'ROTATING ANODE' 
_diffrn_source.type                        'ENRAF-NONIUS FR591' 
_diffrn_source.pdbx_wavelength             1.5418 
_diffrn_source.pdbx_synchrotron_site       ? 
_diffrn_source.pdbx_synchrotron_beamline   ? 
_diffrn_source.pdbx_wavelength_list        ? 
# 
_reflns.entry_id                     1EXS 
_reflns.observed_criterion_sigma_I   2.7 
_reflns.observed_criterion_sigma_F   0 
_reflns.d_resolution_low             999.0 
_reflns.d_resolution_high            2.38 
_reflns.number_obs                   12225 
_reflns.number_all                   12250 
_reflns.percent_possible_obs         99.8 
_reflns.pdbx_Rmerge_I_obs            0.052 
_reflns.pdbx_Rsym_value              ? 
_reflns.pdbx_netI_over_sigmaI        9.7 
_reflns.B_iso_Wilson_estimate        55.0 
_reflns.pdbx_redundancy              10.2 
_reflns.R_free_details               ? 
_reflns.limit_h_max                  ? 
_reflns.limit_h_min                  ? 
_reflns.limit_k_max                  ? 
_reflns.limit_k_min                  ? 
_reflns.limit_l_max                  ? 
_reflns.limit_l_min                  ? 
_reflns.observed_criterion_F_max     ? 
_reflns.observed_criterion_F_min     ? 
_reflns.pdbx_ordinal                 1 
_reflns.pdbx_diffrn_id               1 
# 
_reflns_shell.d_res_high             2.38 
_reflns_shell.d_res_low              2.44 
_reflns_shell.percent_possible_obs   ? 
_reflns_shell.percent_possible_all   97.3 
_reflns_shell.Rmerge_I_obs           0.293 
_reflns_shell.meanI_over_sigI_obs    ? 
_reflns_shell.pdbx_Rsym_value        ? 
_reflns_shell.pdbx_redundancy        9.4 
_reflns_shell.number_unique_all      870 
_reflns_shell.pdbx_ordinal           1 
_reflns_shell.pdbx_diffrn_id         1 
# 
_refine.entry_id                                 1EXS 
_refine.ls_number_reflns_obs                     11450 
_refine.ls_number_reflns_all                     11452 
_refine.pdbx_ls_sigma_I                          0 
_refine.pdbx_ls_sigma_F                          0 
_refine.pdbx_data_cutoff_high_absF               ? 
_refine.pdbx_data_cutoff_low_absF                ? 
_refine.ls_d_res_low                             40.0 
_refine.ls_d_res_high                            2.39 
_refine.ls_percent_reflns_obs                    ? 
_refine.ls_R_factor_obs                          ? 
_refine.ls_R_factor_all                          ? 
_refine.ls_R_factor_R_work                       0.219 
_refine.ls_R_factor_R_free                       0.282 
_refine.ls_R_factor_R_free_error                 ? 
_refine.ls_R_factor_R_free_error_details         ? 
_refine.ls_percent_reflns_R_free                 ? 
_refine.ls_number_reflns_R_free                  573 
_refine.ls_number_parameters                     ? 
_refine.ls_number_restraints                     ? 
_refine.occupancy_min                            ? 
_refine.occupancy_max                            ? 
_refine.B_iso_mean                               ? 
_refine.aniso_B[1][1]                            ? 
_refine.aniso_B[2][2]                            ? 
_refine.aniso_B[3][3]                            ? 
_refine.aniso_B[1][2]                            ? 
_refine.aniso_B[1][3]                            ? 
_refine.aniso_B[2][3]                            ? 
_refine.solvent_model_details                    ? 
_refine.solvent_model_param_ksol                 ? 
_refine.solvent_model_param_bsol                 ? 
_refine.pdbx_ls_cross_valid_method               THROUGHOUT 
_refine.details                                  'MLKF CDIR' 
_refine.pdbx_starting_model                      ? 
_refine.pdbx_method_to_determine_struct          ? 
_refine.pdbx_isotropic_thermal_model             ? 
_refine.pdbx_stereochemistry_target_values       'Engh & Huber' 
_refine.pdbx_stereochem_target_val_spec_case     ? 
_refine.pdbx_R_Free_selection_details            RANDOM 
_refine.pdbx_overall_ESU_R_Free                  ? 
_refine.overall_SU_B                             ? 
_refine.ls_redundancy_reflns_obs                 ? 
_refine.B_iso_min                                ? 
_refine.B_iso_max                                ? 
_refine.overall_SU_ML                            ? 
_refine.pdbx_overall_ESU_R                       ? 
_refine.pdbx_data_cutoff_high_rms_absF           ? 
_refine.correlation_coeff_Fo_to_Fc               ? 
_refine.correlation_coeff_Fo_to_Fc_free          ? 
_refine.pdbx_solvent_vdw_probe_radii             ? 
_refine.pdbx_solvent_ion_probe_radii             ? 
_refine.pdbx_solvent_shrinkage_radii             ? 
_refine.overall_SU_R_Cruickshank_DPI             ? 
_refine.overall_SU_R_free                        ? 
_refine.pdbx_refine_id                           'X-RAY DIFFRACTION' 
_refine.pdbx_diffrn_id                           1 
_refine.pdbx_TLS_residual_ADP_flag               ? 
_refine.pdbx_overall_phase_error                 ? 
_refine.pdbx_overall_SU_R_free_Cruickshank_DPI   ? 
_refine.pdbx_overall_SU_R_Blow_DPI               ? 
_refine.pdbx_overall_SU_R_free_Blow_DPI          ? 
# 
_refine_hist.pdbx_refine_id                   'X-RAY DIFFRACTION' 
_refine_hist.cycle_id                         LAST 
_refine_hist.pdbx_number_atoms_protein        1248 
_refine_hist.pdbx_number_atoms_nucleic_acid   0 
_refine_hist.pdbx_number_atoms_ligand         7 
_refine_hist.number_atoms_solvent             154 
_refine_hist.number_atoms_total               1409 
_refine_hist.d_res_high                       2.39 
_refine_hist.d_res_low                        40.0 
# 
loop_
_refine_ls_restr.type 
_refine_ls_restr.dev_ideal 
_refine_ls_restr.dev_ideal_target 
_refine_ls_restr.weight 
_refine_ls_restr.number 
_refine_ls_restr.pdbx_refine_id 
_refine_ls_restr.pdbx_restraint_function 
o_angle_deg 3.049 ? ? ? 'X-RAY DIFFRACTION' ? 
o_bond_d    0.013 ? ? ? 'X-RAY DIFFRACTION' ? 
# 
_struct.entry_id                  1EXS 
_struct.title                     'STRUCTURE OF PORCINE BETA-LACTOGLOBULIN' 
_struct.pdbx_model_details        ? 
_struct.pdbx_CASP_flag            ? 
_struct.pdbx_model_type_details   ? 
# 
_struct_keywords.entry_id        1EXS 
_struct_keywords.pdbx_keywords   'LIPID BINDING PROTEIN' 
_struct_keywords.text            'lipocalin fold, LIPID-BINDING PROTEIN, LIPID BINDING PROTEIN' 
# 
loop_
_struct_asym.id 
_struct_asym.pdbx_blank_PDB_chainid_flag 
_struct_asym.pdbx_modified 
_struct_asym.entity_id 
_struct_asym.details 
A N N 1 ? 
B N N 2 ? 
C N N 3 ? 
D N N 4 ? 
# 
_struct_ref.id                         1 
_struct_ref.db_code                    LACB_PIG 
_struct_ref.db_name                    UNP 
_struct_ref.entity_id                  1 
_struct_ref.pdbx_db_accession          P04119 
_struct_ref.pdbx_align_begin           19 
_struct_ref.pdbx_seq_one_letter_code   
;VEVTPIMTELDTQKVAGTWHTVAMAVSDVSLLDAKSSPLKAYVEGLKPTPEGDLEILLQKRENDKCAQEVLLAKKTDIPA
VFKINALDENQLFLLDTDYDSHLLLCMENSASPEHSLVCQSLARTLEVDDQIREKFEDALKTLSVPMRILPAQLEEQCRV

;
_struct_ref.pdbx_db_isoform            ? 
# 
_struct_ref_seq.align_id                      1 
_struct_ref_seq.ref_id                        1 
_struct_ref_seq.pdbx_PDB_id_code              1EXS 
_struct_ref_seq.pdbx_strand_id                A 
_struct_ref_seq.seq_align_beg                 1 
_struct_ref_seq.pdbx_seq_align_beg_ins_code   ? 
_struct_ref_seq.seq_align_end                 160 
_struct_ref_seq.pdbx_seq_align_end_ins_code   ? 
_struct_ref_seq.pdbx_db_accession             P04119 
_struct_ref_seq.db_align_beg                  19 
_struct_ref_seq.pdbx_db_align_beg_ins_code    ? 
_struct_ref_seq.db_align_end                  178 
_struct_ref_seq.pdbx_db_align_end_ins_code    ? 
_struct_ref_seq.pdbx_auth_seq_align_beg       1 
_struct_ref_seq.pdbx_auth_seq_align_end       160 
# 
_pdbx_struct_assembly.id                   1 
_pdbx_struct_assembly.details              author_and_software_defined_assembly 
_pdbx_struct_assembly.method_details       PISA,PQS 
_pdbx_struct_assembly.oligomeric_details   dimeric 
_pdbx_struct_assembly.oligomeric_count     2 
# 
loop_
_pdbx_struct_assembly_prop.biol_id 
_pdbx_struct_assembly_prop.type 
_pdbx_struct_assembly_prop.value 
_pdbx_struct_assembly_prop.details 
1 'ABSA (A^2)' 4260  ? 
1 MORE         -39   ? 
1 'SSA (A^2)'  15090 ? 
# 
_pdbx_struct_assembly_gen.assembly_id       1 
_pdbx_struct_assembly_gen.oper_expression   1,2 
_pdbx_struct_assembly_gen.asym_id_list      A,B,C,D 
# 
loop_
_pdbx_struct_oper_list.id 
_pdbx_struct_oper_list.type 
_pdbx_struct_oper_list.name 
_pdbx_struct_oper_list.symmetry_operation 
_pdbx_struct_oper_list.matrix[1][1] 
_pdbx_struct_oper_list.matrix[1][2] 
_pdbx_struct_oper_list.matrix[1][3] 
_pdbx_struct_oper_list.vector[1] 
_pdbx_struct_oper_list.matrix[2][1] 
_pdbx_struct_oper_list.matrix[2][2] 
_pdbx_struct_oper_list.matrix[2][3] 
_pdbx_struct_oper_list.vector[2] 
_pdbx_struct_oper_list.matrix[3][1] 
_pdbx_struct_oper_list.matrix[3][2] 
_pdbx_struct_oper_list.matrix[3][3] 
_pdbx_struct_oper_list.vector[3] 
1 'identity operation'         1_555 x,y,z         1.0000000000  0.0000000000 0.0000000000  0.0000000000  0.0000000000 1.0000000000 0.0000000000  0.0000000000 0.0000000000  0.0000000000  1.0000000000  0.0000000000 
2 'crystal symmetry operation' 5_555 x-y,-y,-z+1/3 -0.9666717239 0.1843324420 -0.1776719703 26.7420267525 0.1843324420 0.0195081518 -0.9826703327 2.5814719432 -0.1776719703 -0.9826703327 -0.0528364279 7.6945996360 
# 
_struct_biol.id   1 
# 
loop_
_struct_conf.conf_type_id 
_struct_conf.id 
_struct_conf.pdbx_PDB_helix_id 
_struct_conf.beg_label_comp_id 
_struct_conf.beg_label_asym_id 
_struct_conf.beg_label_seq_id 
_struct_conf.pdbx_beg_PDB_ins_code 
_struct_conf.end_label_comp_id 
_struct_conf.end_label_asym_id 
_struct_conf.end_label_seq_id 
_struct_conf.pdbx_end_PDB_ins_code 
_struct_conf.beg_auth_comp_id 
_struct_conf.beg_auth_asym_id 
_struct_conf.beg_auth_seq_id 
_struct_conf.end_auth_comp_id 
_struct_conf.end_auth_asym_id 
_struct_conf.end_auth_seq_id 
_struct_conf.pdbx_PDB_helix_class 
_struct_conf.details 
_struct_conf.pdbx_PDB_helix_length 
HELX_P HELX_P1 1 ASP A 11  ? ALA A 16  ? ASP A 11  ALA A 16  1 ? 6  
HELX_P HELX_P2 2 SER A 37  ? LEU A 39  ? SER A 37  LEU A 39  5 ? 3  
HELX_P HELX_P3 3 SER A 112 ? LEU A 117 ? SER A 112 LEU A 117 1 ? 6  
HELX_P HELX_P4 4 ASP A 129 ? LYS A 141 ? ASP A 129 LYS A 141 1 ? 13 
# 
_struct_conf_type.id          HELX_P 
_struct_conf_type.criteria    ? 
_struct_conf_type.reference   ? 
# 
loop_
_struct_conn.id 
_struct_conn.conn_type_id 
_struct_conn.pdbx_leaving_atom_flag 
_struct_conn.pdbx_PDB_id 
_struct_conn.ptnr1_label_asym_id 
_struct_conn.ptnr1_label_comp_id 
_struct_conn.ptnr1_label_seq_id 
_struct_conn.ptnr1_label_atom_id 
_struct_conn.pdbx_ptnr1_label_alt_id 
_struct_conn.pdbx_ptnr1_PDB_ins_code 
_struct_conn.pdbx_ptnr1_standard_comp_id 
_struct_conn.ptnr1_symmetry 
_struct_conn.ptnr2_label_asym_id 
_struct_conn.ptnr2_label_comp_id 
_struct_conn.ptnr2_label_seq_id 
_struct_conn.ptnr2_label_atom_id 
_struct_conn.pdbx_ptnr2_label_alt_id 
_struct_conn.pdbx_ptnr2_PDB_ins_code 
_struct_conn.ptnr1_auth_asym_id 
_struct_conn.ptnr1_auth_comp_id 
_struct_conn.ptnr1_auth_seq_id 
_struct_conn.ptnr2_auth_asym_id 
_struct_conn.ptnr2_auth_comp_id 
_struct_conn.ptnr2_auth_seq_id 
_struct_conn.ptnr2_symmetry 
_struct_conn.pdbx_ptnr3_label_atom_id 
_struct_conn.pdbx_ptnr3_label_seq_id 
_struct_conn.pdbx_ptnr3_label_comp_id 
_struct_conn.pdbx_ptnr3_label_asym_id 
_struct_conn.pdbx_ptnr3_label_alt_id 
_struct_conn.pdbx_ptnr3_PDB_ins_code 
_struct_conn.details 
_struct_conn.pdbx_dist_value 
_struct_conn.pdbx_value_order 
_struct_conn.pdbx_role 
disulf1 disulf ? ? A CYS 66  SG ? ? ? 1_555 A CYS 158 SG ? ? A CYS 66  A CYS 158 1_555 ? ? ? ? ? ? ? 2.010 ? ? 
disulf2 disulf ? ? A CYS 106 SG ? ? ? 1_555 A CYS 119 SG ? ? A CYS 106 A CYS 119 1_555 ? ? ? ? ? ? ? 2.062 ? ? 
# 
_struct_conn_type.id          disulf 
_struct_conn_type.criteria    ? 
_struct_conn_type.reference   ? 
# 
loop_
_pdbx_modification_feature.ordinal 
_pdbx_modification_feature.label_comp_id 
_pdbx_modification_feature.label_asym_id 
_pdbx_modification_feature.label_seq_id 
_pdbx_modification_feature.label_alt_id 
_pdbx_modification_feature.modified_residue_label_comp_id 
_pdbx_modification_feature.modified_residue_label_asym_id 
_pdbx_modification_feature.modified_residue_label_seq_id 
_pdbx_modification_feature.modified_residue_label_alt_id 
_pdbx_modification_feature.auth_comp_id 
_pdbx_modification_feature.auth_asym_id 
_pdbx_modification_feature.auth_seq_id 
_pdbx_modification_feature.PDB_ins_code 
_pdbx_modification_feature.symmetry 
_pdbx_modification_feature.modified_residue_auth_comp_id 
_pdbx_modification_feature.modified_residue_auth_asym_id 
_pdbx_modification_feature.modified_residue_auth_seq_id 
_pdbx_modification_feature.modified_residue_PDB_ins_code 
_pdbx_modification_feature.modified_residue_symmetry 
_pdbx_modification_feature.comp_id_linking_atom 
_pdbx_modification_feature.modified_residue_id_linking_atom 
_pdbx_modification_feature.modified_residue_id 
_pdbx_modification_feature.ref_pcm_id 
_pdbx_modification_feature.ref_comp_id 
_pdbx_modification_feature.type 
_pdbx_modification_feature.category 
1 CYS A 66  ? CYS A 158 ? CYS A 66  ? 1_555 CYS A 158 ? 1_555 SG SG . . . None 'Disulfide bridge' 
2 CYS A 106 ? CYS A 119 ? CYS A 106 ? 1_555 CYS A 119 ? 1_555 SG SG . . . None 'Disulfide bridge' 
# 
_struct_sheet.id               A 
_struct_sheet.type             ? 
_struct_sheet.number_strands   10 
_struct_sheet.details          ? 
# 
loop_
_struct_sheet_order.sheet_id 
_struct_sheet_order.range_id_1 
_struct_sheet_order.range_id_2 
_struct_sheet_order.offset 
_struct_sheet_order.sense 
A 1 2  ? anti-parallel 
A 2 3  ? anti-parallel 
A 3 4  ? anti-parallel 
A 4 5  ? anti-parallel 
A 5 6  ? anti-parallel 
A 6 7  ? anti-parallel 
A 7 8  ? anti-parallel 
A 8 9  ? anti-parallel 
A 9 10 ? anti-parallel 
# 
loop_
_struct_sheet_range.sheet_id 
_struct_sheet_range.id 
_struct_sheet_range.beg_label_comp_id 
_struct_sheet_range.beg_label_asym_id 
_struct_sheet_range.beg_label_seq_id 
_struct_sheet_range.pdbx_beg_PDB_ins_code 
_struct_sheet_range.end_label_comp_id 
_struct_sheet_range.end_label_asym_id 
_struct_sheet_range.end_label_seq_id 
_struct_sheet_range.pdbx_end_PDB_ins_code 
_struct_sheet_range.beg_auth_comp_id 
_struct_sheet_range.beg_auth_asym_id 
_struct_sheet_range.beg_auth_seq_id 
_struct_sheet_range.end_auth_comp_id 
_struct_sheet_range.end_auth_asym_id 
_struct_sheet_range.end_auth_seq_id 
A 1  GLY A 17  ? THR A 18  ? GLY A 17  THR A 18  
A 2  ALA A 41  ? PRO A 48  ? ALA A 41  PRO A 48  
A 3  LEU A 54  ? GLU A 62  ? LEU A 54  GLU A 62  
A 4  LYS A 65  ? LYS A 75  ? LYS A 65  LYS A 75  
A 5  PHE A 82  ? ALA A 86  ? PHE A 82  ALA A 86  
A 6  GLU A 89  ? THR A 97  ? GLU A 89  THR A 97  
A 7  HIS A 102 ? GLU A 108 ? HIS A 102 GLU A 108 
A 8  VAL A 118 ? ALA A 123 ? VAL A 118 ALA A 123 
A 9  HIS A 20  ? SER A 27  ? HIS A 20  SER A 27  
A 10 MET A 147 ? ILE A 149 ? MET A 147 ILE A 149 
# 
loop_
_pdbx_struct_sheet_hbond.sheet_id 
_pdbx_struct_sheet_hbond.range_id_1 
_pdbx_struct_sheet_hbond.range_id_2 
_pdbx_struct_sheet_hbond.range_1_label_atom_id 
_pdbx_struct_sheet_hbond.range_1_label_comp_id 
_pdbx_struct_sheet_hbond.range_1_label_asym_id 
_pdbx_struct_sheet_hbond.range_1_label_seq_id 
_pdbx_struct_sheet_hbond.range_1_PDB_ins_code 
_pdbx_struct_sheet_hbond.range_1_auth_atom_id 
_pdbx_struct_sheet_hbond.range_1_auth_comp_id 
_pdbx_struct_sheet_hbond.range_1_auth_asym_id 
_pdbx_struct_sheet_hbond.range_1_auth_seq_id 
_pdbx_struct_sheet_hbond.range_2_label_atom_id 
_pdbx_struct_sheet_hbond.range_2_label_comp_id 
_pdbx_struct_sheet_hbond.range_2_label_asym_id 
_pdbx_struct_sheet_hbond.range_2_label_seq_id 
_pdbx_struct_sheet_hbond.range_2_PDB_ins_code 
_pdbx_struct_sheet_hbond.range_2_auth_atom_id 
_pdbx_struct_sheet_hbond.range_2_auth_comp_id 
_pdbx_struct_sheet_hbond.range_2_auth_asym_id 
_pdbx_struct_sheet_hbond.range_2_auth_seq_id 
A 1 2  N GLY A 17  ? N GLY A 17  O LEU A 46  ? O LEU A 46  
A 2 3  O LYS A 47  ? O LYS A 47  N GLU A 55  ? N GLU A 55  
A 3 4  N GLU A 62  ? N GLU A 62  O LYS A 65  ? O LYS A 65  
A 4 5  O LYS A 74  ? O LYS A 74  N LYS A 83  ? N LYS A 83  
A 5 6  O ALA A 86  ? O ALA A 86  N GLU A 89  ? N GLU A 89  
A 6 7  N THR A 97  ? N THR A 97  O HIS A 102 ? O HIS A 102 
A 7 8  N MET A 107 ? N MET A 107 O VAL A 118 ? O VAL A 118 
A 8 9  N ALA A 123 ? N ALA A 123 O HIS A 20  ? O HIS A 20  
A 9 10 O VAL A 26  ? O VAL A 26  N ARG A 148 ? N ARG A 148 
# 
loop_
_struct_site.id 
_struct_site.pdbx_evidence_code 
_struct_site.pdbx_auth_asym_id 
_struct_site.pdbx_auth_comp_id 
_struct_site.pdbx_auth_seq_id 
_struct_site.pdbx_auth_ins_code 
_struct_site.pdbx_num_residues 
_struct_site.details 
AC1 Software A NA  2001 ? 4 'BINDING SITE FOR RESIDUE NA A 2001'  
AC2 Software A GOL 1001 ? 4 'BINDING SITE FOR RESIDUE GOL A 1001' 
# 
loop_
_struct_site_gen.id 
_struct_site_gen.site_id 
_struct_site_gen.pdbx_num_res 
_struct_site_gen.label_comp_id 
_struct_site_gen.label_asym_id 
_struct_site_gen.label_seq_id 
_struct_site_gen.pdbx_auth_ins_code 
_struct_site_gen.auth_comp_id 
_struct_site_gen.auth_asym_id 
_struct_site_gen.auth_seq_id 
_struct_site_gen.label_atom_id 
_struct_site_gen.label_alt_id 
_struct_site_gen.symmetry 
_struct_site_gen.details 
1 AC1 4 HIS A 20  ? HIS A 20   . ? 3_665 ? 
2 AC1 4 GLU A 51  ? GLU A 51   . ? 1_555 ? 
3 AC1 4 THR A 125 ? THR A 125  . ? 3_665 ? 
4 AC1 4 LEU A 126 ? LEU A 126  . ? 3_665 ? 
5 AC2 4 LYS A 141 ? LYS A 141  . ? 1_555 ? 
6 AC2 4 LEU A 143 ? LEU A 143  . ? 1_555 ? 
7 AC2 4 HOH D .   ? HOH A 2015 . ? 1_555 ? 
8 AC2 4 HOH D .   ? HOH A 2119 . ? 1_555 ? 
# 
_pdbx_entry_details.entry_id                   1EXS 
_pdbx_entry_details.compound_details           ? 
_pdbx_entry_details.source_details             ? 
_pdbx_entry_details.nonpolymer_details         ? 
_pdbx_entry_details.sequence_details           ? 
_pdbx_entry_details.has_ligand_of_interest     ? 
_pdbx_entry_details.has_protein_modification   Y 
# 
loop_
_pdbx_validate_rmsd_angle.id 
_pdbx_validate_rmsd_angle.PDB_model_num 
_pdbx_validate_rmsd_angle.auth_atom_id_1 
_pdbx_validate_rmsd_angle.auth_asym_id_1 
_pdbx_validate_rmsd_angle.auth_comp_id_1 
_pdbx_validate_rmsd_angle.auth_seq_id_1 
_pdbx_validate_rmsd_angle.PDB_ins_code_1 
_pdbx_validate_rmsd_angle.label_alt_id_1 
_pdbx_validate_rmsd_angle.auth_atom_id_2 
_pdbx_validate_rmsd_angle.auth_asym_id_2 
_pdbx_validate_rmsd_angle.auth_comp_id_2 
_pdbx_validate_rmsd_angle.auth_seq_id_2 
_pdbx_validate_rmsd_angle.PDB_ins_code_2 
_pdbx_validate_rmsd_angle.label_alt_id_2 
_pdbx_validate_rmsd_angle.auth_atom_id_3 
_pdbx_validate_rmsd_angle.auth_asym_id_3 
_pdbx_validate_rmsd_angle.auth_comp_id_3 
_pdbx_validate_rmsd_angle.auth_seq_id_3 
_pdbx_validate_rmsd_angle.PDB_ins_code_3 
_pdbx_validate_rmsd_angle.label_alt_id_3 
_pdbx_validate_rmsd_angle.angle_value 
_pdbx_validate_rmsd_angle.angle_target_value 
_pdbx_validate_rmsd_angle.angle_deviation 
_pdbx_validate_rmsd_angle.angle_standard_deviation 
_pdbx_validate_rmsd_angle.linker_flag 
1  1 CD  A ARG 61  ? ? NE A ARG 61  ? ? CZ  A ARG 61  ? ? 148.02 123.60 24.42  1.40 N 
2  1 NE  A ARG 61  ? ? CZ A ARG 61  ? ? NH1 A ARG 61  ? ? 124.06 120.30 3.76   0.50 N 
3  1 NE  A ARG 61  ? ? CZ A ARG 61  ? ? NH2 A ARG 61  ? ? 115.98 120.30 -4.32  0.50 N 
4  1 CA  A LYS 75  ? ? CB A LYS 75  ? ? CG  A LYS 75  ? ? 127.50 113.40 14.10  2.20 N 
5  1 CA  A LEU 92  ? ? CB A LEU 92  ? ? CG  A LEU 92  ? ? 133.51 115.30 18.21  2.30 N 
6  1 CB  A ASP 96  ? ? CG A ASP 96  ? ? OD2 A ASP 96  ? ? 109.44 118.30 -8.86  0.90 N 
7  1 O   A LEU 126 ? ? C  A LEU 126 ? ? N   A GLU 127 ? ? 112.57 122.70 -10.13 1.60 Y 
8  1 CB  A VAL 128 ? ? CA A VAL 128 ? ? C   A VAL 128 ? ? 97.03  111.40 -14.37 1.90 N 
9  1 N   A VAL 128 ? ? CA A VAL 128 ? ? CB  A VAL 128 ? ? 125.51 111.50 14.01  2.20 N 
10 1 CB  A ASP 130 ? ? CG A ASP 130 ? ? OD1 A ASP 130 ? ? 123.79 118.30 5.49   0.90 N 
11 1 CB  A ASP 130 ? ? CG A ASP 130 ? ? OD2 A ASP 130 ? ? 112.65 118.30 -5.65  0.90 N 
12 1 NE  A ARG 133 ? ? CZ A ARG 133 ? ? NH1 A ARG 133 ? ? 124.65 120.30 4.35   0.50 N 
13 1 OE1 A GLU 156 ? ? CD A GLU 156 ? ? OE2 A GLU 156 ? ? 130.63 123.30 7.33   1.20 N 
# 
loop_
_pdbx_validate_torsion.id 
_pdbx_validate_torsion.PDB_model_num 
_pdbx_validate_torsion.auth_comp_id 
_pdbx_validate_torsion.auth_asym_id 
_pdbx_validate_torsion.auth_seq_id 
_pdbx_validate_torsion.PDB_ins_code 
_pdbx_validate_torsion.label_alt_id 
_pdbx_validate_torsion.phi 
_pdbx_validate_torsion.psi 
1 1 ALA A 34  ? ? 93.06   -41.30  
2 1 ARG A 61  ? ? -65.78  91.49   
3 1 ASN A 63  ? ? 82.81   -29.62  
4 1 ASP A 64  ? ? 143.68  6.83    
5 1 THR A 76  ? ? -119.46 -166.65 
6 1 TYR A 99  ? ? 46.48   75.81   
7 1 ASP A 100 ? ? 35.55   22.47   
8 1 SER A 112 ? ? -165.71 71.16   
9 1 CYS A 158 ? ? 88.76   -0.06   
# 
loop_
_pdbx_validate_main_chain_plane.id 
_pdbx_validate_main_chain_plane.PDB_model_num 
_pdbx_validate_main_chain_plane.auth_comp_id 
_pdbx_validate_main_chain_plane.auth_asym_id 
_pdbx_validate_main_chain_plane.auth_seq_id 
_pdbx_validate_main_chain_plane.PDB_ins_code 
_pdbx_validate_main_chain_plane.label_alt_id 
_pdbx_validate_main_chain_plane.improper_torsion_angle 
1 1 THR A 49  ? ? -14.54 
2 1 ASP A 96  ? ? 10.05  
3 1 VAL A 128 ? ? -10.53 
4 1 VAL A 145 ? ? 10.09  
5 1 ILE A 149 ? ? 10.52  
# 
_pdbx_struct_special_symmetry.id              1 
_pdbx_struct_special_symmetry.PDB_model_num   1 
_pdbx_struct_special_symmetry.auth_asym_id    A 
_pdbx_struct_special_symmetry.auth_comp_id    HOH 
_pdbx_struct_special_symmetry.auth_seq_id     2045 
_pdbx_struct_special_symmetry.PDB_ins_code    ? 
_pdbx_struct_special_symmetry.label_asym_id   D 
_pdbx_struct_special_symmetry.label_comp_id   HOH 
_pdbx_struct_special_symmetry.label_seq_id    . 
# 
loop_
_chem_comp_atom.comp_id 
_chem_comp_atom.atom_id 
_chem_comp_atom.type_symbol 
_chem_comp_atom.pdbx_aromatic_flag 
_chem_comp_atom.pdbx_stereo_config 
_chem_comp_atom.pdbx_ordinal 
ALA N    N  N N 1   
ALA CA   C  N S 2   
ALA C    C  N N 3   
ALA O    O  N N 4   
ALA CB   C  N N 5   
ALA OXT  O  N N 6   
ALA H    H  N N 7   
ALA H2   H  N N 8   
ALA HA   H  N N 9   
ALA HB1  H  N N 10  
ALA HB2  H  N N 11  
ALA HB3  H  N N 12  
ALA HXT  H  N N 13  
ARG N    N  N N 14  
ARG CA   C  N S 15  
ARG C    C  N N 16  
ARG O    O  N N 17  
ARG CB   C  N N 18  
ARG CG   C  N N 19  
ARG CD   C  N N 20  
ARG NE   N  N N 21  
ARG CZ   C  N N 22  
ARG NH1  N  N N 23  
ARG NH2  N  N N 24  
ARG OXT  O  N N 25  
ARG H    H  N N 26  
ARG H2   H  N N 27  
ARG HA   H  N N 28  
ARG HB2  H  N N 29  
ARG HB3  H  N N 30  
ARG HG2  H  N N 31  
ARG HG3  H  N N 32  
ARG HD2  H  N N 33  
ARG HD3  H  N N 34  
ARG HE   H  N N 35  
ARG HH11 H  N N 36  
ARG HH12 H  N N 37  
ARG HH21 H  N N 38  
ARG HH22 H  N N 39  
ARG HXT  H  N N 40  
ASN N    N  N N 41  
ASN CA   C  N S 42  
ASN C    C  N N 43  
ASN O    O  N N 44  
ASN CB   C  N N 45  
ASN CG   C  N N 46  
ASN OD1  O  N N 47  
ASN ND2  N  N N 48  
ASN OXT  O  N N 49  
ASN H    H  N N 50  
ASN H2   H  N N 51  
ASN HA   H  N N 52  
ASN HB2  H  N N 53  
ASN HB3  H  N N 54  
ASN HD21 H  N N 55  
ASN HD22 H  N N 56  
ASN HXT  H  N N 57  
ASP N    N  N N 58  
ASP CA   C  N S 59  
ASP C    C  N N 60  
ASP O    O  N N 61  
ASP CB   C  N N 62  
ASP CG   C  N N 63  
ASP OD1  O  N N 64  
ASP OD2  O  N N 65  
ASP OXT  O  N N 66  
ASP H    H  N N 67  
ASP H2   H  N N 68  
ASP HA   H  N N 69  
ASP HB2  H  N N 70  
ASP HB3  H  N N 71  
ASP HD2  H  N N 72  
ASP HXT  H  N N 73  
CYS N    N  N N 74  
CYS CA   C  N R 75  
CYS C    C  N N 76  
CYS O    O  N N 77  
CYS CB   C  N N 78  
CYS SG   S  N N 79  
CYS OXT  O  N N 80  
CYS H    H  N N 81  
CYS H2   H  N N 82  
CYS HA   H  N N 83  
CYS HB2  H  N N 84  
CYS HB3  H  N N 85  
CYS HG   H  N N 86  
CYS HXT  H  N N 87  
GLN N    N  N N 88  
GLN CA   C  N S 89  
GLN C    C  N N 90  
GLN O    O  N N 91  
GLN CB   C  N N 92  
GLN CG   C  N N 93  
GLN CD   C  N N 94  
GLN OE1  O  N N 95  
GLN NE2  N  N N 96  
GLN OXT  O  N N 97  
GLN H    H  N N 98  
GLN H2   H  N N 99  
GLN HA   H  N N 100 
GLN HB2  H  N N 101 
GLN HB3  H  N N 102 
GLN HG2  H  N N 103 
GLN HG3  H  N N 104 
GLN HE21 H  N N 105 
GLN HE22 H  N N 106 
GLN HXT  H  N N 107 
GLU N    N  N N 108 
GLU CA   C  N S 109 
GLU C    C  N N 110 
GLU O    O  N N 111 
GLU CB   C  N N 112 
GLU CG   C  N N 113 
GLU CD   C  N N 114 
GLU OE1  O  N N 115 
GLU OE2  O  N N 116 
GLU OXT  O  N N 117 
GLU H    H  N N 118 
GLU H2   H  N N 119 
GLU HA   H  N N 120 
GLU HB2  H  N N 121 
GLU HB3  H  N N 122 
GLU HG2  H  N N 123 
GLU HG3  H  N N 124 
GLU HE2  H  N N 125 
GLU HXT  H  N N 126 
GLY N    N  N N 127 
GLY CA   C  N N 128 
GLY C    C  N N 129 
GLY O    O  N N 130 
GLY OXT  O  N N 131 
GLY H    H  N N 132 
GLY H2   H  N N 133 
GLY HA2  H  N N 134 
GLY HA3  H  N N 135 
GLY HXT  H  N N 136 
GOL C1   C  N N 137 
GOL O1   O  N N 138 
GOL C2   C  N N 139 
GOL O2   O  N N 140 
GOL C3   C  N N 141 
GOL O3   O  N N 142 
GOL H11  H  N N 143 
GOL H12  H  N N 144 
GOL HO1  H  N N 145 
GOL H2   H  N N 146 
GOL HO2  H  N N 147 
GOL H31  H  N N 148 
GOL H32  H  N N 149 
GOL HO3  H  N N 150 
HIS N    N  N N 151 
HIS CA   C  N S 152 
HIS C    C  N N 153 
HIS O    O  N N 154 
HIS CB   C  N N 155 
HIS CG   C  Y N 156 
HIS ND1  N  Y N 157 
HIS CD2  C  Y N 158 
HIS CE1  C  Y N 159 
HIS NE2  N  Y N 160 
HIS OXT  O  N N 161 
HIS H    H  N N 162 
HIS H2   H  N N 163 
HIS HA   H  N N 164 
HIS HB2  H  N N 165 
HIS HB3  H  N N 166 
HIS HD1  H  N N 167 
HIS HD2  H  N N 168 
HIS HE1  H  N N 169 
HIS HE2  H  N N 170 
HIS HXT  H  N N 171 
HOH O    O  N N 172 
HOH H1   H  N N 173 
HOH H2   H  N N 174 
ILE N    N  N N 175 
ILE CA   C  N S 176 
ILE C    C  N N 177 
ILE O    O  N N 178 
ILE CB   C  N S 179 
ILE CG1  C  N N 180 
ILE CG2  C  N N 181 
ILE CD1  C  N N 182 
ILE OXT  O  N N 183 
ILE H    H  N N 184 
ILE H2   H  N N 185 
ILE HA   H  N N 186 
ILE HB   H  N N 187 
ILE HG12 H  N N 188 
ILE HG13 H  N N 189 
ILE HG21 H  N N 190 
ILE HG22 H  N N 191 
ILE HG23 H  N N 192 
ILE HD11 H  N N 193 
ILE HD12 H  N N 194 
ILE HD13 H  N N 195 
ILE HXT  H  N N 196 
LEU N    N  N N 197 
LEU CA   C  N S 198 
LEU C    C  N N 199 
LEU O    O  N N 200 
LEU CB   C  N N 201 
LEU CG   C  N N 202 
LEU CD1  C  N N 203 
LEU CD2  C  N N 204 
LEU OXT  O  N N 205 
LEU H    H  N N 206 
LEU H2   H  N N 207 
LEU HA   H  N N 208 
LEU HB2  H  N N 209 
LEU HB3  H  N N 210 
LEU HG   H  N N 211 
LEU HD11 H  N N 212 
LEU HD12 H  N N 213 
LEU HD13 H  N N 214 
LEU HD21 H  N N 215 
LEU HD22 H  N N 216 
LEU HD23 H  N N 217 
LEU HXT  H  N N 218 
LYS N    N  N N 219 
LYS CA   C  N S 220 
LYS C    C  N N 221 
LYS O    O  N N 222 
LYS CB   C  N N 223 
LYS CG   C  N N 224 
LYS CD   C  N N 225 
LYS CE   C  N N 226 
LYS NZ   N  N N 227 
LYS OXT  O  N N 228 
LYS H    H  N N 229 
LYS H2   H  N N 230 
LYS HA   H  N N 231 
LYS HB2  H  N N 232 
LYS HB3  H  N N 233 
LYS HG2  H  N N 234 
LYS HG3  H  N N 235 
LYS HD2  H  N N 236 
LYS HD3  H  N N 237 
LYS HE2  H  N N 238 
LYS HE3  H  N N 239 
LYS HZ1  H  N N 240 
LYS HZ2  H  N N 241 
LYS HZ3  H  N N 242 
LYS HXT  H  N N 243 
MET N    N  N N 244 
MET CA   C  N S 245 
MET C    C  N N 246 
MET O    O  N N 247 
MET CB   C  N N 248 
MET CG   C  N N 249 
MET SD   S  N N 250 
MET CE   C  N N 251 
MET OXT  O  N N 252 
MET H    H  N N 253 
MET H2   H  N N 254 
MET HA   H  N N 255 
MET HB2  H  N N 256 
MET HB3  H  N N 257 
MET HG2  H  N N 258 
MET HG3  H  N N 259 
MET HE1  H  N N 260 
MET HE2  H  N N 261 
MET HE3  H  N N 262 
MET HXT  H  N N 263 
NA  NA   NA N N 264 
PHE N    N  N N 265 
PHE CA   C  N S 266 
PHE C    C  N N 267 
PHE O    O  N N 268 
PHE CB   C  N N 269 
PHE CG   C  Y N 270 
PHE CD1  C  Y N 271 
PHE CD2  C  Y N 272 
PHE CE1  C  Y N 273 
PHE CE2  C  Y N 274 
PHE CZ   C  Y N 275 
PHE OXT  O  N N 276 
PHE H    H  N N 277 
PHE H2   H  N N 278 
PHE HA   H  N N 279 
PHE HB2  H  N N 280 
PHE HB3  H  N N 281 
PHE HD1  H  N N 282 
PHE HD2  H  N N 283 
PHE HE1  H  N N 284 
PHE HE2  H  N N 285 
PHE HZ   H  N N 286 
PHE HXT  H  N N 287 
PRO N    N  N N 288 
PRO CA   C  N S 289 
PRO C    C  N N 290 
PRO O    O  N N 291 
PRO CB   C  N N 292 
PRO CG   C  N N 293 
PRO CD   C  N N 294 
PRO OXT  O  N N 295 
PRO H    H  N N 296 
PRO HA   H  N N 297 
PRO HB2  H  N N 298 
PRO HB3  H  N N 299 
PRO HG2  H  N N 300 
PRO HG3  H  N N 301 
PRO HD2  H  N N 302 
PRO HD3  H  N N 303 
PRO HXT  H  N N 304 
SER N    N  N N 305 
SER CA   C  N S 306 
SER C    C  N N 307 
SER O    O  N N 308 
SER CB   C  N N 309 
SER OG   O  N N 310 
SER OXT  O  N N 311 
SER H    H  N N 312 
SER H2   H  N N 313 
SER HA   H  N N 314 
SER HB2  H  N N 315 
SER HB3  H  N N 316 
SER HG   H  N N 317 
SER HXT  H  N N 318 
THR N    N  N N 319 
THR CA   C  N S 320 
THR C    C  N N 321 
THR O    O  N N 322 
THR CB   C  N R 323 
THR OG1  O  N N 324 
THR CG2  C  N N 325 
THR OXT  O  N N 326 
THR H    H  N N 327 
THR H2   H  N N 328 
THR HA   H  N N 329 
THR HB   H  N N 330 
THR HG1  H  N N 331 
THR HG21 H  N N 332 
THR HG22 H  N N 333 
THR HG23 H  N N 334 
THR HXT  H  N N 335 
TRP N    N  N N 336 
TRP CA   C  N S 337 
TRP C    C  N N 338 
TRP O    O  N N 339 
TRP CB   C  N N 340 
TRP CG   C  Y N 341 
TRP CD1  C  Y N 342 
TRP CD2  C  Y N 343 
TRP NE1  N  Y N 344 
TRP CE2  C  Y N 345 
TRP CE3  C  Y N 346 
TRP CZ2  C  Y N 347 
TRP CZ3  C  Y N 348 
TRP CH2  C  Y N 349 
TRP OXT  O  N N 350 
TRP H    H  N N 351 
TRP H2   H  N N 352 
TRP HA   H  N N 353 
TRP HB2  H  N N 354 
TRP HB3  H  N N 355 
TRP HD1  H  N N 356 
TRP HE1  H  N N 357 
TRP HE3  H  N N 358 
TRP HZ2  H  N N 359 
TRP HZ3  H  N N 360 
TRP HH2  H  N N 361 
TRP HXT  H  N N 362 
TYR N    N  N N 363 
TYR CA   C  N S 364 
TYR C    C  N N 365 
TYR O    O  N N 366 
TYR CB   C  N N 367 
TYR CG   C  Y N 368 
TYR CD1  C  Y N 369 
TYR CD2  C  Y N 370 
TYR CE1  C  Y N 371 
TYR CE2  C  Y N 372 
TYR CZ   C  Y N 373 
TYR OH   O  N N 374 
TYR OXT  O  N N 375 
TYR H    H  N N 376 
TYR H2   H  N N 377 
TYR HA   H  N N 378 
TYR HB2  H  N N 379 
TYR HB3  H  N N 380 
TYR HD1  H  N N 381 
TYR HD2  H  N N 382 
TYR HE1  H  N N 383 
TYR HE2  H  N N 384 
TYR HH   H  N N 385 
TYR HXT  H  N N 386 
VAL N    N  N N 387 
VAL CA   C  N S 388 
VAL C    C  N N 389 
VAL O    O  N N 390 
VAL CB   C  N N 391 
VAL CG1  C  N N 392 
VAL CG2  C  N N 393 
VAL OXT  O  N N 394 
VAL H    H  N N 395 
VAL H2   H  N N 396 
VAL HA   H  N N 397 
VAL HB   H  N N 398 
VAL HG11 H  N N 399 
VAL HG12 H  N N 400 
VAL HG13 H  N N 401 
VAL HG21 H  N N 402 
VAL HG22 H  N N 403 
VAL HG23 H  N N 404 
VAL HXT  H  N N 405 
# 
loop_
_chem_comp_bond.comp_id 
_chem_comp_bond.atom_id_1 
_chem_comp_bond.atom_id_2 
_chem_comp_bond.value_order 
_chem_comp_bond.pdbx_aromatic_flag 
_chem_comp_bond.pdbx_stereo_config 
_chem_comp_bond.pdbx_ordinal 
ALA N   CA   sing N N 1   
ALA N   H    sing N N 2   
ALA N   H2   sing N N 3   
ALA CA  C    sing N N 4   
ALA CA  CB   sing N N 5   
ALA CA  HA   sing N N 6   
ALA C   O    doub N N 7   
ALA C   OXT  sing N N 8   
ALA CB  HB1  sing N N 9   
ALA CB  HB2  sing N N 10  
ALA CB  HB3  sing N N 11  
ALA OXT HXT  sing N N 12  
ARG N   CA   sing N N 13  
ARG N   H    sing N N 14  
ARG N   H2   sing N N 15  
ARG CA  C    sing N N 16  
ARG CA  CB   sing N N 17  
ARG CA  HA   sing N N 18  
ARG C   O    doub N N 19  
ARG C   OXT  sing N N 20  
ARG CB  CG   sing N N 21  
ARG CB  HB2  sing N N 22  
ARG CB  HB3  sing N N 23  
ARG CG  CD   sing N N 24  
ARG CG  HG2  sing N N 25  
ARG CG  HG3  sing N N 26  
ARG CD  NE   sing N N 27  
ARG CD  HD2  sing N N 28  
ARG CD  HD3  sing N N 29  
ARG NE  CZ   sing N N 30  
ARG NE  HE   sing N N 31  
ARG CZ  NH1  sing N N 32  
ARG CZ  NH2  doub N N 33  
ARG NH1 HH11 sing N N 34  
ARG NH1 HH12 sing N N 35  
ARG NH2 HH21 sing N N 36  
ARG NH2 HH22 sing N N 37  
ARG OXT HXT  sing N N 38  
ASN N   CA   sing N N 39  
ASN N   H    sing N N 40  
ASN N   H2   sing N N 41  
ASN CA  C    sing N N 42  
ASN CA  CB   sing N N 43  
ASN CA  HA   sing N N 44  
ASN C   O    doub N N 45  
ASN C   OXT  sing N N 46  
ASN CB  CG   sing N N 47  
ASN CB  HB2  sing N N 48  
ASN CB  HB3  sing N N 49  
ASN CG  OD1  doub N N 50  
ASN CG  ND2  sing N N 51  
ASN ND2 HD21 sing N N 52  
ASN ND2 HD22 sing N N 53  
ASN OXT HXT  sing N N 54  
ASP N   CA   sing N N 55  
ASP N   H    sing N N 56  
ASP N   H2   sing N N 57  
ASP CA  C    sing N N 58  
ASP CA  CB   sing N N 59  
ASP CA  HA   sing N N 60  
ASP C   O    doub N N 61  
ASP C   OXT  sing N N 62  
ASP CB  CG   sing N N 63  
ASP CB  HB2  sing N N 64  
ASP CB  HB3  sing N N 65  
ASP CG  OD1  doub N N 66  
ASP CG  OD2  sing N N 67  
ASP OD2 HD2  sing N N 68  
ASP OXT HXT  sing N N 69  
CYS N   CA   sing N N 70  
CYS N   H    sing N N 71  
CYS N   H2   sing N N 72  
CYS CA  C    sing N N 73  
CYS CA  CB   sing N N 74  
CYS CA  HA   sing N N 75  
CYS C   O    doub N N 76  
CYS C   OXT  sing N N 77  
CYS CB  SG   sing N N 78  
CYS CB  HB2  sing N N 79  
CYS CB  HB3  sing N N 80  
CYS SG  HG   sing N N 81  
CYS OXT HXT  sing N N 82  
GLN N   CA   sing N N 83  
GLN N   H    sing N N 84  
GLN N   H2   sing N N 85  
GLN CA  C    sing N N 86  
GLN CA  CB   sing N N 87  
GLN CA  HA   sing N N 88  
GLN C   O    doub N N 89  
GLN C   OXT  sing N N 90  
GLN CB  CG   sing N N 91  
GLN CB  HB2  sing N N 92  
GLN CB  HB3  sing N N 93  
GLN CG  CD   sing N N 94  
GLN CG  HG2  sing N N 95  
GLN CG  HG3  sing N N 96  
GLN CD  OE1  doub N N 97  
GLN CD  NE2  sing N N 98  
GLN NE2 HE21 sing N N 99  
GLN NE2 HE22 sing N N 100 
GLN OXT HXT  sing N N 101 
GLU N   CA   sing N N 102 
GLU N   H    sing N N 103 
GLU N   H2   sing N N 104 
GLU CA  C    sing N N 105 
GLU CA  CB   sing N N 106 
GLU CA  HA   sing N N 107 
GLU C   O    doub N N 108 
GLU C   OXT  sing N N 109 
GLU CB  CG   sing N N 110 
GLU CB  HB2  sing N N 111 
GLU CB  HB3  sing N N 112 
GLU CG  CD   sing N N 113 
GLU CG  HG2  sing N N 114 
GLU CG  HG3  sing N N 115 
GLU CD  OE1  doub N N 116 
GLU CD  OE2  sing N N 117 
GLU OE2 HE2  sing N N 118 
GLU OXT HXT  sing N N 119 
GLY N   CA   sing N N 120 
GLY N   H    sing N N 121 
GLY N   H2   sing N N 122 
GLY CA  C    sing N N 123 
GLY CA  HA2  sing N N 124 
GLY CA  HA3  sing N N 125 
GLY C   O    doub N N 126 
GLY C   OXT  sing N N 127 
GLY OXT HXT  sing N N 128 
GOL C1  O1   sing N N 129 
GOL C1  C2   sing N N 130 
GOL C1  H11  sing N N 131 
GOL C1  H12  sing N N 132 
GOL O1  HO1  sing N N 133 
GOL C2  O2   sing N N 134 
GOL C2  C3   sing N N 135 
GOL C2  H2   sing N N 136 
GOL O2  HO2  sing N N 137 
GOL C3  O3   sing N N 138 
GOL C3  H31  sing N N 139 
GOL C3  H32  sing N N 140 
GOL O3  HO3  sing N N 141 
HIS N   CA   sing N N 142 
HIS N   H    sing N N 143 
HIS N   H2   sing N N 144 
HIS CA  C    sing N N 145 
HIS CA  CB   sing N N 146 
HIS CA  HA   sing N N 147 
HIS C   O    doub N N 148 
HIS C   OXT  sing N N 149 
HIS CB  CG   sing N N 150 
HIS CB  HB2  sing N N 151 
HIS CB  HB3  sing N N 152 
HIS CG  ND1  sing Y N 153 
HIS CG  CD2  doub Y N 154 
HIS ND1 CE1  doub Y N 155 
HIS ND1 HD1  sing N N 156 
HIS CD2 NE2  sing Y N 157 
HIS CD2 HD2  sing N N 158 
HIS CE1 NE2  sing Y N 159 
HIS CE1 HE1  sing N N 160 
HIS NE2 HE2  sing N N 161 
HIS OXT HXT  sing N N 162 
HOH O   H1   sing N N 163 
HOH O   H2   sing N N 164 
ILE N   CA   sing N N 165 
ILE N   H    sing N N 166 
ILE N   H2   sing N N 167 
ILE CA  C    sing N N 168 
ILE CA  CB   sing N N 169 
ILE CA  HA   sing N N 170 
ILE C   O    doub N N 171 
ILE C   OXT  sing N N 172 
ILE CB  CG1  sing N N 173 
ILE CB  CG2  sing N N 174 
ILE CB  HB   sing N N 175 
ILE CG1 CD1  sing N N 176 
ILE CG1 HG12 sing N N 177 
ILE CG1 HG13 sing N N 178 
ILE CG2 HG21 sing N N 179 
ILE CG2 HG22 sing N N 180 
ILE CG2 HG23 sing N N 181 
ILE CD1 HD11 sing N N 182 
ILE CD1 HD12 sing N N 183 
ILE CD1 HD13 sing N N 184 
ILE OXT HXT  sing N N 185 
LEU N   CA   sing N N 186 
LEU N   H    sing N N 187 
LEU N   H2   sing N N 188 
LEU CA  C    sing N N 189 
LEU CA  CB   sing N N 190 
LEU CA  HA   sing N N 191 
LEU C   O    doub N N 192 
LEU C   OXT  sing N N 193 
LEU CB  CG   sing N N 194 
LEU CB  HB2  sing N N 195 
LEU CB  HB3  sing N N 196 
LEU CG  CD1  sing N N 197 
LEU CG  CD2  sing N N 198 
LEU CG  HG   sing N N 199 
LEU CD1 HD11 sing N N 200 
LEU CD1 HD12 sing N N 201 
LEU CD1 HD13 sing N N 202 
LEU CD2 HD21 sing N N 203 
LEU CD2 HD22 sing N N 204 
LEU CD2 HD23 sing N N 205 
LEU OXT HXT  sing N N 206 
LYS N   CA   sing N N 207 
LYS N   H    sing N N 208 
LYS N   H2   sing N N 209 
LYS CA  C    sing N N 210 
LYS CA  CB   sing N N 211 
LYS CA  HA   sing N N 212 
LYS C   O    doub N N 213 
LYS C   OXT  sing N N 214 
LYS CB  CG   sing N N 215 
LYS CB  HB2  sing N N 216 
LYS CB  HB3  sing N N 217 
LYS CG  CD   sing N N 218 
LYS CG  HG2  sing N N 219 
LYS CG  HG3  sing N N 220 
LYS CD  CE   sing N N 221 
LYS CD  HD2  sing N N 222 
LYS CD  HD3  sing N N 223 
LYS CE  NZ   sing N N 224 
LYS CE  HE2  sing N N 225 
LYS CE  HE3  sing N N 226 
LYS NZ  HZ1  sing N N 227 
LYS NZ  HZ2  sing N N 228 
LYS NZ  HZ3  sing N N 229 
LYS OXT HXT  sing N N 230 
MET N   CA   sing N N 231 
MET N   H    sing N N 232 
MET N   H2   sing N N 233 
MET CA  C    sing N N 234 
MET CA  CB   sing N N 235 
MET CA  HA   sing N N 236 
MET C   O    doub N N 237 
MET C   OXT  sing N N 238 
MET CB  CG   sing N N 239 
MET CB  HB2  sing N N 240 
MET CB  HB3  sing N N 241 
MET CG  SD   sing N N 242 
MET CG  HG2  sing N N 243 
MET CG  HG3  sing N N 244 
MET SD  CE   sing N N 245 
MET CE  HE1  sing N N 246 
MET CE  HE2  sing N N 247 
MET CE  HE3  sing N N 248 
MET OXT HXT  sing N N 249 
PHE N   CA   sing N N 250 
PHE N   H    sing N N 251 
PHE N   H2   sing N N 252 
PHE CA  C    sing N N 253 
PHE CA  CB   sing N N 254 
PHE CA  HA   sing N N 255 
PHE C   O    doub N N 256 
PHE C   OXT  sing N N 257 
PHE CB  CG   sing N N 258 
PHE CB  HB2  sing N N 259 
PHE CB  HB3  sing N N 260 
PHE CG  CD1  doub Y N 261 
PHE CG  CD2  sing Y N 262 
PHE CD1 CE1  sing Y N 263 
PHE CD1 HD1  sing N N 264 
PHE CD2 CE2  doub Y N 265 
PHE CD2 HD2  sing N N 266 
PHE CE1 CZ   doub Y N 267 
PHE CE1 HE1  sing N N 268 
PHE CE2 CZ   sing Y N 269 
PHE CE2 HE2  sing N N 270 
PHE CZ  HZ   sing N N 271 
PHE OXT HXT  sing N N 272 
PRO N   CA   sing N N 273 
PRO N   CD   sing N N 274 
PRO N   H    sing N N 275 
PRO CA  C    sing N N 276 
PRO CA  CB   sing N N 277 
PRO CA  HA   sing N N 278 
PRO C   O    doub N N 279 
PRO C   OXT  sing N N 280 
PRO CB  CG   sing N N 281 
PRO CB  HB2  sing N N 282 
PRO CB  HB3  sing N N 283 
PRO CG  CD   sing N N 284 
PRO CG  HG2  sing N N 285 
PRO CG  HG3  sing N N 286 
PRO CD  HD2  sing N N 287 
PRO CD  HD3  sing N N 288 
PRO OXT HXT  sing N N 289 
SER N   CA   sing N N 290 
SER N   H    sing N N 291 
SER N   H2   sing N N 292 
SER CA  C    sing N N 293 
SER CA  CB   sing N N 294 
SER CA  HA   sing N N 295 
SER C   O    doub N N 296 
SER C   OXT  sing N N 297 
SER CB  OG   sing N N 298 
SER CB  HB2  sing N N 299 
SER CB  HB3  sing N N 300 
SER OG  HG   sing N N 301 
SER OXT HXT  sing N N 302 
THR N   CA   sing N N 303 
THR N   H    sing N N 304 
THR N   H2   sing N N 305 
THR CA  C    sing N N 306 
THR CA  CB   sing N N 307 
THR CA  HA   sing N N 308 
THR C   O    doub N N 309 
THR C   OXT  sing N N 310 
THR CB  OG1  sing N N 311 
THR CB  CG2  sing N N 312 
THR CB  HB   sing N N 313 
THR OG1 HG1  sing N N 314 
THR CG2 HG21 sing N N 315 
THR CG2 HG22 sing N N 316 
THR CG2 HG23 sing N N 317 
THR OXT HXT  sing N N 318 
TRP N   CA   sing N N 319 
TRP N   H    sing N N 320 
TRP N   H2   sing N N 321 
TRP CA  C    sing N N 322 
TRP CA  CB   sing N N 323 
TRP CA  HA   sing N N 324 
TRP C   O    doub N N 325 
TRP C   OXT  sing N N 326 
TRP CB  CG   sing N N 327 
TRP CB  HB2  sing N N 328 
TRP CB  HB3  sing N N 329 
TRP CG  CD1  doub Y N 330 
TRP CG  CD2  sing Y N 331 
TRP CD1 NE1  sing Y N 332 
TRP CD1 HD1  sing N N 333 
TRP CD2 CE2  doub Y N 334 
TRP CD2 CE3  sing Y N 335 
TRP NE1 CE2  sing Y N 336 
TRP NE1 HE1  sing N N 337 
TRP CE2 CZ2  sing Y N 338 
TRP CE3 CZ3  doub Y N 339 
TRP CE3 HE3  sing N N 340 
TRP CZ2 CH2  doub Y N 341 
TRP CZ2 HZ2  sing N N 342 
TRP CZ3 CH2  sing Y N 343 
TRP CZ3 HZ3  sing N N 344 
TRP CH2 HH2  sing N N 345 
TRP OXT HXT  sing N N 346 
TYR N   CA   sing N N 347 
TYR N   H    sing N N 348 
TYR N   H2   sing N N 349 
TYR CA  C    sing N N 350 
TYR CA  CB   sing N N 351 
TYR CA  HA   sing N N 352 
TYR C   O    doub N N 353 
TYR C   OXT  sing N N 354 
TYR CB  CG   sing N N 355 
TYR CB  HB2  sing N N 356 
TYR CB  HB3  sing N N 357 
TYR CG  CD1  doub Y N 358 
TYR CG  CD2  sing Y N 359 
TYR CD1 CE1  sing Y N 360 
TYR CD1 HD1  sing N N 361 
TYR CD2 CE2  doub Y N 362 
TYR CD2 HD2  sing N N 363 
TYR CE1 CZ   doub Y N 364 
TYR CE1 HE1  sing N N 365 
TYR CE2 CZ   sing Y N 366 
TYR CE2 HE2  sing N N 367 
TYR CZ  OH   sing N N 368 
TYR OH  HH   sing N N 369 
TYR OXT HXT  sing N N 370 
VAL N   CA   sing N N 371 
VAL N   H    sing N N 372 
VAL N   H2   sing N N 373 
VAL CA  C    sing N N 374 
VAL CA  CB   sing N N 375 
VAL CA  HA   sing N N 376 
VAL C   O    doub N N 377 
VAL C   OXT  sing N N 378 
VAL CB  CG1  sing N N 379 
VAL CB  CG2  sing N N 380 
VAL CB  HB   sing N N 381 
VAL CG1 HG11 sing N N 382 
VAL CG1 HG12 sing N N 383 
VAL CG1 HG13 sing N N 384 
VAL CG2 HG21 sing N N 385 
VAL CG2 HG22 sing N N 386 
VAL CG2 HG23 sing N N 387 
VAL OXT HXT  sing N N 388 
# 
_atom_sites.entry_id                    1EXS 
_atom_sites.fract_transf_matrix[1][1]   -0.00518283 
_atom_sites.fract_transf_matrix[1][2]   0.01096583 
_atom_sites.fract_transf_matrix[1][3]   -0.00762275 
_atom_sites.fract_transf_matrix[2][1]   -0.01356768 
_atom_sites.fract_transf_matrix[2][2]   0.00421633 
_atom_sites.fract_transf_matrix[2][3]   0.00182932 
_atom_sites.fract_transf_matrix[3][1]   0.00374091 
_atom_sites.fract_transf_matrix[3][2]   0.00809126 
_atom_sites.fract_transf_matrix[3][3]   0.00909631 
_atom_sites.fract_transf_vector[1]      0.511822 
_atom_sites.fract_transf_vector[2]      0.168933 
_atom_sites.fract_transf_vector[3]      0.071212 
# 
loop_
_atom_type.symbol 
C  
N  
NA 
O  
S  
# 
loop_
_atom_site.group_PDB 
_atom_site.id 
_atom_site.type_symbol 
_atom_site.label_atom_id 
_atom_site.label_alt_id 
_atom_site.label_comp_id 
_atom_site.label_asym_id 
_atom_site.label_entity_id 
_atom_site.label_seq_id 
_atom_site.pdbx_PDB_ins_code 
_atom_site.Cartn_x 
_atom_site.Cartn_y 
_atom_site.Cartn_z 
_atom_site.occupancy 
_atom_site.B_iso_or_equiv 
_atom_site.pdbx_formal_charge 
_atom_site.auth_seq_id 
_atom_site.auth_comp_id 
_atom_site.auth_asym_id 
_atom_site.auth_atom_id 
_atom_site.pdbx_PDB_model_num 
ATOM   1    N  N   . VAL A 1 1   ? 19.274  -4.393  -14.291 1.00 77.84  ? 1    VAL A N   1 
ATOM   2    C  CA  . VAL A 1 1   ? 18.840  -4.247  -12.873 1.00 78.45  ? 1    VAL A CA  1 
ATOM   3    C  C   . VAL A 1 1   ? 19.457  -2.963  -12.309 1.00 76.69  ? 1    VAL A C   1 
ATOM   4    O  O   . VAL A 1 1   ? 19.984  -2.872  -11.196 1.00 77.77  ? 1    VAL A O   1 
ATOM   5    C  CB  . VAL A 1 1   ? 19.196  -5.417  -11.941 1.00 80.53  ? 1    VAL A CB  1 
ATOM   6    C  CG1 . VAL A 1 1   ? 17.936  -5.898  -11.210 1.00 80.90  ? 1    VAL A CG1 1 
ATOM   7    C  CG2 . VAL A 1 1   ? 19.918  -6.562  -12.642 1.00 81.10  ? 1    VAL A CG2 1 
ATOM   8    N  N   . GLU A 1 2   ? 19.304  -1.898  -13.090 1.00 72.48  ? 2    GLU A N   1 
ATOM   9    C  CA  . GLU A 1 2   ? 19.768  -0.576  -12.758 1.00 68.99  ? 2    GLU A CA  1 
ATOM   10   C  C   . GLU A 1 2   ? 19.007  0.153   -11.651 1.00 63.73  ? 2    GLU A C   1 
ATOM   11   O  O   . GLU A 1 2   ? 19.331  1.324   -11.443 1.00 62.14  ? 2    GLU A O   1 
ATOM   12   C  CB  . GLU A 1 2   ? 19.789  0.272   -14.042 1.00 71.22  ? 2    GLU A CB  1 
ATOM   13   C  CG  . GLU A 1 2   ? 18.431  0.713   -14.566 1.00 73.99  ? 2    GLU A CG  1 
ATOM   14   C  CD  . GLU A 1 2   ? 18.564  2.084   -15.210 1.00 76.22  ? 2    GLU A CD  1 
ATOM   15   O  OE1 . GLU A 1 2   ? 19.440  2.215   -16.096 1.00 77.20  ? 2    GLU A OE1 1 
ATOM   16   O  OE2 . GLU A 1 2   ? 17.815  3.005   -14.817 1.00 77.59  ? 2    GLU A OE2 1 
ATOM   17   N  N   . VAL A 1 3   ? 18.076  -0.446  -10.934 1.00 58.54  ? 3    VAL A N   1 
ATOM   18   C  CA  . VAL A 1 3   ? 17.343  0.238   -9.882  1.00 55.78  ? 3    VAL A CA  1 
ATOM   19   C  C   . VAL A 1 3   ? 17.147  -0.672  -8.677  1.00 54.48  ? 3    VAL A C   1 
ATOM   20   O  O   . VAL A 1 3   ? 16.774  -1.831  -8.853  1.00 54.48  ? 3    VAL A O   1 
ATOM   21   C  CB  . VAL A 1 3   ? 16.027  0.808   -10.457 1.00 55.08  ? 3    VAL A CB  1 
ATOM   22   C  CG1 . VAL A 1 3   ? 14.741  0.194   -9.914  1.00 54.70  ? 3    VAL A CG1 1 
ATOM   23   C  CG2 . VAL A 1 3   ? 15.992  2.325   -10.401 1.00 51.59  ? 3    VAL A CG2 1 
ATOM   24   N  N   . THR A 1 4   ? 17.445  -0.181  -7.462  1.00 50.53  ? 4    THR A N   1 
ATOM   25   C  CA  . THR A 1 4   ? 17.204  -0.910  -6.244  1.00 46.76  ? 4    THR A CA  1 
ATOM   26   C  C   . THR A 1 4   ? 16.596  -0.048  -5.114  1.00 41.85  ? 4    THR A C   1 
ATOM   27   O  O   . THR A 1 4   ? 16.817  1.160   -5.022  1.00 40.71  ? 4    THR A O   1 
ATOM   28   C  CB  . THR A 1 4   ? 18.400  -1.550  -5.496  1.00 49.29  ? 4    THR A CB  1 
ATOM   29   O  OG1 . THR A 1 4   ? 19.625  -0.809  -5.537  1.00 49.38  ? 4    THR A OG1 1 
ATOM   30   C  CG2 . THR A 1 4   ? 18.462  -2.981  -5.947  1.00 49.82  ? 4    THR A CG2 1 
ATOM   31   N  N   . PRO A 1 5   ? 15.880  -0.726  -4.242  1.00 38.44  ? 5    PRO A N   1 
ATOM   32   C  CA  . PRO A 1 5   ? 15.245  -0.097  -3.098  1.00 37.15  ? 5    PRO A CA  1 
ATOM   33   C  C   . PRO A 1 5   ? 16.317  0.313   -2.092  1.00 36.47  ? 5    PRO A C   1 
ATOM   34   O  O   . PRO A 1 5   ? 17.202  -0.421  -1.688  1.00 34.64  ? 5    PRO A O   1 
ATOM   35   C  CB  . PRO A 1 5   ? 14.310  -1.134  -2.508  1.00 37.19  ? 5    PRO A CB  1 
ATOM   36   C  CG  . PRO A 1 5   ? 14.310  -2.302  -3.434  1.00 36.96  ? 5    PRO A CG  1 
ATOM   37   C  CD  . PRO A 1 5   ? 15.552  -2.180  -4.277  1.00 38.64  ? 5    PRO A CD  1 
ATOM   38   N  N   . ILE A 1 6   ? 16.296  1.587   -1.750  1.00 36.26  ? 6    ILE A N   1 
ATOM   39   C  CA  . ILE A 1 6   ? 17.119  2.161   -0.695  1.00 36.37  ? 6    ILE A CA  1 
ATOM   40   C  C   . ILE A 1 6   ? 16.190  2.974   0.175   1.00 35.37  ? 6    ILE A C   1 
ATOM   41   O  O   . ILE A 1 6   ? 15.116  3.331   -0.371  1.00 36.98  ? 6    ILE A O   1 
ATOM   42   C  CB  . ILE A 1 6   ? 18.169  3.084   -1.349  1.00 37.75  ? 6    ILE A CB  1 
ATOM   43   C  CG1 . ILE A 1 6   ? 19.229  3.475   -0.328  1.00 37.13  ? 6    ILE A CG1 1 
ATOM   44   C  CG2 . ILE A 1 6   ? 17.480  4.326   -1.917  1.00 38.62  ? 6    ILE A CG2 1 
ATOM   45   C  CD1 . ILE A 1 6   ? 20.380  4.204   -0.985  1.00 39.28  ? 6    ILE A CD1 1 
ATOM   46   N  N   . MET A 1 7   ? 16.606  3.442   1.330   1.00 32.26  ? 7    MET A N   1 
ATOM   47   C  CA  . MET A 1 7   ? 15.822  4.402   2.067   1.00 31.20  ? 7    MET A CA  1 
ATOM   48   C  C   . MET A 1 7   ? 16.313  5.800   1.716   1.00 33.26  ? 7    MET A C   1 
ATOM   49   O  O   . MET A 1 7   ? 17.479  5.990   1.395   1.00 30.45  ? 7    MET A O   1 
ATOM   50   C  CB  . MET A 1 7   ? 15.939  4.175   3.571   1.00 34.15  ? 7    MET A CB  1 
ATOM   51   C  CG  . MET A 1 7   ? 15.186  2.896   3.996   1.00 34.70  ? 7    MET A CG  1 
ATOM   52   S  SD  . MET A 1 7   ? 16.166  2.060   5.216   1.00 36.47  ? 7    MET A SD  1 
ATOM   53   C  CE  . MET A 1 7   ? 15.286  0.514   5.430   1.00 33.78  ? 7    MET A CE  1 
ATOM   54   N  N   . THR A 1 8   ? 15.407  6.772   1.549   1.00 33.57  ? 8    THR A N   1 
ATOM   55   C  CA  . THR A 1 8   ? 15.861  8.099   1.235   1.00 36.54  ? 8    THR A CA  1 
ATOM   56   C  C   . THR A 1 8   ? 15.037  9.093   2.074   1.00 36.01  ? 8    THR A C   1 
ATOM   57   O  O   . THR A 1 8   ? 13.931  8.769   2.431   1.00 35.27  ? 8    THR A O   1 
ATOM   58   C  CB  . THR A 1 8   ? 15.827  8.477   -0.243  1.00 36.45  ? 8    THR A CB  1 
ATOM   59   O  OG1 . THR A 1 8   ? 14.467  8.695   -0.577  1.00 39.61  ? 8    THR A OG1 1 
ATOM   60   C  CG2 . THR A 1 8   ? 16.234  7.406   -1.227  1.00 39.00  ? 8    THR A CG2 1 
ATOM   61   N  N   . GLU A 1 9   ? 15.616  10.240  2.363   1.00 35.57  ? 9    GLU A N   1 
ATOM   62   C  CA  . GLU A 1 9   ? 14.954  11.341  3.054   1.00 36.52  ? 9    GLU A CA  1 
ATOM   63   C  C   . GLU A 1 9   ? 14.159  12.029  1.941   1.00 38.15  ? 9    GLU A C   1 
ATOM   64   O  O   . GLU A 1 9   ? 14.700  12.498  0.943   1.00 39.36  ? 9    GLU A O   1 
ATOM   65   C  CB  . GLU A 1 9   ? 15.909  12.337  3.708   1.00 34.88  ? 9    GLU A CB  1 
ATOM   66   C  CG  . GLU A 1 9   ? 16.826  11.704  4.753   1.00 35.88  ? 9    GLU A CG  1 
ATOM   67   C  CD  . GLU A 1 9   ? 16.058  11.239  5.988   1.00 38.58  ? 9    GLU A CD  1 
ATOM   68   O  OE1 . GLU A 1 9   ? 14.818  11.460  5.999   1.00 37.26  ? 9    GLU A OE1 1 
ATOM   69   O  OE2 . GLU A 1 9   ? 16.653  10.696  6.954   1.00 38.61  ? 9    GLU A OE2 1 
ATOM   70   N  N   . LEU A 1 10  ? 12.848  11.980  2.058   1.00 38.73  ? 10   LEU A N   1 
ATOM   71   C  CA  . LEU A 1 10  ? 12.034  12.528  0.970   1.00 39.08  ? 10   LEU A CA  1 
ATOM   72   C  C   . LEU A 1 10  ? 11.181  13.660  1.511   1.00 39.21  ? 10   LEU A C   1 
ATOM   73   O  O   . LEU A 1 10  ? 10.728  13.715  2.661   1.00 37.46  ? 10   LEU A O   1 
ATOM   74   C  CB  . LEU A 1 10  ? 11.188  11.381  0.388   1.00 39.70  ? 10   LEU A CB  1 
ATOM   75   C  CG  . LEU A 1 10  ? 10.212  11.636  -0.730  1.00 41.66  ? 10   LEU A CG  1 
ATOM   76   C  CD1 . LEU A 1 10  ? 11.007  11.837  -2.031  1.00 43.28  ? 10   LEU A CD1 1 
ATOM   77   C  CD2 . LEU A 1 10  ? 9.169   10.537  -0.953  1.00 41.50  ? 10   LEU A CD2 1 
ATOM   78   N  N   . ASP A 1 11  ? 11.052  14.617  0.632   1.00 41.76  ? 11   ASP A N   1 
ATOM   79   C  CA  . ASP A 1 11  ? 10.168  15.762  0.769   1.00 44.72  ? 11   ASP A CA  1 
ATOM   80   C  C   . ASP A 1 11  ? 8.778   15.250  1.151   1.00 43.87  ? 11   ASP A C   1 
ATOM   81   O  O   . ASP A 1 11  ? 8.078   14.576  0.402   1.00 42.58  ? 11   ASP A O   1 
ATOM   82   C  CB  . ASP A 1 11  ? 10.111  16.400  -0.628  1.00 47.34  ? 11   ASP A CB  1 
ATOM   83   C  CG  . ASP A 1 11  ? 9.321   17.691  -0.676  1.00 52.28  ? 11   ASP A CG  1 
ATOM   84   O  OD1 . ASP A 1 11  ? 8.717   18.158  0.326   1.00 51.55  ? 11   ASP A OD1 1 
ATOM   85   O  OD2 . ASP A 1 11  ? 9.290   18.241  -1.815  1.00 55.85  ? 11   ASP A OD2 1 
ATOM   86   N  N   . THR A 1 12  ? 8.331   15.575  2.333   1.00 45.50  ? 12   THR A N   1 
ATOM   87   C  CA  . THR A 1 12  ? 7.049   15.238  2.921   1.00 48.27  ? 12   THR A CA  1 
ATOM   88   C  C   . THR A 1 12  ? 5.870   15.439  1.981   1.00 49.25  ? 12   THR A C   1 
ATOM   89   O  O   . THR A 1 12  ? 4.935   14.637  1.962   1.00 47.80  ? 12   THR A O   1 
ATOM   90   C  CB  . THR A 1 12  ? 6.874   16.088  4.207   1.00 48.35  ? 12   THR A CB  1 
ATOM   91   O  OG1 . THR A 1 12  ? 7.552   15.403  5.285   1.00 48.87  ? 12   THR A OG1 1 
ATOM   92   C  CG2 . THR A 1 12  ? 5.420   16.240  4.546   1.00 49.20  ? 12   THR A CG2 1 
ATOM   93   N  N   . GLN A 1 13  ? 5.912   16.436  1.110   1.00 49.99  ? 13   GLN A N   1 
ATOM   94   C  CA  . GLN A 1 13  ? 4.830   16.765  0.202   1.00 51.17  ? 13   GLN A CA  1 
ATOM   95   C  C   . GLN A 1 13  ? 4.768   15.864  -1.009  1.00 48.80  ? 13   GLN A C   1 
ATOM   96   O  O   . GLN A 1 13  ? 3.754   15.762  -1.710  1.00 47.60  ? 13   GLN A O   1 
ATOM   97   C  CB  . GLN A 1 13  ? 4.914   18.272  -0.146  1.00 54.11  ? 13   GLN A CB  1 
ATOM   98   C  CG  . GLN A 1 13  ? 4.934   19.163  1.088   1.00 58.29  ? 13   GLN A CG  1 
ATOM   99   C  CD  . GLN A 1 13  ? 3.709   19.083  1.986   1.00 61.31  ? 13   GLN A CD  1 
ATOM   100  O  OE1 . GLN A 1 13  ? 3.743   18.741  3.180   1.00 60.84  ? 13   GLN A OE1 1 
ATOM   101  N  NE2 . GLN A 1 13  ? 2.539   19.414  1.413   1.00 62.41  ? 13   GLN A NE2 1 
ATOM   102  N  N   . LYS A 1 14  ? 5.752   15.001  -1.187  1.00 48.41  ? 14   LYS A N   1 
ATOM   103  C  CA  . LYS A 1 14  ? 5.685   13.962  -2.211  1.00 46.56  ? 14   LYS A CA  1 
ATOM   104  C  C   . LYS A 1 14  ? 4.811   12.833  -1.691  1.00 43.55  ? 14   LYS A C   1 
ATOM   105  O  O   . LYS A 1 14  ? 4.302   12.074  -2.504  1.00 43.45  ? 14   LYS A O   1 
ATOM   106  C  CB  . LYS A 1 14  ? 7.083   13.478  -2.560  1.00 50.18  ? 14   LYS A CB  1 
ATOM   107  C  CG  . LYS A 1 14  ? 7.890   14.637  -3.152  1.00 54.52  ? 14   LYS A CG  1 
ATOM   108  C  CD  . LYS A 1 14  ? 7.531   14.797  -4.616  1.00 58.39  ? 14   LYS A CD  1 
ATOM   109  C  CE  . LYS A 1 14  ? 8.225   16.000  -5.242  1.00 61.92  ? 14   LYS A CE  1 
ATOM   110  N  NZ  . LYS A 1 14  ? 7.676   16.335  -6.596  1.00 63.33  ? 14   LYS A NZ  1 
ATOM   111  N  N   . VAL A 1 15  ? 4.676   12.733  -0.377  1.00 38.97  ? 15   VAL A N   1 
ATOM   112  C  CA  . VAL A 1 15  ? 3.883   11.747  0.288   1.00 37.26  ? 15   VAL A CA  1 
ATOM   113  C  C   . VAL A 1 15  ? 2.525   12.323  0.724   1.00 36.28  ? 15   VAL A C   1 
ATOM   114  O  O   . VAL A 1 15  ? 1.545   11.592  0.594   1.00 36.80  ? 15   VAL A O   1 
ATOM   115  C  CB  . VAL A 1 15  ? 4.527   11.177  1.581   1.00 36.98  ? 15   VAL A CB  1 
ATOM   116  C  CG1 . VAL A 1 15  ? 3.637   10.103  2.187   1.00 35.32  ? 15   VAL A CG1 1 
ATOM   117  C  CG2 . VAL A 1 15  ? 5.917   10.592  1.375   1.00 37.95  ? 15   VAL A CG2 1 
ATOM   118  N  N   . ALA A 1 16  ? 2.416   13.535  1.259   1.00 32.45  ? 16   ALA A N   1 
ATOM   119  C  CA  . ALA A 1 16  ? 1.174   14.002  1.823   1.00 31.61  ? 16   ALA A CA  1 
ATOM   120  C  C   . ALA A 1 16  ? 0.041   14.179  0.800   1.00 29.66  ? 16   ALA A C   1 
ATOM   121  O  O   . ALA A 1 16  ? 0.312   14.483  -0.358  1.00 29.43  ? 16   ALA A O   1 
ATOM   122  C  CB  . ALA A 1 16  ? 1.329   15.361  2.532   1.00 26.03  ? 16   ALA A CB  1 
ATOM   123  N  N   . GLY A 1 17  ? -1.181  14.150  1.315   1.00 27.42  ? 17   GLY A N   1 
ATOM   124  C  CA  . GLY A 1 17  ? -2.342  14.541  0.516   1.00 27.15  ? 17   GLY A CA  1 
ATOM   125  C  C   . GLY A 1 17  ? -3.256  13.369  0.090   1.00 26.22  ? 17   GLY A C   1 
ATOM   126  O  O   . GLY A 1 17  ? -3.330  12.287  0.651   1.00 24.36  ? 17   GLY A O   1 
ATOM   127  N  N   . THR A 1 18  ? -3.971  13.616  -0.977  1.00 26.73  ? 18   THR A N   1 
ATOM   128  C  CA  . THR A 1 18  ? -4.949  12.703  -1.533  1.00 28.98  ? 18   THR A CA  1 
ATOM   129  C  C   . THR A 1 18  ? -4.296  11.726  -2.510  1.00 28.25  ? 18   THR A C   1 
ATOM   130  O  O   . THR A 1 18  ? -3.441  12.083  -3.305  1.00 28.13  ? 18   THR A O   1 
ATOM   131  C  CB  . THR A 1 18  ? -6.037  13.533  -2.253  1.00 29.76  ? 18   THR A CB  1 
ATOM   132  O  OG1 . THR A 1 18  ? -6.665  14.195  -1.130  1.00 31.76  ? 18   THR A OG1 1 
ATOM   133  C  CG2 . THR A 1 18  ? -7.057  12.650  -2.965  1.00 28.22  ? 18   THR A CG2 1 
ATOM   134  N  N   . TRP A 1 19  ? -4.664  10.486  -2.361  1.00 28.07  ? 19   TRP A N   1 
ATOM   135  C  CA  . TRP A 1 19  ? -4.185  9.376   -3.183  1.00 29.96  ? 19   TRP A CA  1 
ATOM   136  C  C   . TRP A 1 19  ? -5.389  8.456   -3.416  1.00 30.30  ? 19   TRP A C   1 
ATOM   137  O  O   . TRP A 1 19  ? -6.478  8.644   -2.841  1.00 29.68  ? 19   TRP A O   1 
ATOM   138  C  CB  . TRP A 1 19  ? -3.103  8.562   -2.477  1.00 29.59  ? 19   TRP A CB  1 
ATOM   139  C  CG  . TRP A 1 19  ? -1.800  9.282   -2.294  1.00 28.09  ? 19   TRP A CG  1 
ATOM   140  C  CD1 . TRP A 1 19  ? -1.377  9.912   -1.184  1.00 27.99  ? 19   TRP A CD1 1 
ATOM   141  C  CD2 . TRP A 1 19  ? -0.762  9.449   -3.270  1.00 27.30  ? 19   TRP A CD2 1 
ATOM   142  N  NE1 . TRP A 1 19  ? -0.133  10.450  -1.392  1.00 28.57  ? 19   TRP A NE1 1 
ATOM   143  C  CE2 . TRP A 1 19  ? 0.263   10.189  -2.678  1.00 27.92  ? 19   TRP A CE2 1 
ATOM   144  C  CE3 . TRP A 1 19  ? -0.584  8.996   -4.578  1.00 26.91  ? 19   TRP A CE3 1 
ATOM   145  C  CZ2 . TRP A 1 19  ? 1.461   10.508  -3.333  1.00 27.17  ? 19   TRP A CZ2 1 
ATOM   146  C  CZ3 . TRP A 1 19  ? 0.549   9.333   -5.270  1.00 27.75  ? 19   TRP A CZ3 1 
ATOM   147  C  CH2 . TRP A 1 19  ? 1.587   10.063  -4.626  1.00 27.87  ? 19   TRP A CH2 1 
ATOM   148  N  N   . HIS A 1 20  ? -5.269  7.641   -4.461  1.00 29.45  ? 20   HIS A N   1 
ATOM   149  C  CA  . HIS A 1 20  ? -6.298  6.692   -4.850  1.00 28.95  ? 20   HIS A CA  1 
ATOM   150  C  C   . HIS A 1 20  ? -5.590  5.359   -5.158  1.00 27.73  ? 20   HIS A C   1 
ATOM   151  O  O   . HIS A 1 20  ? -4.567  5.332   -5.849  1.00 24.27  ? 20   HIS A O   1 
ATOM   152  C  CB  . HIS A 1 20  ? -7.087  7.097   -6.097  1.00 30.23  ? 20   HIS A CB  1 
ATOM   153  C  CG  . HIS A 1 20  ? -7.565  8.508   -6.178  1.00 34.92  ? 20   HIS A CG  1 
ATOM   154  N  ND1 . HIS A 1 20  ? -8.857  8.945   -6.024  1.00 35.17  ? 20   HIS A ND1 1 
ATOM   155  C  CD2 . HIS A 1 20  ? -6.840  9.661   -6.344  1.00 36.07  ? 20   HIS A CD2 1 
ATOM   156  C  CE1 . HIS A 1 20  ? -8.918  10.248  -6.143  1.00 35.61  ? 20   HIS A CE1 1 
ATOM   157  N  NE2 . HIS A 1 20  ? -7.700  10.720  -6.377  1.00 36.53  ? 20   HIS A NE2 1 
ATOM   158  N  N   . THR A 1 21  ? -6.198  4.286   -4.675  1.00 27.03  ? 21   THR A N   1 
ATOM   159  C  CA  . THR A 1 21  ? -5.660  2.948   -4.951  1.00 29.20  ? 21   THR A CA  1 
ATOM   160  C  C   . THR A 1 21  ? -6.066  2.559   -6.372  1.00 29.48  ? 21   THR A C   1 
ATOM   161  O  O   . THR A 1 21  ? -7.275  2.450   -6.622  1.00 29.58  ? 21   THR A O   1 
ATOM   162  C  CB  . THR A 1 21  ? -6.343  1.930   -4.001  1.00 30.09  ? 21   THR A CB  1 
ATOM   163  O  OG1 . THR A 1 21  ? -6.036  2.352   -2.668  1.00 28.95  ? 21   THR A OG1 1 
ATOM   164  C  CG2 . THR A 1 21  ? -5.875  0.525   -4.299  1.00 30.03  ? 21   THR A CG2 1 
ATOM   165  N  N   . VAL A 1 22  ? -5.135  2.457   -7.297  1.00 29.64  ? 22   VAL A N   1 
ATOM   166  C  CA  . VAL A 1 22  ? -5.443  2.112   -8.673  1.00 29.11  ? 22   VAL A CA  1 
ATOM   167  C  C   . VAL A 1 22  ? -5.083  0.681   -9.055  1.00 30.40  ? 22   VAL A C   1 
ATOM   168  O  O   . VAL A 1 22  ? -5.601  0.201   -10.100 1.00 30.53  ? 22   VAL A O   1 
ATOM   169  C  CB  . VAL A 1 22  ? -4.859  3.108   -9.675  1.00 28.00  ? 22   VAL A CB  1 
ATOM   170  C  CG1 . VAL A 1 22  ? -5.408  4.505   -9.343  1.00 25.04  ? 22   VAL A CG1 1 
ATOM   171  C  CG2 . VAL A 1 22  ? -3.347  3.089   -9.719  1.00 26.89  ? 22   VAL A CG2 1 
ATOM   172  N  N   . ALA A 1 23  ? -4.434  -0.059  -8.144  1.00 28.58  ? 23   ALA A N   1 
ATOM   173  C  CA  . ALA A 1 23  ? -4.164  -1.480  -8.408  1.00 28.18  ? 23   ALA A CA  1 
ATOM   174  C  C   . ALA A 1 23  ? -3.658  -2.135  -7.124  1.00 30.12  ? 23   ALA A C   1 
ATOM   175  O  O   . ALA A 1 23  ? -3.214  -1.461  -6.177  1.00 30.16  ? 23   ALA A O   1 
ATOM   176  C  CB  . ALA A 1 23  ? -3.203  -1.757  -9.537  1.00 26.50  ? 23   ALA A CB  1 
ATOM   177  N  N   . MET A 1 24  ? -3.897  -3.435  -7.000  1.00 29.08  ? 24   MET A N   1 
ATOM   178  C  CA  . MET A 1 24  ? -3.483  -4.237  -5.882  1.00 29.39  ? 24   MET A CA  1 
ATOM   179  C  C   . MET A 1 24  ? -2.769  -5.515  -6.331  1.00 31.50  ? 24   MET A C   1 
ATOM   180  O  O   . MET A 1 24  ? -2.985  -6.081  -7.405  1.00 32.28  ? 24   MET A O   1 
ATOM   181  C  CB  . MET A 1 24  ? -4.625  -4.644  -4.987  1.00 32.36  ? 24   MET A CB  1 
ATOM   182  C  CG  . MET A 1 24  ? -5.375  -3.515  -4.327  1.00 33.97  ? 24   MET A CG  1 
ATOM   183  S  SD  . MET A 1 24  ? -6.371  -4.166  -2.979  1.00 38.97  ? 24   MET A SD  1 
ATOM   184  C  CE  . MET A 1 24  ? -7.512  -2.806  -2.828  1.00 38.32  ? 24   MET A CE  1 
ATOM   185  N  N   . ALA A 1 25  ? -1.920  -6.004  -5.405  1.00 31.25  ? 25   ALA A N   1 
ATOM   186  C  CA  . ALA A 1 25  ? -1.066  -7.148  -5.680  1.00 29.87  ? 25   ALA A CA  1 
ATOM   187  C  C   . ALA A 1 25  ? -0.883  -7.933  -4.408  1.00 31.79  ? 25   ALA A C   1 
ATOM   188  O  O   . ALA A 1 25  ? -1.104  -7.364  -3.331  1.00 31.80  ? 25   ALA A O   1 
ATOM   189  C  CB  . ALA A 1 25  ? 0.215   -6.745  -6.377  1.00 29.05  ? 25   ALA A CB  1 
ATOM   190  N  N   . VAL A 1 26  ? -0.751  -9.271  -4.527  1.00 33.32  ? 26   VAL A N   1 
ATOM   191  C  CA  . VAL A 1 26  ? -0.648  -10.099 -3.306  1.00 32.89  ? 26   VAL A CA  1 
ATOM   192  C  C   . VAL A 1 26  ? 0.474   -11.123 -3.522  1.00 32.82  ? 26   VAL A C   1 
ATOM   193  O  O   . VAL A 1 26  ? 0.964   -11.308 -4.633  1.00 30.25  ? 26   VAL A O   1 
ATOM   194  C  CB  . VAL A 1 26  ? -1.938  -10.841 -2.946  1.00 34.55  ? 26   VAL A CB  1 
ATOM   195  C  CG1 . VAL A 1 26  ? -3.152  -9.946  -2.686  1.00 35.35  ? 26   VAL A CG1 1 
ATOM   196  C  CG2 . VAL A 1 26  ? -2.366  -11.825 -4.057  1.00 32.85  ? 26   VAL A CG2 1 
ATOM   197  N  N   . SER A 1 27  ? 0.973   -11.706 -2.440  1.00 34.79  ? 27   SER A N   1 
ATOM   198  C  CA  . SER A 1 27  ? 2.031   -12.700 -2.555  1.00 37.25  ? 27   SER A CA  1 
ATOM   199  C  C   . SER A 1 27  ? 1.408   -13.914 -3.274  1.00 38.59  ? 27   SER A C   1 
ATOM   200  O  O   . SER A 1 27  ? 0.225   -14.145 -3.057  1.00 35.45  ? 27   SER A O   1 
ATOM   201  C  CB  . SER A 1 27  ? 2.498   -13.131 -1.168  1.00 38.74  ? 27   SER A CB  1 
ATOM   202  O  OG  . SER A 1 27  ? 1.347   -13.420 -0.376  1.00 40.20  ? 27   SER A OG  1 
ATOM   203  N  N   . ASP A 1 28  ? 2.180   -14.578 -4.128  1.00 39.42  ? 28   ASP A N   1 
ATOM   204  C  CA  . ASP A 1 28  ? 1.712   -15.775 -4.796  1.00 44.16  ? 28   ASP A CA  1 
ATOM   205  C  C   . ASP A 1 28  ? 0.915   -16.679 -3.876  1.00 47.02  ? 28   ASP A C   1 
ATOM   206  O  O   . ASP A 1 28  ? -0.170  -17.037 -4.340  1.00 49.77  ? 28   ASP A O   1 
ATOM   207  C  CB  . ASP A 1 28  ? 2.846   -16.541 -5.462  1.00 42.63  ? 28   ASP A CB  1 
ATOM   208  C  CG  . ASP A 1 28  ? 3.329   -15.711 -6.620  1.00 43.56  ? 28   ASP A CG  1 
ATOM   209  O  OD1 . ASP A 1 28  ? 2.745   -14.648 -6.933  1.00 44.84  ? 28   ASP A OD1 1 
ATOM   210  O  OD2 . ASP A 1 28  ? 4.301   -16.073 -7.280  1.00 44.98  ? 28   ASP A OD2 1 
ATOM   211  N  N   . VAL A 1 29  ? 1.333   -16.999 -2.675  1.00 51.13  ? 29   VAL A N   1 
ATOM   212  C  CA  . VAL A 1 29  ? 0.508   -17.795 -1.785  1.00 56.22  ? 29   VAL A CA  1 
ATOM   213  C  C   . VAL A 1 29  ? 0.061   -16.815 -0.710  1.00 59.86  ? 29   VAL A C   1 
ATOM   214  O  O   . VAL A 1 29  ? 0.879   -16.337 0.057   1.00 61.64  ? 29   VAL A O   1 
ATOM   215  C  CB  . VAL A 1 29  ? 1.198   -19.007 -1.167  1.00 57.12  ? 29   VAL A CB  1 
ATOM   216  C  CG1 . VAL A 1 29  ? 0.345   -19.651 -0.081  1.00 57.69  ? 29   VAL A CG1 1 
ATOM   217  C  CG2 . VAL A 1 29  ? 1.517   -20.004 -2.278  1.00 57.02  ? 29   VAL A CG2 1 
ATOM   218  N  N   . SER A 1 30  ? -1.186  -16.426 -0.787  1.00 64.95  ? 30   SER A N   1 
ATOM   219  C  CA  . SER A 1 30  ? -1.735  -15.399 0.076   1.00 70.42  ? 30   SER A CA  1 
ATOM   220  C  C   . SER A 1 30  ? -2.754  -15.983 1.034   1.00 76.66  ? 30   SER A C   1 
ATOM   221  O  O   . SER A 1 30  ? -3.731  -16.600 0.611   1.00 77.08  ? 30   SER A O   1 
ATOM   222  C  CB  . SER A 1 30  ? -2.330  -14.321 -0.837  1.00 68.05  ? 30   SER A CB  1 
ATOM   223  O  OG  . SER A 1 30  ? -3.073  -13.379 -0.094  1.00 65.71  ? 30   SER A OG  1 
ATOM   224  N  N   . LEU A 1 31  ? -2.545  -15.815 2.331   1.00 84.53  ? 31   LEU A N   1 
ATOM   225  C  CA  . LEU A 1 31  ? -3.456  -16.316 3.346   1.00 92.98  ? 31   LEU A CA  1 
ATOM   226  C  C   . LEU A 1 31  ? -3.928  -15.190 4.253   1.00 98.96  ? 31   LEU A C   1 
ATOM   227  O  O   . LEU A 1 31  ? -3.320  -14.919 5.291   1.00 99.67  ? 31   LEU A O   1 
ATOM   228  C  CB  . LEU A 1 31  ? -2.801  -17.414 4.179   1.00 93.33  ? 31   LEU A CB  1 
ATOM   229  C  CG  . LEU A 1 31  ? -2.407  -18.695 3.444   1.00 94.09  ? 31   LEU A CG  1 
ATOM   230  C  CD1 . LEU A 1 31  ? -1.860  -19.715 4.427   1.00 94.38  ? 31   LEU A CD1 1 
ATOM   231  C  CD2 . LEU A 1 31  ? -3.582  -19.264 2.660   1.00 94.07  ? 31   LEU A CD2 1 
ATOM   232  N  N   . LEU A 1 32  ? -4.983  -14.503 3.826   1.00 105.84 ? 32   LEU A N   1 
ATOM   233  C  CA  . LEU A 1 32  ? -5.480  -13.339 4.571   1.00 112.61 ? 32   LEU A CA  1 
ATOM   234  C  C   . LEU A 1 32  ? -6.707  -13.686 5.382   1.00 116.67 ? 32   LEU A C   1 
ATOM   235  O  O   . LEU A 1 32  ? -7.572  -14.425 4.913   1.00 116.85 ? 32   LEU A O   1 
ATOM   236  C  CB  . LEU A 1 32  ? -5.679  -12.207 3.552   1.00 113.41 ? 32   LEU A CB  1 
ATOM   237  C  CG  . LEU A 1 32  ? -4.386  -11.900 2.771   1.00 114.03 ? 32   LEU A CG  1 
ATOM   238  C  CD1 . LEU A 1 32  ? -4.641  -11.214 1.454   1.00 114.10 ? 32   LEU A CD1 1 
ATOM   239  C  CD2 . LEU A 1 32  ? -3.447  -11.075 3.638   1.00 113.83 ? 32   LEU A CD2 1 
ATOM   240  N  N   . ASP A 1 33  ? -6.839  -13.181 6.602   1.00 121.74 ? 33   ASP A N   1 
ATOM   241  C  CA  . ASP A 1 33  ? -7.926  -13.476 7.512   1.00 126.37 ? 33   ASP A CA  1 
ATOM   242  C  C   . ASP A 1 33  ? -9.347  -13.449 6.981   1.00 127.55 ? 33   ASP A C   1 
ATOM   243  O  O   . ASP A 1 33  ? -10.165 -14.219 7.517   1.00 128.27 ? 33   ASP A O   1 
ATOM   244  C  CB  . ASP A 1 33  ? -7.880  -12.615 8.781   1.00 128.85 ? 33   ASP A CB  1 
ATOM   245  C  CG  . ASP A 1 33  ? -6.576  -12.659 9.551   1.00 130.76 ? 33   ASP A CG  1 
ATOM   246  O  OD1 . ASP A 1 33  ? -5.730  -13.546 9.302   1.00 131.33 ? 33   ASP A OD1 1 
ATOM   247  O  OD2 . ASP A 1 33  ? -6.327  -11.751 10.386  1.00 131.36 ? 33   ASP A OD2 1 
ATOM   248  N  N   . ALA A 1 34  ? -9.740  -12.596 6.057   1.00 127.88 ? 34   ALA A N   1 
ATOM   249  C  CA  . ALA A 1 34  ? -11.069 -12.540 5.480   1.00 127.48 ? 34   ALA A CA  1 
ATOM   250  C  C   . ALA A 1 34  ? -12.003 -11.566 6.183   1.00 126.47 ? 34   ALA A C   1 
ATOM   251  O  O   . ALA A 1 34  ? -12.693 -10.798 5.505   1.00 126.52 ? 34   ALA A O   1 
ATOM   252  C  CB  . ALA A 1 34  ? -11.745 -13.904 5.369   1.00 127.82 ? 34   ALA A CB  1 
ATOM   253  N  N   . LYS A 1 35  ? -11.983 -11.510 7.509   1.00 124.56 ? 35   LYS A N   1 
ATOM   254  C  CA  . LYS A 1 35  ? -12.851 -10.612 8.258   1.00 122.12 ? 35   LYS A CA  1 
ATOM   255  C  C   . LYS A 1 35  ? -12.442 -9.152  8.078   1.00 118.09 ? 35   LYS A C   1 
ATOM   256  O  O   . LYS A 1 35  ? -13.252 -8.226  8.160   1.00 118.06 ? 35   LYS A O   1 
ATOM   257  C  CB  . LYS A 1 35  ? -12.906 -10.994 9.732   1.00 124.44 ? 35   LYS A CB  1 
ATOM   258  C  CG  . LYS A 1 35  ? -11.729 -10.632 10.612  1.00 126.54 ? 35   LYS A CG  1 
ATOM   259  C  CD  . LYS A 1 35  ? -11.917 -11.079 12.052  1.00 128.17 ? 35   LYS A CD  1 
ATOM   260  C  CE  . LYS A 1 35  ? -12.849 -10.232 12.889  1.00 129.16 ? 35   LYS A CE  1 
ATOM   261  N  NZ  . LYS A 1 35  ? -12.163 -9.232  13.751  1.00 129.66 ? 35   LYS A NZ  1 
ATOM   262  N  N   . SER A 1 36  ? -11.151 -8.945  7.850   1.00 111.81 ? 36   SER A N   1 
ATOM   263  C  CA  . SER A 1 36  ? -10.608 -7.611  7.629   1.00 105.22 ? 36   SER A CA  1 
ATOM   264  C  C   . SER A 1 36  ? -9.495  -7.697  6.598   1.00 99.02  ? 36   SER A C   1 
ATOM   265  O  O   . SER A 1 36  ? -8.326  -7.550  6.924   1.00 97.64  ? 36   SER A O   1 
ATOM   266  C  CB  . SER A 1 36  ? -10.140 -7.054  8.971   1.00 106.39 ? 36   SER A CB  1 
ATOM   267  O  OG  . SER A 1 36  ? -9.727  -8.122  9.818   1.00 106.79 ? 36   SER A OG  1 
ATOM   268  N  N   . SER A 1 37  ? -9.859  -7.998  5.355   1.00 91.76  ? 37   SER A N   1 
ATOM   269  C  CA  . SER A 1 37  ? -8.864  -8.125  4.306   1.00 85.13  ? 37   SER A CA  1 
ATOM   270  C  C   . SER A 1 37  ? -8.268  -6.770  3.932   1.00 78.25  ? 37   SER A C   1 
ATOM   271  O  O   . SER A 1 37  ? -8.982  -5.853  3.523   1.00 76.05  ? 37   SER A O   1 
ATOM   272  C  CB  . SER A 1 37  ? -9.430  -8.773  3.037   1.00 85.84  ? 37   SER A CB  1 
ATOM   273  O  OG  . SER A 1 37  ? -9.958  -10.056 3.316   1.00 88.34  ? 37   SER A OG  1 
ATOM   274  N  N   . PRO A 1 38  ? -6.946  -6.736  3.791   1.00 71.60  ? 38   PRO A N   1 
ATOM   275  C  CA  . PRO A 1 38  ? -6.255  -5.600  3.214   1.00 66.83  ? 38   PRO A CA  1 
ATOM   276  C  C   . PRO A 1 38  ? -6.755  -5.295  1.807   1.00 62.22  ? 38   PRO A C   1 
ATOM   277  O  O   . PRO A 1 38  ? -6.786  -4.134  1.393   1.00 58.80  ? 38   PRO A O   1 
ATOM   278  C  CB  . PRO A 1 38  ? -4.785  -5.964  3.260   1.00 67.41  ? 38   PRO A CB  1 
ATOM   279  C  CG  . PRO A 1 38  ? -4.661  -7.167  4.104   1.00 69.25  ? 38   PRO A CG  1 
ATOM   280  C  CD  . PRO A 1 38  ? -6.012  -7.833  4.142   1.00 70.77  ? 38   PRO A CD  1 
ATOM   281  N  N   . LEU A 1 39  ? -7.324  -6.258  1.089   1.00 58.68  ? 39   LEU A N   1 
ATOM   282  C  CA  . LEU A 1 39  ? -7.891  -6.088  -0.224  1.00 56.98  ? 39   LEU A CA  1 
ATOM   283  C  C   . LEU A 1 39  ? -9.217  -5.335  -0.199  1.00 54.10  ? 39   LEU A C   1 
ATOM   284  O  O   . LEU A 1 39  ? -9.637  -4.942  -1.273  1.00 51.38  ? 39   LEU A O   1 
ATOM   285  C  CB  . LEU A 1 39  ? -8.060  -7.434  -0.930  1.00 57.79  ? 39   LEU A CB  1 
ATOM   286  C  CG  . LEU A 1 39  ? -6.823  -8.313  -1.100  1.00 59.28  ? 39   LEU A CG  1 
ATOM   287  C  CD1 . LEU A 1 39  ? -5.561  -7.509  -1.375  1.00 58.60  ? 39   LEU A CD1 1 
ATOM   288  C  CD2 . LEU A 1 39  ? -6.645  -9.201  0.120   1.00 60.38  ? 39   LEU A CD2 1 
ATOM   289  N  N   . LYS A 1 40  ? -9.820  -5.087  0.952   1.00 52.51  ? 40   LYS A N   1 
ATOM   290  C  CA  . LYS A 1 40  ? -11.050 -4.314  0.970   1.00 54.24  ? 40   LYS A CA  1 
ATOM   291  C  C   . LYS A 1 40  ? -10.869 -2.889  1.488   1.00 51.42  ? 40   LYS A C   1 
ATOM   292  O  O   . LYS A 1 40  ? -11.852 -2.208  1.790   1.00 48.74  ? 40   LYS A O   1 
ATOM   293  C  CB  . LYS A 1 40  ? -12.075 -5.052  1.843   1.00 58.79  ? 40   LYS A CB  1 
ATOM   294  C  CG  . LYS A 1 40  ? -12.732 -6.233  1.139   1.00 63.94  ? 40   LYS A CG  1 
ATOM   295  C  CD  . LYS A 1 40  ? -13.349 -7.152  2.215   1.00 68.42  ? 40   LYS A CD  1 
ATOM   296  C  CE  . LYS A 1 40  ? -14.375 -8.108  1.580   1.00 71.42  ? 40   LYS A CE  1 
ATOM   297  N  NZ  . LYS A 1 40  ? -14.715 -9.238  2.506   1.00 73.55  ? 40   LYS A NZ  1 
ATOM   298  N  N   . ALA A 1 41  ? -9.633  -2.467  1.717   1.00 48.50  ? 41   ALA A N   1 
ATOM   299  C  CA  . ALA A 1 41  ? -9.357  -1.129  2.256   1.00 45.95  ? 41   ALA A CA  1 
ATOM   300  C  C   . ALA A 1 41  ? -8.643  -0.324  1.179   1.00 44.56  ? 41   ALA A C   1 
ATOM   301  O  O   . ALA A 1 41  ? -7.660  -0.693  0.536   1.00 45.17  ? 41   ALA A O   1 
ATOM   302  C  CB  . ALA A 1 41  ? -8.615  -1.237  3.561   1.00 46.15  ? 41   ALA A CB  1 
ATOM   303  N  N   . TYR A 1 42  ? -9.288  0.772   0.803   1.00 41.86  ? 42   TYR A N   1 
ATOM   304  C  CA  . TYR A 1 42  ? -8.803  1.645   -0.262  1.00 39.08  ? 42   TYR A CA  1 
ATOM   305  C  C   . TYR A 1 42  ? -8.261  2.916   0.361   1.00 37.54  ? 42   TYR A C   1 
ATOM   306  O  O   . TYR A 1 42  ? -8.976  3.570   1.126   1.00 35.21  ? 42   TYR A O   1 
ATOM   307  C  CB  . TYR A 1 42  ? -9.980  1.939   -1.233  1.00 38.70  ? 42   TYR A CB  1 
ATOM   308  C  CG  . TYR A 1 42  ? -10.578 0.618   -1.686  1.00 38.74  ? 42   TYR A CG  1 
ATOM   309  C  CD1 . TYR A 1 42  ? -9.875  -0.207  -2.564  1.00 39.01  ? 42   TYR A CD1 1 
ATOM   310  C  CD2 . TYR A 1 42  ? -11.801 0.161   -1.221  1.00 39.34  ? 42   TYR A CD2 1 
ATOM   311  C  CE1 . TYR A 1 42  ? -10.382 -1.428  -2.940  1.00 40.03  ? 42   TYR A CE1 1 
ATOM   312  C  CE2 . TYR A 1 42  ? -12.352 -1.044  -1.611  1.00 38.45  ? 42   TYR A CE2 1 
ATOM   313  C  CZ  . TYR A 1 42  ? -11.635 -1.840  -2.471  1.00 41.10  ? 42   TYR A CZ  1 
ATOM   314  O  OH  . TYR A 1 42  ? -12.104 -3.058  -2.916  1.00 40.42  ? 42   TYR A OH  1 
ATOM   315  N  N   . VAL A 1 43  ? -7.006  3.240   0.066   1.00 36.59  ? 43   VAL A N   1 
ATOM   316  C  CA  . VAL A 1 43  ? -6.372  4.463   0.559   1.00 33.89  ? 43   VAL A CA  1 
ATOM   317  C  C   . VAL A 1 43  ? -7.021  5.696   -0.036  1.00 35.13  ? 43   VAL A C   1 
ATOM   318  O  O   . VAL A 1 43  ? -7.215  5.862   -1.255  1.00 36.76  ? 43   VAL A O   1 
ATOM   319  C  CB  . VAL A 1 43  ? -4.858  4.506   0.240   1.00 33.10  ? 43   VAL A CB  1 
ATOM   320  C  CG1 . VAL A 1 43  ? -4.160  5.805   0.652   1.00 31.24  ? 43   VAL A CG1 1 
ATOM   321  C  CG2 . VAL A 1 43  ? -4.145  3.356   0.943   1.00 30.94  ? 43   VAL A CG2 1 
ATOM   322  N  N   . GLU A 1 44  ? -7.234  6.698   0.822   1.00 35.91  ? 44   GLU A N   1 
ATOM   323  C  CA  . GLU A 1 44  ? -7.703  7.998   0.362   1.00 35.29  ? 44   GLU A CA  1 
ATOM   324  C  C   . GLU A 1 44  ? -6.697  9.107   0.641   1.00 32.41  ? 44   GLU A C   1 
ATOM   325  O  O   . GLU A 1 44  ? -6.750  10.124  -0.031  1.00 29.86  ? 44   GLU A O   1 
ATOM   326  C  CB  . GLU A 1 44  ? -9.027  8.396   1.033   1.00 37.84  ? 44   GLU A CB  1 
ATOM   327  C  CG  . GLU A 1 44  ? -10.193 7.608   0.426   1.00 41.41  ? 44   GLU A CG  1 
ATOM   328  C  CD  . GLU A 1 44  ? -11.368 7.510   1.375   1.00 43.85  ? 44   GLU A CD  1 
ATOM   329  O  OE1 . GLU A 1 44  ? -11.213 7.445   2.613   1.00 44.98  ? 44   GLU A OE1 1 
ATOM   330  O  OE2 . GLU A 1 44  ? -12.518 7.482   0.892   1.00 46.29  ? 44   GLU A OE2 1 
ATOM   331  N  N   . GLY A 1 45  ? -5.834  8.940   1.639   1.00 31.35  ? 45   GLY A N   1 
ATOM   332  C  CA  . GLY A 1 45  ? -4.912  10.046  1.878   1.00 30.28  ? 45   GLY A CA  1 
ATOM   333  C  C   . GLY A 1 45  ? -3.781  9.612   2.775   1.00 30.13  ? 45   GLY A C   1 
ATOM   334  O  O   . GLY A 1 45  ? -3.969  8.614   3.480   1.00 29.16  ? 45   GLY A O   1 
ATOM   335  N  N   . LEU A 1 46  ? -2.709  10.423  2.741   1.00 28.74  ? 46   LEU A N   1 
ATOM   336  C  CA  . LEU A 1 46  ? -1.558  10.082  3.588   1.00 26.80  ? 46   LEU A CA  1 
ATOM   337  C  C   . LEU A 1 46  ? -1.065  11.366  4.251   1.00 28.04  ? 46   LEU A C   1 
ATOM   338  O  O   . LEU A 1 46  ? -1.180  12.464  3.702   1.00 27.63  ? 46   LEU A O   1 
ATOM   339  C  CB  . LEU A 1 46  ? -0.379  9.450   2.860   1.00 25.16  ? 46   LEU A CB  1 
ATOM   340  C  CG  . LEU A 1 46  ? -0.564  8.047   2.191   1.00 25.38  ? 46   LEU A CG  1 
ATOM   341  C  CD1 . LEU A 1 46  ? 0.593   7.772   1.239   1.00 24.11  ? 46   LEU A CD1 1 
ATOM   342  C  CD2 . LEU A 1 46  ? -0.642  6.936   3.222   1.00 21.72  ? 46   LEU A CD2 1 
ATOM   343  N  N   . LYS A 1 47  ? -0.468  11.179  5.424   1.00 28.84  ? 47   LYS A N   1 
ATOM   344  C  CA  . LYS A 1 47  ? 0.110   12.350  6.038   1.00 30.67  ? 47   LYS A CA  1 
ATOM   345  C  C   . LYS A 1 47  ? 1.214   12.036  7.031   1.00 28.21  ? 47   LYS A C   1 
ATOM   346  O  O   . LYS A 1 47  ? 0.919   11.528  8.097   1.00 27.02  ? 47   LYS A O   1 
ATOM   347  C  CB  . LYS A 1 47  ? -0.954  13.176  6.793   1.00 34.76  ? 47   LYS A CB  1 
ATOM   348  C  CG  . LYS A 1 47  ? -0.450  14.612  7.031   1.00 37.71  ? 47   LYS A CG  1 
ATOM   349  C  CD  . LYS A 1 47  ? -1.466  15.408  7.855   1.00 41.58  ? 47   LYS A CD  1 
ATOM   350  C  CE  . LYS A 1 47  ? -1.108  16.872  7.969   1.00 43.41  ? 47   LYS A CE  1 
ATOM   351  N  NZ  . LYS A 1 47  ? -2.065  17.697  8.751   1.00 47.15  ? 47   LYS A NZ  1 
ATOM   352  N  N   . PRO A 1 48  ? 2.429   12.289  6.628   1.00 26.16  ? 48   PRO A N   1 
ATOM   353  C  CA  . PRO A 1 48  ? 3.565   12.115  7.549   1.00 27.62  ? 48   PRO A CA  1 
ATOM   354  C  C   . PRO A 1 48  ? 3.379   13.132  8.672   1.00 27.96  ? 48   PRO A C   1 
ATOM   355  O  O   . PRO A 1 48  ? 2.957   14.274  8.418   1.00 29.04  ? 48   PRO A O   1 
ATOM   356  C  CB  . PRO A 1 48  ? 4.792   12.451  6.687   1.00 26.98  ? 48   PRO A CB  1 
ATOM   357  C  CG  . PRO A 1 48  ? 4.314   12.118  5.289   1.00 25.85  ? 48   PRO A CG  1 
ATOM   358  C  CD  . PRO A 1 48  ? 2.887   12.745  5.303   1.00 25.93  ? 48   PRO A CD  1 
ATOM   359  N  N   . THR A 1 49  ? 3.540   12.779  9.923   1.00 27.99  ? 49   THR A N   1 
ATOM   360  C  CA  . THR A 1 49  ? 3.353   13.698  11.044  1.00 30.54  ? 49   THR A CA  1 
ATOM   361  C  C   . THR A 1 49  ? 4.696   14.301  11.493  1.00 33.54  ? 49   THR A C   1 
ATOM   362  O  O   . THR A 1 49  ? 5.723   13.607  11.423  1.00 32.65  ? 49   THR A O   1 
ATOM   363  C  CB  . THR A 1 49  ? 2.732   13.006  12.270  1.00 27.07  ? 49   THR A CB  1 
ATOM   364  O  OG1 . THR A 1 49  ? 3.774   12.186  12.794  1.00 26.14  ? 49   THR A OG1 1 
ATOM   365  C  CG2 . THR A 1 49  ? 1.584   12.087  11.837  1.00 29.79  ? 49   THR A CG2 1 
ATOM   366  N  N   . PRO A 1 50  ? 4.588   15.274  12.435  1.00 35.63  ? 50   PRO A N   1 
ATOM   367  C  CA  . PRO A 1 50  ? 5.788   15.953  12.928  1.00 35.46  ? 50   PRO A CA  1 
ATOM   368  C  C   . PRO A 1 50  ? 6.648   15.042  13.728  1.00 36.24  ? 50   PRO A C   1 
ATOM   369  O  O   . PRO A 1 50  ? 7.884   15.127  13.738  1.00 40.01  ? 50   PRO A O   1 
ATOM   370  C  CB  . PRO A 1 50  ? 5.249   17.209  13.626  1.00 36.02  ? 50   PRO A CB  1 
ATOM   371  C  CG  . PRO A 1 50  ? 3.958   17.521  12.884  1.00 32.28  ? 50   PRO A CG  1 
ATOM   372  C  CD  . PRO A 1 50  ? 3.365   16.108  12.703  1.00 34.21  ? 50   PRO A CD  1 
ATOM   373  N  N   . GLU A 1 51  ? 6.085   13.970  14.266  1.00 35.88  ? 51   GLU A N   1 
ATOM   374  C  CA  . GLU A 1 51  ? 6.796   12.978  15.033  1.00 35.66  ? 51   GLU A CA  1 
ATOM   375  C  C   . GLU A 1 51  ? 7.418   11.855  14.196  1.00 35.09  ? 51   GLU A C   1 
ATOM   376  O  O   . GLU A 1 51  ? 7.961   10.934  14.805  1.00 33.38  ? 51   GLU A O   1 
ATOM   377  C  CB  . GLU A 1 51  ? 5.846   12.343  16.063  1.00 36.80  ? 51   GLU A CB  1 
ATOM   378  C  CG  . GLU A 1 51  ? 5.327   13.307  17.134  1.00 37.71  ? 51   GLU A CG  1 
ATOM   379  C  CD  . GLU A 1 51  ? 4.301   14.281  16.630  1.00 38.91  ? 51   GLU A CD  1 
ATOM   380  O  OE1 . GLU A 1 51  ? 3.623   13.889  15.637  1.00 37.65  ? 51   GLU A OE1 1 
ATOM   381  O  OE2 . GLU A 1 51  ? 4.232   15.455  17.105  1.00 39.81  ? 51   GLU A OE2 1 
ATOM   382  N  N   . GLY A 1 52  ? 7.326   11.885  12.876  1.00 34.66  ? 52   GLY A N   1 
ATOM   383  C  CA  . GLY A 1 52  ? 7.853   10.745  12.117  1.00 36.62  ? 52   GLY A CA  1 
ATOM   384  C  C   . GLY A 1 52  ? 6.874   9.588   11.949  1.00 35.57  ? 52   GLY A C   1 
ATOM   385  O  O   . GLY A 1 52  ? 7.298   8.455   11.644  1.00 36.05  ? 52   GLY A O   1 
ATOM   386  N  N   . ASP A 1 53  ? 5.607   9.756   12.344  1.00 34.22  ? 53   ASP A N   1 
ATOM   387  C  CA  . ASP A 1 53  ? 4.695   8.618   12.080  1.00 33.42  ? 53   ASP A CA  1 
ATOM   388  C  C   . ASP A 1 53  ? 4.025   8.971   10.741  1.00 32.44  ? 53   ASP A C   1 
ATOM   389  O  O   . ASP A 1 53  ? 4.226   10.076  10.170  1.00 29.87  ? 53   ASP A O   1 
ATOM   390  C  CB  . ASP A 1 53  ? 3.702   8.368   13.192  1.00 32.54  ? 53   ASP A CB  1 
ATOM   391  C  CG  . ASP A 1 53  ? 4.424   8.129   14.514  1.00 33.30  ? 53   ASP A CG  1 
ATOM   392  O  OD1 . ASP A 1 53  ? 5.278   7.226   14.587  1.00 33.45  ? 53   ASP A OD1 1 
ATOM   393  O  OD2 . ASP A 1 53  ? 4.057   8.774   15.509  1.00 33.73  ? 53   ASP A OD2 1 
ATOM   394  N  N   . LEU A 1 54  ? 3.168   8.057   10.360  1.00 30.69  ? 54   LEU A N   1 
ATOM   395  C  CA  . LEU A 1 54  ? 2.407   8.206   9.128   1.00 31.86  ? 54   LEU A CA  1 
ATOM   396  C  C   . LEU A 1 54  ? 0.904   7.974   9.307   1.00 32.58  ? 54   LEU A C   1 
ATOM   397  O  O   . LEU A 1 54  ? 0.365   6.921   9.683   1.00 34.04  ? 54   LEU A O   1 
ATOM   398  C  CB  . LEU A 1 54  ? 2.939   7.190   8.105   1.00 30.25  ? 54   LEU A CB  1 
ATOM   399  C  CG  . LEU A 1 54  ? 2.265   7.199   6.724   1.00 31.50  ? 54   LEU A CG  1 
ATOM   400  C  CD1 . LEU A 1 54  ? 2.453   8.548   6.067   1.00 29.87  ? 54   LEU A CD1 1 
ATOM   401  C  CD2 . LEU A 1 54  ? 2.785   6.057   5.848   1.00 30.16  ? 54   LEU A CD2 1 
ATOM   402  N  N   . GLU A 1 55  ? 0.152   9.022   9.042   1.00 32.92  ? 55   GLU A N   1 
ATOM   403  C  CA  . GLU A 1 55  ? -1.275  8.773   9.012   1.00 35.39  ? 55   GLU A CA  1 
ATOM   404  C  C   . GLU A 1 55  ? -1.747  8.403   7.609   1.00 34.66  ? 55   GLU A C   1 
ATOM   405  O  O   . GLU A 1 55  ? -1.410  8.944   6.559   1.00 32.74  ? 55   GLU A O   1 
ATOM   406  C  CB  . GLU A 1 55  ? -2.071  9.781   9.759   1.00 37.04  ? 55   GLU A CB  1 
ATOM   407  C  CG  . GLU A 1 55  ? -2.068  11.204  9.350   1.00 44.03  ? 55   GLU A CG  1 
ATOM   408  C  CD  . GLU A 1 55  ? -2.405  11.958  10.655  1.00 46.64  ? 55   GLU A CD  1 
ATOM   409  O  OE1 . GLU A 1 55  ? -2.220  11.386  11.748  1.00 47.50  ? 55   GLU A OE1 1 
ATOM   410  O  OE2 . GLU A 1 55  ? -2.838  13.085  10.429  1.00 47.67  ? 55   GLU A OE2 1 
ATOM   411  N  N   . ILE A 1 56  ? -2.576  7.356   7.656   1.00 33.10  ? 56   ILE A N   1 
ATOM   412  C  CA  . ILE A 1 56  ? -3.207  6.806   6.475   1.00 31.93  ? 56   ILE A CA  1 
ATOM   413  C  C   . ILE A 1 56  ? -4.725  6.909   6.603   1.00 32.45  ? 56   ILE A C   1 
ATOM   414  O  O   . ILE A 1 56  ? -5.343  6.372   7.538   1.00 32.70  ? 56   ILE A O   1 
ATOM   415  C  CB  . ILE A 1 56  ? -2.856  5.307   6.296   1.00 30.29  ? 56   ILE A CB  1 
ATOM   416  C  CG1 . ILE A 1 56  ? -1.350  5.063   6.241   1.00 28.74  ? 56   ILE A CG1 1 
ATOM   417  C  CG2 . ILE A 1 56  ? -3.448  4.760   5.012   1.00 29.19  ? 56   ILE A CG2 1 
ATOM   418  C  CD1 . ILE A 1 56  ? -0.839  4.384   7.483   1.00 27.37  ? 56   ILE A CD1 1 
ATOM   419  N  N   . LEU A 1 57  ? -5.394  7.559   5.701   1.00 34.66  ? 57   LEU A N   1 
ATOM   420  C  CA  . LEU A 1 57  ? -6.859  7.624   5.671   1.00 37.45  ? 57   LEU A CA  1 
ATOM   421  C  C   . LEU A 1 57  ? -7.317  6.584   4.633   1.00 39.45  ? 57   LEU A C   1 
ATOM   422  O  O   . LEU A 1 57  ? -6.967  6.637   3.445   1.00 36.71  ? 57   LEU A O   1 
ATOM   423  C  CB  . LEU A 1 57  ? -7.384  9.005   5.302   1.00 37.30  ? 57   LEU A CB  1 
ATOM   424  C  CG  . LEU A 1 57  ? -8.847  9.365   5.607   1.00 40.13  ? 57   LEU A CG  1 
ATOM   425  C  CD1 . LEU A 1 57  ? -9.511  10.092  4.451   1.00 38.82  ? 57   LEU A CD1 1 
ATOM   426  C  CD2 . LEU A 1 57  ? -9.718  8.213   6.087   1.00 41.09  ? 57   LEU A CD2 1 
ATOM   427  N  N   . LEU A 1 58  ? -8.086  5.615   5.079   1.00 44.92  ? 58   LEU A N   1 
ATOM   428  C  CA  . LEU A 1 58  ? -8.643  4.522   4.321   1.00 50.61  ? 58   LEU A CA  1 
ATOM   429  C  C   . LEU A 1 58  ? -10.188 4.513   4.345   1.00 56.81  ? 58   LEU A C   1 
ATOM   430  O  O   . LEU A 1 58  ? -10.912 4.937   5.244   1.00 52.47  ? 58   LEU A O   1 
ATOM   431  C  CB  . LEU A 1 58  ? -8.183  3.174   4.890   1.00 48.95  ? 58   LEU A CB  1 
ATOM   432  C  CG  . LEU A 1 58  ? -6.720  2.787   4.977   1.00 48.70  ? 58   LEU A CG  1 
ATOM   433  C  CD1 . LEU A 1 58  ? -6.357  2.036   6.255   1.00 47.35  ? 58   LEU A CD1 1 
ATOM   434  C  CD2 . LEU A 1 58  ? -6.303  1.904   3.806   1.00 48.28  ? 58   LEU A CD2 1 
ATOM   435  N  N   . GLN A 1 59  ? -10.735 3.895   3.309   1.00 66.39  ? 59   GLN A N   1 
ATOM   436  C  CA  . GLN A 1 59  ? -12.142 3.571   3.190   1.00 78.08  ? 59   GLN A CA  1 
ATOM   437  C  C   . GLN A 1 59  ? -12.234 2.054   3.033   1.00 86.88  ? 59   GLN A C   1 
ATOM   438  O  O   . GLN A 1 59  ? -11.614 1.551   2.103   1.00 85.92  ? 59   GLN A O   1 
ATOM   439  C  CB  . GLN A 1 59  ? -12.852 4.263   2.056   1.00 77.52  ? 59   GLN A CB  1 
ATOM   440  C  CG  . GLN A 1 59  ? -13.846 5.307   2.553   1.00 79.17  ? 59   GLN A CG  1 
ATOM   441  C  CD  . GLN A 1 59  ? -15.037 5.309   1.609   1.00 79.51  ? 59   GLN A CD  1 
ATOM   442  O  OE1 . GLN A 1 59  ? -16.076 4.775   1.966   1.00 79.66  ? 59   GLN A OE1 1 
ATOM   443  N  NE2 . GLN A 1 59  ? -14.877 5.881   0.428   1.00 80.18  ? 59   GLN A NE2 1 
ATOM   444  N  N   . LYS A 1 60  ? -12.935 1.381   3.935   1.00 100.04 ? 60   LYS A N   1 
ATOM   445  C  CA  . LYS A 1 60  ? -12.969 -0.068  3.786   1.00 113.76 ? 60   LYS A CA  1 
ATOM   446  C  C   . LYS A 1 60  ? -14.353 -0.633  3.527   1.00 122.57 ? 60   LYS A C   1 
ATOM   447  O  O   . LYS A 1 60  ? -15.394 -0.186  3.976   1.00 122.75 ? 60   LYS A O   1 
ATOM   448  C  CB  . LYS A 1 60  ? -12.270 -0.793  4.919   1.00 114.87 ? 60   LYS A CB  1 
ATOM   449  C  CG  . LYS A 1 60  ? -12.911 -0.891  6.279   1.00 116.73 ? 60   LYS A CG  1 
ATOM   450  C  CD  . LYS A 1 60  ? -12.089 -1.805  7.177   1.00 118.15 ? 60   LYS A CD  1 
ATOM   451  C  CE  . LYS A 1 60  ? -12.638 -1.989  8.572   1.00 119.14 ? 60   LYS A CE  1 
ATOM   452  N  NZ  . LYS A 1 60  ? -12.500 -0.809  9.465   1.00 119.35 ? 60   LYS A NZ  1 
ATOM   453  N  N   . ARG A 1 61  ? -14.307 -1.683  2.711   1.00 133.73 ? 61   ARG A N   1 
ATOM   454  C  CA  . ARG A 1 61  ? -15.453 -2.513  2.368   1.00 144.04 ? 61   ARG A CA  1 
ATOM   455  C  C   . ARG A 1 61  ? -15.856 -3.202  3.670   1.00 147.85 ? 61   ARG A C   1 
ATOM   456  O  O   . ARG A 1 61  ? -15.281 -4.217  4.060   1.00 148.00 ? 61   ARG A O   1 
ATOM   457  C  CB  . ARG A 1 61  ? -15.030 -3.497  1.284   1.00 148.13 ? 61   ARG A CB  1 
ATOM   458  C  CG  . ARG A 1 61  ? -15.061 -2.922  -0.129  1.00 152.87 ? 61   ARG A CG  1 
ATOM   459  C  CD  . ARG A 1 61  ? -16.389 -3.227  -0.818  1.00 156.40 ? 61   ARG A CD  1 
ATOM   460  N  NE  . ARG A 1 61  ? -17.360 -3.738  0.086   1.00 159.38 ? 61   ARG A NE  1 
ATOM   461  C  CZ  . ARG A 1 61  ? -18.606 -3.987  0.334   1.00 160.97 ? 61   ARG A CZ  1 
ATOM   462  N  NH1 . ARG A 1 61  ? -19.597 -3.705  -0.496  1.00 161.42 ? 61   ARG A NH1 1 
ATOM   463  N  NH2 . ARG A 1 61  ? -18.865 -4.561  1.510   1.00 161.70 ? 61   ARG A NH2 1 
ATOM   464  N  N   . GLU A 1 62  ? -16.769 -2.550  4.388   1.00 152.00 ? 62   GLU A N   1 
ATOM   465  C  CA  . GLU A 1 62  ? -17.164 -3.026  5.701   1.00 155.44 ? 62   GLU A CA  1 
ATOM   466  C  C   . GLU A 1 62  ? -18.589 -3.545  5.711   1.00 155.19 ? 62   GLU A C   1 
ATOM   467  O  O   . GLU A 1 62  ? -19.554 -2.816  5.920   1.00 155.61 ? 62   GLU A O   1 
ATOM   468  C  CB  . GLU A 1 62  ? -16.984 -1.917  6.746   1.00 158.15 ? 62   GLU A CB  1 
ATOM   469  C  CG  . GLU A 1 62  ? -17.018 -2.451  8.165   1.00 161.20 ? 62   GLU A CG  1 
ATOM   470  C  CD  . GLU A 1 62  ? -16.551 -1.505  9.242   1.00 162.81 ? 62   GLU A CD  1 
ATOM   471  O  OE1 . GLU A 1 62  ? -16.401 -0.292  9.009   1.00 163.45 ? 62   GLU A OE1 1 
ATOM   472  O  OE2 . GLU A 1 62  ? -16.319 -1.987  10.377  1.00 163.49 ? 62   GLU A OE2 1 
ATOM   473  N  N   . ASN A 1 63  ? -18.735 -4.826  5.395   1.00 153.76 ? 63   ASN A N   1 
ATOM   474  C  CA  . ASN A 1 63  ? -19.976 -5.571  5.406   1.00 151.44 ? 63   ASN A CA  1 
ATOM   475  C  C   . ASN A 1 63  ? -20.862 -5.443  4.179   1.00 147.01 ? 63   ASN A C   1 
ATOM   476  O  O   . ASN A 1 63  ? -21.601 -6.366  3.828   1.00 147.17 ? 63   ASN A O   1 
ATOM   477  C  CB  . ASN A 1 63  ? -20.783 -5.274  6.682   1.00 154.11 ? 63   ASN A CB  1 
ATOM   478  C  CG  . ASN A 1 63  ? -20.297 -6.012  7.914   1.00 155.62 ? 63   ASN A CG  1 
ATOM   479  O  OD1 . ASN A 1 63  ? -20.222 -5.453  9.013   1.00 156.17 ? 63   ASN A OD1 1 
ATOM   480  N  ND2 . ASN A 1 63  ? -19.965 -7.292  7.775   1.00 156.16 ? 63   ASN A ND2 1 
ATOM   481  N  N   . ASP A 1 64  ? -20.848 -4.344  3.475   1.00 140.40 ? 64   ASP A N   1 
ATOM   482  C  CA  . ASP A 1 64  ? -21.592 -3.977  2.294   1.00 133.17 ? 64   ASP A CA  1 
ATOM   483  C  C   . ASP A 1 64  ? -21.893 -2.476  2.463   1.00 125.54 ? 64   ASP A C   1 
ATOM   484  O  O   . ASP A 1 64  ? -22.589 -1.795  1.737   1.00 125.05 ? 64   ASP A O   1 
ATOM   485  C  CB  . ASP A 1 64  ? -22.845 -4.757  1.955   1.00 135.46 ? 64   ASP A CB  1 
ATOM   486  C  CG  . ASP A 1 64  ? -23.105 -4.779  0.453   1.00 136.70 ? 64   ASP A CG  1 
ATOM   487  O  OD1 . ASP A 1 64  ? -22.342 -5.443  -0.286  1.00 137.00 ? 64   ASP A OD1 1 
ATOM   488  O  OD2 . ASP A 1 64  ? -24.064 -4.135  -0.026  1.00 137.27 ? 64   ASP A OD2 1 
ATOM   489  N  N   . LYS A 1 65  ? -21.266 -1.990  3.524   1.00 115.42 ? 65   LYS A N   1 
ATOM   490  C  CA  . LYS A 1 65  ? -21.238 -0.599  3.908   1.00 105.25 ? 65   LYS A CA  1 
ATOM   491  C  C   . LYS A 1 65  ? -19.783 -0.137  3.715   1.00 95.32  ? 65   LYS A C   1 
ATOM   492  O  O   . LYS A 1 65  ? -18.868 -0.945  3.589   1.00 93.56  ? 65   LYS A O   1 
ATOM   493  C  CB  . LYS A 1 65  ? -21.625 -0.389  5.369   1.00 107.66 ? 65   LYS A CB  1 
ATOM   494  C  CG  . LYS A 1 65  ? -22.515 -1.449  5.976   1.00 109.54 ? 65   LYS A CG  1 
ATOM   495  C  CD  . LYS A 1 65  ? -23.988 -1.091  6.043   1.00 111.04 ? 65   LYS A CD  1 
ATOM   496  C  CE  . LYS A 1 65  ? -24.323 -0.398  7.354   1.00 112.01 ? 65   LYS A CE  1 
ATOM   497  N  NZ  . LYS A 1 65  ? -25.773 -0.420  7.687   1.00 112.63 ? 65   LYS A NZ  1 
ATOM   498  N  N   . CYS A 1 66  ? -19.625 1.173   3.733   1.00 82.90  ? 66   CYS A N   1 
ATOM   499  C  CA  . CYS A 1 66  ? -18.336 1.810   3.547   1.00 70.73  ? 66   CYS A CA  1 
ATOM   500  C  C   . CYS A 1 66  ? -17.908 2.599   4.776   1.00 67.14  ? 66   CYS A C   1 
ATOM   501  O  O   . CYS A 1 66  ? -18.527 3.632   5.082   1.00 67.40  ? 66   CYS A O   1 
ATOM   502  C  CB  . CYS A 1 66  ? -18.439 2.779   2.361   1.00 64.07  ? 66   CYS A CB  1 
ATOM   503  S  SG  . CYS A 1 66  ? -18.457 2.034   0.740   1.00 52.39  ? 66   CYS A SG  1 
ATOM   504  N  N   . ALA A 1 67  ? -16.846 2.149   5.454   1.00 60.80  ? 67   ALA A N   1 
ATOM   505  C  CA  . ALA A 1 67  ? -16.439 3.035   6.557   1.00 55.44  ? 67   ALA A CA  1 
ATOM   506  C  C   . ALA A 1 67  ? -15.024 3.594   6.367   1.00 50.51  ? 67   ALA A C   1 
ATOM   507  O  O   . ALA A 1 67  ? -14.100 3.020   5.820   1.00 45.24  ? 67   ALA A O   1 
ATOM   508  C  CB  . ALA A 1 67  ? -16.634 2.378   7.893   1.00 55.38  ? 67   ALA A CB  1 
ATOM   509  N  N   . GLN A 1 68  ? -14.941 4.780   6.941   1.00 46.62  ? 68   GLN A N   1 
ATOM   510  C  CA  . GLN A 1 68  ? -13.725 5.561   7.061   1.00 45.32  ? 68   GLN A CA  1 
ATOM   511  C  C   . GLN A 1 68  ? -12.911 4.968   8.190   1.00 43.11  ? 68   GLN A C   1 
ATOM   512  O  O   . GLN A 1 68  ? -13.421 4.451   9.171   1.00 43.96  ? 68   GLN A O   1 
ATOM   513  C  CB  . GLN A 1 68  ? -14.113 7.014   7.215   1.00 45.66  ? 68   GLN A CB  1 
ATOM   514  C  CG  . GLN A 1 68  ? -13.044 8.009   7.554   1.00 47.90  ? 68   GLN A CG  1 
ATOM   515  C  CD  . GLN A 1 68  ? -13.519 9.430   7.870   1.00 47.65  ? 68   GLN A CD  1 
ATOM   516  O  OE1 . GLN A 1 68  ? -13.972 9.691   8.998   1.00 46.46  ? 68   GLN A OE1 1 
ATOM   517  N  NE2 . GLN A 1 68  ? -13.334 10.276  6.843   1.00 45.58  ? 68   GLN A NE2 1 
ATOM   518  N  N   . GLU A 1 69  ? -11.624 4.814   7.980   1.00 43.25  ? 69   GLU A N   1 
ATOM   519  C  CA  . GLU A 1 69  ? -10.649 4.273   8.908   1.00 43.02  ? 69   GLU A CA  1 
ATOM   520  C  C   . GLU A 1 69  ? -9.356  5.091   8.770   1.00 43.63  ? 69   GLU A C   1 
ATOM   521  O  O   . GLU A 1 69  ? -8.851  5.447   7.713   1.00 41.34  ? 69   GLU A O   1 
ATOM   522  C  CB  . GLU A 1 69  ? -10.489 2.788   8.740   1.00 44.00  ? 69   GLU A CB  1 
ATOM   523  C  CG  . GLU A 1 69  ? -9.223  2.163   9.249   1.00 48.05  ? 69   GLU A CG  1 
ATOM   524  C  CD  . GLU A 1 69  ? -9.243  0.660   9.149   1.00 50.49  ? 69   GLU A CD  1 
ATOM   525  O  OE1 . GLU A 1 69  ? -10.278 0.196   8.645   1.00 52.44  ? 69   GLU A OE1 1 
ATOM   526  O  OE2 . GLU A 1 69  ? -8.357  -0.109  9.575   1.00 52.49  ? 69   GLU A OE2 1 
ATOM   527  N  N   . VAL A 1 70  ? -8.850  5.480   9.951   1.00 42.74  ? 70   VAL A N   1 
ATOM   528  C  CA  . VAL A 1 70  ? -7.659  6.270   10.083  1.00 38.75  ? 70   VAL A CA  1 
ATOM   529  C  C   . VAL A 1 70  ? -6.610  5.461   10.825  1.00 36.04  ? 70   VAL A C   1 
ATOM   530  O  O   . VAL A 1 70  ? -6.808  5.175   11.997  1.00 35.94  ? 70   VAL A O   1 
ATOM   531  C  CB  . VAL A 1 70  ? -7.876  7.552   10.904  1.00 39.93  ? 70   VAL A CB  1 
ATOM   532  C  CG1 . VAL A 1 70  ? -6.664  8.470   10.775  1.00 38.35  ? 70   VAL A CG1 1 
ATOM   533  C  CG2 . VAL A 1 70  ? -9.137  8.273   10.495  1.00 41.03  ? 70   VAL A CG2 1 
ATOM   534  N  N   . LEU A 1 71  ? -5.492  5.183   10.194  1.00 34.31  ? 71   LEU A N   1 
ATOM   535  C  CA  . LEU A 1 71  ? -4.407  4.451   10.847  1.00 33.98  ? 71   LEU A CA  1 
ATOM   536  C  C   . LEU A 1 71  ? -3.244  5.378   11.163  1.00 34.02  ? 71   LEU A C   1 
ATOM   537  O  O   . LEU A 1 71  ? -2.924  6.302   10.375  1.00 32.77  ? 71   LEU A O   1 
ATOM   538  C  CB  . LEU A 1 71  ? -3.914  3.378   9.874   1.00 36.51  ? 71   LEU A CB  1 
ATOM   539  C  CG  . LEU A 1 71  ? -4.446  1.953   9.976   1.00 37.13  ? 71   LEU A CG  1 
ATOM   540  C  CD1 . LEU A 1 71  ? -5.954  1.958   9.946   1.00 35.35  ? 71   LEU A CD1 1 
ATOM   541  C  CD2 . LEU A 1 71  ? -3.796  1.078   8.886   1.00 37.98  ? 71   LEU A CD2 1 
ATOM   542  N  N   . LEU A 1 72  ? -2.685  5.195   12.350  1.00 34.02  ? 72   LEU A N   1 
ATOM   543  C  CA  . LEU A 1 72  ? -1.487  5.917   12.750  1.00 33.30  ? 72   LEU A CA  1 
ATOM   544  C  C   . LEU A 1 72  ? -0.373  4.846   12.771  1.00 33.93  ? 72   LEU A C   1 
ATOM   545  O  O   . LEU A 1 72  ? -0.235  4.109   13.721  1.00 34.85  ? 72   LEU A O   1 
ATOM   546  C  CB  . LEU A 1 72  ? -1.554  6.669   14.045  1.00 32.52  ? 72   LEU A CB  1 
ATOM   547  C  CG  . LEU A 1 72  ? -0.367  7.524   14.513  1.00 30.12  ? 72   LEU A CG  1 
ATOM   548  C  CD1 . LEU A 1 72  ? -0.152  8.714   13.593  1.00 29.95  ? 72   LEU A CD1 1 
ATOM   549  C  CD2 . LEU A 1 72  ? -0.629  8.020   15.923  1.00 29.79  ? 72   LEU A CD2 1 
ATOM   550  N  N   . ALA A 1 73  ? 0.311   4.676   11.647  1.00 33.37  ? 73   ALA A N   1 
ATOM   551  C  CA  . ALA A 1 73  ? 1.443   3.763   11.505  1.00 33.17  ? 73   ALA A CA  1 
ATOM   552  C  C   . ALA A 1 73  ? 2.639   4.465   12.191  1.00 32.16  ? 73   ALA A C   1 
ATOM   553  O  O   . ALA A 1 73  ? 2.995   5.580   11.881  1.00 29.74  ? 73   ALA A O   1 
ATOM   554  C  CB  . ALA A 1 73  ? 1.825   3.455   10.044  1.00 29.94  ? 73   ALA A CB  1 
ATOM   555  N  N   . LYS A 1 74  ? 3.211   3.806   13.152  1.00 33.13  ? 74   LYS A N   1 
ATOM   556  C  CA  . LYS A 1 74  ? 4.243   4.341   13.998  1.00 35.32  ? 74   LYS A CA  1 
ATOM   557  C  C   . LYS A 1 74  ? 5.657   3.989   13.533  1.00 33.49  ? 74   LYS A C   1 
ATOM   558  O  O   . LYS A 1 74  ? 5.946   2.830   13.266  1.00 30.92  ? 74   LYS A O   1 
ATOM   559  C  CB  . LYS A 1 74  ? 4.166   3.668   15.411  1.00 34.66  ? 74   LYS A CB  1 
ATOM   560  C  CG  . LYS A 1 74  ? 2.736   3.514   15.839  1.00 37.09  ? 74   LYS A CG  1 
ATOM   561  C  CD  . LYS A 1 74  ? 2.304   4.532   16.845  1.00 40.55  ? 74   LYS A CD  1 
ATOM   562  C  CE  . LYS A 1 74  ? 2.541   5.961   16.423  1.00 42.53  ? 74   LYS A CE  1 
ATOM   563  N  NZ  . LYS A 1 74  ? 3.085   6.693   17.633  1.00 44.36  ? 74   LYS A NZ  1 
ATOM   564  N  N   . LYS A 1 75  ? 6.478   4.965   13.785  1.00 33.68  ? 75   LYS A N   1 
ATOM   565  C  CA  . LYS A 1 75  ? 7.934   4.780   13.599  1.00 36.86  ? 75   LYS A CA  1 
ATOM   566  C  C   . LYS A 1 75  ? 8.388   3.566   14.400  1.00 36.20  ? 75   LYS A C   1 
ATOM   567  O  O   . LYS A 1 75  ? 7.942   3.353   15.540  1.00 35.69  ? 75   LYS A O   1 
ATOM   568  C  CB  . LYS A 1 75  ? 8.514   6.060   14.158  1.00 38.46  ? 75   LYS A CB  1 
ATOM   569  C  CG  . LYS A 1 75  ? 9.939   6.465   14.193  1.00 43.13  ? 75   LYS A CG  1 
ATOM   570  C  CD  . LYS A 1 75  ? 10.053  7.988   14.516  1.00 44.36  ? 75   LYS A CD  1 
ATOM   571  C  CE  . LYS A 1 75  ? 9.578   8.146   15.981  1.00 46.13  ? 75   LYS A CE  1 
ATOM   572  N  NZ  . LYS A 1 75  ? 9.995   9.440   16.572  1.00 46.57  ? 75   LYS A NZ  1 
ATOM   573  N  N   . THR A 1 76  ? 9.319   2.822   13.830  1.00 34.81  ? 76   THR A N   1 
ATOM   574  C  CA  . THR A 1 76  ? 9.997   1.723   14.478  1.00 34.23  ? 76   THR A CA  1 
ATOM   575  C  C   . THR A 1 76  ? 11.498  2.081   14.496  1.00 34.94  ? 76   THR A C   1 
ATOM   576  O  O   . THR A 1 76  ? 11.836  3.220   14.139  1.00 34.87  ? 76   THR A O   1 
ATOM   577  C  CB  . THR A 1 76  ? 9.851   0.368   13.796  1.00 34.39  ? 76   THR A CB  1 
ATOM   578  O  OG1 . THR A 1 76  ? 10.541  0.441   12.538  1.00 31.75  ? 76   THR A OG1 1 
ATOM   579  C  CG2 . THR A 1 76  ? 8.390   -0.021  13.604  1.00 34.38  ? 76   THR A CG2 1 
ATOM   580  N  N   . ASP A 1 77  ? 12.379  1.151   14.787  1.00 34.40  ? 77   ASP A N   1 
ATOM   581  C  CA  . ASP A 1 77  ? 13.800  1.438   14.934  1.00 36.32  ? 77   ASP A CA  1 
ATOM   582  C  C   . ASP A 1 77  ? 14.610  1.283   13.646  1.00 37.36  ? 77   ASP A C   1 
ATOM   583  O  O   . ASP A 1 77  ? 15.854  1.395   13.685  1.00 37.63  ? 77   ASP A O   1 
ATOM   584  C  CB  . ASP A 1 77  ? 14.441  0.578   16.036  1.00 34.70  ? 77   ASP A CB  1 
ATOM   585  C  CG  . ASP A 1 77  ? 14.035  1.074   17.425  1.00 35.37  ? 77   ASP A CG  1 
ATOM   586  O  OD1 . ASP A 1 77  ? 13.431  2.149   17.602  1.00 33.69  ? 77   ASP A OD1 1 
ATOM   587  O  OD2 . ASP A 1 77  ? 14.341  0.362   18.412  1.00 36.49  ? 77   ASP A OD2 1 
ATOM   588  N  N   . ILE A 1 78  ? 13.916  0.907   12.584  1.00 34.71  ? 78   ILE A N   1 
ATOM   589  C  CA  . ILE A 1 78  ? 14.491  0.839   11.249  1.00 34.26  ? 78   ILE A CA  1 
ATOM   590  C  C   . ILE A 1 78  ? 13.701  1.908   10.506  1.00 33.01  ? 78   ILE A C   1 
ATOM   591  O  O   . ILE A 1 78  ? 12.491  2.019   10.652  1.00 31.88  ? 78   ILE A O   1 
ATOM   592  C  CB  . ILE A 1 78  ? 14.401  -0.559  10.639  1.00 36.21  ? 78   ILE A CB  1 
ATOM   593  C  CG1 . ILE A 1 78  ? 15.504  -1.453  11.257  1.00 36.41  ? 78   ILE A CG1 1 
ATOM   594  C  CG2 . ILE A 1 78  ? 14.558  -0.554  9.121   1.00 34.28  ? 78   ILE A CG2 1 
ATOM   595  C  CD1 . ILE A 1 78  ? 15.277  -2.908  10.918  1.00 39.47  ? 78   ILE A CD1 1 
ATOM   596  N  N   . PRO A 1 79  ? 14.362  2.825   9.824   1.00 32.77  ? 79   PRO A N   1 
ATOM   597  C  CA  . PRO A 1 79  ? 13.698  3.935   9.151   1.00 31.58  ? 79   PRO A CA  1 
ATOM   598  C  C   . PRO A 1 79  ? 12.748  3.424   8.071   1.00 30.19  ? 79   PRO A C   1 
ATOM   599  O  O   . PRO A 1 79  ? 13.096  2.419   7.463   1.00 28.98  ? 79   PRO A O   1 
ATOM   600  C  CB  . PRO A 1 79  ? 14.803  4.770   8.516   1.00 30.31  ? 79   PRO A CB  1 
ATOM   601  C  CG  . PRO A 1 79  ? 15.986  3.880   8.517   1.00 30.75  ? 79   PRO A CG  1 
ATOM   602  C  CD  . PRO A 1 79  ? 15.827  2.845   9.611   1.00 32.00  ? 79   PRO A CD  1 
ATOM   603  N  N   . ALA A 1 80  ? 11.658  4.154   7.827   1.00 27.51  ? 80   ALA A N   1 
ATOM   604  C  CA  . ALA A 1 80  ? 10.762  3.852   6.724   1.00 28.48  ? 80   ALA A CA  1 
ATOM   605  C  C   . ALA A 1 80  ? 9.925   2.594   6.934   1.00 29.07  ? 80   ALA A C   1 
ATOM   606  O  O   . ALA A 1 80  ? 9.149   2.278   6.031   1.00 32.67  ? 80   ALA A O   1 
ATOM   607  C  CB  . ALA A 1 80  ? 11.461  3.778   5.364   1.00 24.17  ? 80   ALA A CB  1 
ATOM   608  N  N   . VAL A 1 81  ? 10.005  1.874   8.003   1.00 28.91  ? 81   VAL A N   1 
ATOM   609  C  CA  . VAL A 1 81  ? 9.266   0.687   8.354   1.00 31.18  ? 81   VAL A CA  1 
ATOM   610  C  C   . VAL A 1 81  ? 8.320   1.057   9.519   1.00 32.32  ? 81   VAL A C   1 
ATOM   611  O  O   . VAL A 1 81  ? 8.756   1.635   10.541  1.00 31.59  ? 81   VAL A O   1 
ATOM   612  C  CB  . VAL A 1 81  ? 10.153  -0.470  8.873   1.00 31.14  ? 81   VAL A CB  1 
ATOM   613  C  CG1 . VAL A 1 81  ? 9.272   -1.661  9.245   1.00 31.15  ? 81   VAL A CG1 1 
ATOM   614  C  CG2 . VAL A 1 81  ? 11.190  -0.884  7.811   1.00 29.27  ? 81   VAL A CG2 1 
ATOM   615  N  N   . PHE A 1 82  ? 7.028   0.924   9.251   1.00 31.56  ? 82   PHE A N   1 
ATOM   616  C  CA  . PHE A 1 82  ? 6.063   1.376   10.241  1.00 32.40  ? 82   PHE A CA  1 
ATOM   617  C  C   . PHE A 1 82  ? 5.285   0.195   10.814  1.00 33.41  ? 82   PHE A C   1 
ATOM   618  O  O   . PHE A 1 82  ? 5.069   -0.843  10.190  1.00 32.92  ? 82   PHE A O   1 
ATOM   619  C  CB  . PHE A 1 82  ? 5.119   2.427   9.657   1.00 31.83  ? 82   PHE A CB  1 
ATOM   620  C  CG  . PHE A 1 82  ? 5.811   3.646   9.113   1.00 28.54  ? 82   PHE A CG  1 
ATOM   621  C  CD1 . PHE A 1 82  ? 6.255   3.676   7.812   1.00 26.56  ? 82   PHE A CD1 1 
ATOM   622  C  CD2 . PHE A 1 82  ? 6.018   4.744   9.941   1.00 30.08  ? 82   PHE A CD2 1 
ATOM   623  C  CE1 . PHE A 1 82  ? 6.901   4.783   7.310   1.00 27.23  ? 82   PHE A CE1 1 
ATOM   624  C  CE2 . PHE A 1 82  ? 6.682   5.861   9.444   1.00 30.39  ? 82   PHE A CE2 1 
ATOM   625  C  CZ  . PHE A 1 82  ? 7.112   5.881   8.123   1.00 28.53  ? 82   PHE A CZ  1 
ATOM   626  N  N   . LYS A 1 83  ? 4.897   0.399   12.058  1.00 34.30  ? 83   LYS A N   1 
ATOM   627  C  CA  . LYS A 1 83  ? 4.141   -0.527  12.868  1.00 36.39  ? 83   LYS A CA  1 
ATOM   628  C  C   . LYS A 1 83  ? 2.660   -0.164  12.901  1.00 35.88  ? 83   LYS A C   1 
ATOM   629  O  O   . LYS A 1 83  ? 2.243   0.924   13.289  1.00 35.51  ? 83   LYS A O   1 
ATOM   630  C  CB  . LYS A 1 83  ? 4.655   -0.549  14.317  1.00 39.22  ? 83   LYS A CB  1 
ATOM   631  C  CG  . LYS A 1 83  ? 3.918   -1.554  15.218  1.00 43.48  ? 83   LYS A CG  1 
ATOM   632  C  CD  . LYS A 1 83  ? 4.638   -1.673  16.554  1.00 46.51  ? 83   LYS A CD  1 
ATOM   633  C  CE  . LYS A 1 83  ? 4.163   -2.810  17.437  1.00 51.26  ? 83   LYS A CE  1 
ATOM   634  N  NZ  . LYS A 1 83  ? 4.473   -4.204  16.977  1.00 52.73  ? 83   LYS A NZ  1 
ATOM   635  N  N   . ILE A 1 84  ? 1.840   -1.155  12.594  1.00 37.05  ? 84   ILE A N   1 
ATOM   636  C  CA  . ILE A 1 84  ? 0.390   -1.043  12.700  1.00 36.82  ? 84   ILE A CA  1 
ATOM   637  C  C   . ILE A 1 84  ? -0.123  -2.325  13.368  1.00 40.23  ? 84   ILE A C   1 
ATOM   638  O  O   . ILE A 1 84  ? 0.586   -3.306  13.628  1.00 40.10  ? 84   ILE A O   1 
ATOM   639  C  CB  . ILE A 1 84  ? -0.329  -0.879  11.347  1.00 35.63  ? 84   ILE A CB  1 
ATOM   640  C  CG1 . ILE A 1 84  ? 0.121   -1.977  10.396  1.00 33.33  ? 84   ILE A CG1 1 
ATOM   641  C  CG2 . ILE A 1 84  ? -0.143  0.494   10.682  1.00 32.50  ? 84   ILE A CG2 1 
ATOM   642  C  CD1 . ILE A 1 84  ? -0.731  -2.202  9.178   1.00 33.79  ? 84   ILE A CD1 1 
ATOM   643  N  N   . ASN A 1 85  ? -1.430  -2.312  13.640  1.00 42.62  ? 85   ASN A N   1 
ATOM   644  C  CA  . ASN A 1 85  ? -2.132  -3.472  14.166  1.00 43.11  ? 85   ASN A CA  1 
ATOM   645  C  C   . ASN A 1 85  ? -3.523  -3.500  13.517  1.00 42.79  ? 85   ASN A C   1 
ATOM   646  O  O   . ASN A 1 85  ? -4.503  -3.122  14.150  1.00 42.65  ? 85   ASN A O   1 
ATOM   647  C  CB  . ASN A 1 85  ? -2.246  -3.423  15.678  1.00 44.93  ? 85   ASN A CB  1 
ATOM   648  C  CG  . ASN A 1 85  ? -2.855  -4.717  16.209  1.00 46.99  ? 85   ASN A CG  1 
ATOM   649  O  OD1 . ASN A 1 85  ? -2.636  -5.797  15.676  1.00 48.31  ? 85   ASN A OD1 1 
ATOM   650  N  ND2 . ASN A 1 85  ? -3.632  -4.631  17.271  1.00 48.46  ? 85   ASN A ND2 1 
ATOM   651  N  N   . ALA A 1 86  ? -3.601  -3.766  12.216  1.00 40.31  ? 86   ALA A N   1 
ATOM   652  C  CA  . ALA A 1 86  ? -4.848  -3.558  11.526  1.00 39.05  ? 86   ALA A CA  1 
ATOM   653  C  C   . ALA A 1 86  ? -4.790  -4.311  10.206  1.00 39.96  ? 86   ALA A C   1 
ATOM   654  O  O   . ALA A 1 86  ? -3.715  -4.810  9.902   1.00 40.31  ? 86   ALA A O   1 
ATOM   655  C  CB  . ALA A 1 86  ? -5.105  -2.085  11.237  1.00 38.49  ? 86   ALA A CB  1 
ATOM   656  N  N   . LEU A 1 87  ? -5.978  -4.584  9.674   1.00 38.89  ? 87   LEU A N   1 
ATOM   657  C  CA  . LEU A 1 87  ? -6.118  -5.278  8.416   1.00 39.71  ? 87   LEU A CA  1 
ATOM   658  C  C   . LEU A 1 87  ? -5.377  -6.593  8.313   1.00 40.28  ? 87   LEU A C   1 
ATOM   659  O  O   . LEU A 1 87  ? -4.926  -6.967  7.224   1.00 39.54  ? 87   LEU A O   1 
ATOM   660  C  CB  . LEU A 1 87  ? -5.708  -4.302  7.303   1.00 39.14  ? 87   LEU A CB  1 
ATOM   661  C  CG  . LEU A 1 87  ? -6.563  -3.016  7.301   1.00 38.34  ? 87   LEU A CG  1 
ATOM   662  C  CD1 . LEU A 1 87  ? -5.933  -2.051  6.322   1.00 38.65  ? 87   LEU A CD1 1 
ATOM   663  C  CD2 . LEU A 1 87  ? -8.005  -3.391  6.942   1.00 37.89  ? 87   LEU A CD2 1 
ATOM   664  N  N   . ASP A 1 88  ? -5.255  -7.346  9.410   1.00 40.77  ? 88   ASP A N   1 
ATOM   665  C  CA  . ASP A 1 88  ? -4.510  -8.588  9.408   1.00 43.02  ? 88   ASP A CA  1 
ATOM   666  C  C   . ASP A 1 88  ? -2.995  -8.338  9.402   1.00 41.04  ? 88   ASP A C   1 
ATOM   667  O  O   . ASP A 1 88  ? -2.257  -9.311  9.242   1.00 39.40  ? 88   ASP A O   1 
ATOM   668  C  CB  . ASP A 1 88  ? -4.787  -9.454  8.182   1.00 48.06  ? 88   ASP A CB  1 
ATOM   669  C  CG  . ASP A 1 88  ? -6.198  -9.897  7.860   1.00 52.91  ? 88   ASP A CG  1 
ATOM   670  O  OD1 . ASP A 1 88  ? -7.062  -9.771  8.775   1.00 54.94  ? 88   ASP A OD1 1 
ATOM   671  O  OD2 . ASP A 1 88  ? -6.475  -10.365 6.719   1.00 54.17  ? 88   ASP A OD2 1 
ATOM   672  N  N   . GLU A 1 89  ? -2.507  -7.103  9.486   1.00 38.62  ? 89   GLU A N   1 
ATOM   673  C  CA  . GLU A 1 89  ? -1.094  -6.821  9.251   1.00 37.75  ? 89   GLU A CA  1 
ATOM   674  C  C   . GLU A 1 89  ? -0.416  -6.140  10.422  1.00 36.31  ? 89   GLU A C   1 
ATOM   675  O  O   . GLU A 1 89  ? -1.142  -5.646  11.264  1.00 35.80  ? 89   GLU A O   1 
ATOM   676  C  CB  . GLU A 1 89  ? -0.970  -5.902  8.018   1.00 36.29  ? 89   GLU A CB  1 
ATOM   677  C  CG  . GLU A 1 89  ? -1.703  -6.386  6.787   1.00 35.29  ? 89   GLU A CG  1 
ATOM   678  C  CD  . GLU A 1 89  ? -1.000  -7.533  6.111   1.00 35.71  ? 89   GLU A CD  1 
ATOM   679  O  OE1 . GLU A 1 89  ? -0.197  -8.256  6.725   1.00 35.40  ? 89   GLU A OE1 1 
ATOM   680  O  OE2 . GLU A 1 89  ? -1.197  -7.743  4.901   1.00 36.44  ? 89   GLU A OE2 1 
ATOM   681  N  N   . ASN A 1 90  ? 0.921   -6.105  10.471  1.00 36.86  ? 90   ASN A N   1 
ATOM   682  C  CA  . ASN A 1 90  ? 1.560   -5.392  11.586  1.00 37.21  ? 90   ASN A CA  1 
ATOM   683  C  C   . ASN A 1 90  ? 2.748   -4.556  11.104  1.00 36.26  ? 90   ASN A C   1 
ATOM   684  O  O   . ASN A 1 90  ? 3.361   -3.839  11.918  1.00 34.77  ? 90   ASN A O   1 
ATOM   685  C  CB  . ASN A 1 90  ? 1.940   -6.266  12.783  1.00 36.62  ? 90   ASN A CB  1 
ATOM   686  C  CG  . ASN A 1 90  ? 2.946   -7.331  12.497  1.00 36.27  ? 90   ASN A CG  1 
ATOM   687  O  OD1 . ASN A 1 90  ? 3.393   -7.563  11.376  1.00 36.00  ? 90   ASN A OD1 1 
ATOM   688  N  ND2 . ASN A 1 90  ? 3.341   -8.134  13.510  1.00 37.66  ? 90   ASN A ND2 1 
ATOM   689  N  N   . GLN A 1 91  ? 3.017   -4.599  9.800   1.00 34.54  ? 91   GLN A N   1 
ATOM   690  C  CA  . GLN A 1 91  ? 4.128   -3.794  9.290   1.00 33.92  ? 91   GLN A CA  1 
ATOM   691  C  C   . GLN A 1 91  ? 3.684   -3.085  8.021   1.00 34.34  ? 91   GLN A C   1 
ATOM   692  O  O   . GLN A 1 91  ? 2.903   -3.590  7.184   1.00 33.25  ? 91   GLN A O   1 
ATOM   693  C  CB  . GLN A 1 91  ? 5.387   -4.602  9.126   1.00 35.47  ? 91   GLN A CB  1 
ATOM   694  C  CG  . GLN A 1 91  ? 6.261   -4.964  10.301  1.00 35.90  ? 91   GLN A CG  1 
ATOM   695  C  CD  . GLN A 1 91  ? 7.243   -6.077  9.920   1.00 39.95  ? 91   GLN A CD  1 
ATOM   696  O  OE1 . GLN A 1 91  ? 6.890   -6.961  9.132   1.00 38.56  ? 91   GLN A OE1 1 
ATOM   697  N  NE2 . GLN A 1 91  ? 8.506   -6.044  10.376  1.00 40.02  ? 91   GLN A NE2 1 
ATOM   698  N  N   . LEU A 1 92  ? 4.107   -1.808  7.934   1.00 32.57  ? 92   LEU A N   1 
ATOM   699  C  CA  . LEU A 1 92  ? 3.705   -1.040  6.743   1.00 30.15  ? 92   LEU A CA  1 
ATOM   700  C  C   . LEU A 1 92  ? 4.856   -0.213  6.192   1.00 31.29  ? 92   LEU A C   1 
ATOM   701  O  O   . LEU A 1 92  ? 5.647   0.378   6.939   1.00 31.41  ? 92   LEU A O   1 
ATOM   702  C  CB  . LEU A 1 92  ? 2.492   -0.271  7.142   1.00 29.57  ? 92   LEU A CB  1 
ATOM   703  C  CG  . LEU A 1 92  ? 1.850   0.996   6.630   1.00 33.96  ? 92   LEU A CG  1 
ATOM   704  C  CD1 . LEU A 1 92  ? 2.628   1.760   5.571   1.00 32.59  ? 92   LEU A CD1 1 
ATOM   705  C  CD2 . LEU A 1 92  ? 0.365   0.889   6.267   1.00 31.19  ? 92   LEU A CD2 1 
ATOM   706  N  N   . PHE A 1 93  ? 4.905   -0.095  4.849   1.00 29.42  ? 93   PHE A N   1 
ATOM   707  C  CA  . PHE A 1 93  ? 5.949   0.734   4.258   1.00 28.45  ? 93   PHE A CA  1 
ATOM   708  C  C   . PHE A 1 93  ? 5.458   1.344   2.951   1.00 28.95  ? 93   PHE A C   1 
ATOM   709  O  O   . PHE A 1 93  ? 4.618   0.763   2.230   1.00 28.72  ? 93   PHE A O   1 
ATOM   710  C  CB  . PHE A 1 93  ? 7.215   -0.109  4.091   1.00 27.75  ? 93   PHE A CB  1 
ATOM   711  C  CG  . PHE A 1 93  ? 7.135   -1.300  3.168   1.00 26.57  ? 93   PHE A CG  1 
ATOM   712  C  CD1 . PHE A 1 93  ? 7.306   -1.183  1.808   1.00 27.37  ? 93   PHE A CD1 1 
ATOM   713  C  CD2 . PHE A 1 93  ? 6.900   -2.573  3.644   1.00 28.68  ? 93   PHE A CD2 1 
ATOM   714  C  CE1 . PHE A 1 93  ? 7.261   -2.286  0.947   1.00 25.62  ? 93   PHE A CE1 1 
ATOM   715  C  CE2 . PHE A 1 93  ? 6.839   -3.704  2.835   1.00 26.58  ? 93   PHE A CE2 1 
ATOM   716  C  CZ  . PHE A 1 93  ? 7.025   -3.551  1.477   1.00 25.27  ? 93   PHE A CZ  1 
ATOM   717  N  N   . LEU A 1 94  ? 6.068   2.485   2.602   1.00 28.84  ? 94   LEU A N   1 
ATOM   718  C  CA  . LEU A 1 94  ? 5.855   3.176   1.342   1.00 28.29  ? 94   LEU A CA  1 
ATOM   719  C  C   . LEU A 1 94  ? 7.029   2.945   0.416   1.00 28.90  ? 94   LEU A C   1 
ATOM   720  O  O   . LEU A 1 94  ? 8.152   3.007   0.926   1.00 28.58  ? 94   LEU A O   1 
ATOM   721  C  CB  . LEU A 1 94  ? 5.692   4.692   1.523   1.00 26.97  ? 94   LEU A CB  1 
ATOM   722  C  CG  . LEU A 1 94  ? 4.423   5.115   2.277   1.00 26.71  ? 94   LEU A CG  1 
ATOM   723  C  CD1 . LEU A 1 94  ? 4.365   6.630   2.433   1.00 25.39  ? 94   LEU A CD1 1 
ATOM   724  C  CD2 . LEU A 1 94  ? 3.188   4.616   1.530   1.00 25.95  ? 94   LEU A CD2 1 
ATOM   725  N  N   . LEU A 1 95  ? 6.787   2.697   -0.860  1.00 30.54  ? 95   LEU A N   1 
ATOM   726  C  CA  . LEU A 1 95  ? 7.862   2.396   -1.784  1.00 33.29  ? 95   LEU A CA  1 
ATOM   727  C  C   . LEU A 1 95  ? 7.582   3.349   -2.964  1.00 34.13  ? 95   LEU A C   1 
ATOM   728  O  O   . LEU A 1 95  ? 6.606   3.230   -3.694  1.00 33.89  ? 95   LEU A O   1 
ATOM   729  C  CB  . LEU A 1 95  ? 7.976   1.037   -2.429  1.00 34.39  ? 95   LEU A CB  1 
ATOM   730  C  CG  . LEU A 1 95  ? 9.224   0.259   -2.778  1.00 35.68  ? 95   LEU A CG  1 
ATOM   731  C  CD1 . LEU A 1 95  ? 8.927   -0.904  -3.730  1.00 34.61  ? 95   LEU A CD1 1 
ATOM   732  C  CD2 . LEU A 1 95  ? 10.416  1.068   -3.230  1.00 32.81  ? 95   LEU A CD2 1 
ATOM   733  N  N   . ASP A 1 96  ? 8.525   4.241   -3.103  1.00 36.58  ? 96   ASP A N   1 
ATOM   734  C  CA  . ASP A 1 96  ? 8.467   5.272   -4.114  1.00 41.29  ? 96   ASP A CA  1 
ATOM   735  C  C   . ASP A 1 96  ? 9.289   4.839   -5.325  1.00 44.32  ? 96   ASP A C   1 
ATOM   736  O  O   . ASP A 1 96  ? 10.413  4.365   -5.116  1.00 43.03  ? 96   ASP A O   1 
ATOM   737  C  CB  . ASP A 1 96  ? 8.952   6.539   -3.435  1.00 43.18  ? 96   ASP A CB  1 
ATOM   738  C  CG  . ASP A 1 96  ? 8.737   7.622   -4.480  1.00 47.81  ? 96   ASP A CG  1 
ATOM   739  O  OD1 . ASP A 1 96  ? 7.580   8.009   -4.649  1.00 47.48  ? 96   ASP A OD1 1 
ATOM   740  O  OD2 . ASP A 1 96  ? 9.830   7.878   -5.049  1.00 52.29  ? 96   ASP A OD2 1 
ATOM   741  N  N   . THR A 1 97  ? 8.589   4.657   -6.436  1.00 48.33  ? 97   THR A N   1 
ATOM   742  C  CA  . THR A 1 97  ? 9.088   3.998   -7.615  1.00 56.20  ? 97   THR A CA  1 
ATOM   743  C  C   . THR A 1 97  ? 8.931   4.798   -8.905  1.00 62.67  ? 97   THR A C   1 
ATOM   744  O  O   . THR A 1 97  ? 8.258   5.809   -8.987  1.00 61.72  ? 97   THR A O   1 
ATOM   745  C  CB  . THR A 1 97  ? 8.341   2.675   -7.949  1.00 54.98  ? 97   THR A CB  1 
ATOM   746  O  OG1 . THR A 1 97  ? 7.067   2.983   -8.550  1.00 53.16  ? 97   THR A OG1 1 
ATOM   747  C  CG2 . THR A 1 97  ? 8.112   1.808   -6.716  1.00 53.29  ? 97   THR A CG2 1 
ATOM   748  N  N   . ASP A 1 98  ? 9.595   4.257   -9.924  1.00 73.03  ? 98   ASP A N   1 
ATOM   749  C  CA  . ASP A 1 98  ? 9.538   4.841   -11.268 1.00 82.99  ? 98   ASP A CA  1 
ATOM   750  C  C   . ASP A 1 98  ? 9.816   6.336   -11.195 1.00 88.33  ? 98   ASP A C   1 
ATOM   751  O  O   . ASP A 1 98  ? 9.025   7.188   -11.584 1.00 87.42  ? 98   ASP A O   1 
ATOM   752  C  CB  . ASP A 1 98  ? 8.182   4.494   -11.891 1.00 84.56  ? 98   ASP A CB  1 
ATOM   753  C  CG  . ASP A 1 98  ? 8.223   3.090   -12.473 1.00 86.60  ? 98   ASP A CG  1 
ATOM   754  O  OD1 . ASP A 1 98  ? 8.102   2.062   -11.766 1.00 86.38  ? 98   ASP A OD1 1 
ATOM   755  O  OD2 . ASP A 1 98  ? 8.410   3.039   -13.717 1.00 87.88  ? 98   ASP A OD2 1 
ATOM   756  N  N   . TYR A 1 99  ? 11.008  6.641   -10.666 1.00 95.10  ? 99   TYR A N   1 
ATOM   757  C  CA  . TYR A 1 99  ? 11.419  8.007   -10.391 1.00 101.05 ? 99   TYR A CA  1 
ATOM   758  C  C   . TYR A 1 99  ? 10.323  8.785   -9.682  1.00 100.70 ? 99   TYR A C   1 
ATOM   759  O  O   . TYR A 1 99  ? 9.579   9.531   -10.337 1.00 101.43 ? 99   TYR A O   1 
ATOM   760  C  CB  . TYR A 1 99  ? 11.775  8.778   -11.663 1.00 107.27 ? 99   TYR A CB  1 
ATOM   761  C  CG  . TYR A 1 99  ? 12.931  8.211   -12.445 1.00 112.91 ? 99   TYR A CG  1 
ATOM   762  C  CD1 . TYR A 1 99  ? 14.235  8.585   -12.141 1.00 115.31 ? 99   TYR A CD1 1 
ATOM   763  C  CD2 . TYR A 1 99  ? 12.718  7.315   -13.483 1.00 114.96 ? 99   TYR A CD2 1 
ATOM   764  C  CE1 . TYR A 1 99  ? 15.305  8.075   -12.854 1.00 117.32 ? 99   TYR A CE1 1 
ATOM   765  C  CE2 . TYR A 1 99  ? 13.782  6.801   -14.202 1.00 117.09 ? 99   TYR A CE2 1 
ATOM   766  C  CZ  . TYR A 1 99  ? 15.068  7.186   -13.883 1.00 117.98 ? 99   TYR A CZ  1 
ATOM   767  O  OH  . TYR A 1 99  ? 16.109  6.655   -14.615 1.00 119.16 ? 99   TYR A OH  1 
ATOM   768  N  N   . ASP A 1 100 ? 10.060  8.606   -8.405  1.00 98.72  ? 100  ASP A N   1 
ATOM   769  C  CA  . ASP A 1 100 ? 9.065   9.232   -7.571  1.00 96.13  ? 100  ASP A CA  1 
ATOM   770  C  C   . ASP A 1 100 ? 7.695   9.594   -8.142  1.00 91.20  ? 100  ASP A C   1 
ATOM   771  O  O   . ASP A 1 100 ? 6.920   10.315  -7.491  1.00 90.45  ? 100  ASP A O   1 
ATOM   772  C  CB  . ASP A 1 100 ? 9.591   10.508  -6.885  1.00 99.05  ? 100  ASP A CB  1 
ATOM   773  C  CG  . ASP A 1 100 ? 10.955  10.467  -6.251  1.00 100.92 ? 100  ASP A CG  1 
ATOM   774  O  OD1 . ASP A 1 100 ? 11.518  9.389   -5.950  1.00 101.43 ? 100  ASP A OD1 1 
ATOM   775  O  OD2 . ASP A 1 100 ? 11.524  11.573  -6.030  1.00 101.96 ? 100  ASP A OD2 1 
ATOM   776  N  N   . SER A 1 101 ? 7.251   8.969   -9.209  1.00 85.07  ? 101  SER A N   1 
ATOM   777  C  CA  . SER A 1 101 ? 6.017   9.217   -9.912  1.00 78.39  ? 101  SER A CA  1 
ATOM   778  C  C   . SER A 1 101 ? 5.024   8.098   -9.654  1.00 72.86  ? 101  SER A C   1 
ATOM   779  O  O   . SER A 1 101 ? 3.937   8.094   -10.234 1.00 72.73  ? 101  SER A O   1 
ATOM   780  C  CB  . SER A 1 101 ? 6.312   9.263   -11.420 1.00 78.16  ? 101  SER A CB  1 
ATOM   781  O  OG  . SER A 1 101 ? 6.712   7.947   -11.789 1.00 77.92  ? 101  SER A OG  1 
ATOM   782  N  N   . HIS A 1 102 ? 5.408   7.079   -8.890  1.00 65.34  ? 102  HIS A N   1 
ATOM   783  C  CA  . HIS A 1 102 ? 4.521   5.998   -8.525  1.00 58.88  ? 102  HIS A CA  1 
ATOM   784  C  C   . HIS A 1 102 ? 4.719   5.522   -7.083  1.00 51.80  ? 102  HIS A C   1 
ATOM   785  O  O   . HIS A 1 102 ? 5.611   4.721   -6.806  1.00 48.58  ? 102  HIS A O   1 
ATOM   786  C  CB  . HIS A 1 102 ? 4.659   4.779   -9.476  1.00 60.99  ? 102  HIS A CB  1 
ATOM   787  C  CG  . HIS A 1 102 ? 3.856   5.057   -10.719 1.00 63.08  ? 102  HIS A CG  1 
ATOM   788  N  ND1 . HIS A 1 102 ? 2.539   5.474   -10.610 1.00 63.00  ? 102  HIS A ND1 1 
ATOM   789  C  CD2 . HIS A 1 102 ? 4.189   5.133   -12.030 1.00 63.08  ? 102  HIS A CD2 1 
ATOM   790  C  CE1 . HIS A 1 102 ? 2.084   5.699   -11.824 1.00 63.13  ? 102  HIS A CE1 1 
ATOM   791  N  NE2 . HIS A 1 102 ? 3.050   5.503   -12.702 1.00 62.65  ? 102  HIS A NE2 1 
ATOM   792  N  N   . LEU A 1 103 ? 3.761   5.834   -6.216  1.00 44.18  ? 103  LEU A N   1 
ATOM   793  C  CA  . LEU A 1 103 ? 3.844   5.405   -4.833  1.00 39.54  ? 103  LEU A CA  1 
ATOM   794  C  C   . LEU A 1 103 ? 3.196   4.057   -4.588  1.00 37.47  ? 103  LEU A C   1 
ATOM   795  O  O   . LEU A 1 103 ? 2.037   3.868   -4.935  1.00 38.82  ? 103  LEU A O   1 
ATOM   796  C  CB  . LEU A 1 103 ? 3.238   6.465   -3.917  1.00 38.09  ? 103  LEU A CB  1 
ATOM   797  C  CG  . LEU A 1 103 ? 3.656   6.531   -2.469  1.00 37.38  ? 103  LEU A CG  1 
ATOM   798  C  CD1 . LEU A 1 103 ? 5.181   6.554   -2.279  1.00 36.65  ? 103  LEU A CD1 1 
ATOM   799  C  CD2 . LEU A 1 103 ? 3.057   7.778   -1.815  1.00 37.17  ? 103  LEU A CD2 1 
ATOM   800  N  N   . LEU A 1 104 ? 3.910   3.134   -3.961  1.00 33.84  ? 104  LEU A N   1 
ATOM   801  C  CA  . LEU A 1 104 ? 3.370   1.891   -3.502  1.00 33.55  ? 104  LEU A CA  1 
ATOM   802  C  C   . LEU A 1 104 ? 3.220   1.949   -1.965  1.00 31.99  ? 104  LEU A C   1 
ATOM   803  O  O   . LEU A 1 104 ? 4.072   2.481   -1.276  1.00 29.84  ? 104  LEU A O   1 
ATOM   804  C  CB  . LEU A 1 104 ? 4.231   0.653   -3.779  1.00 35.09  ? 104  LEU A CB  1 
ATOM   805  C  CG  . LEU A 1 104 ? 4.207   0.121   -5.216  1.00 36.80  ? 104  LEU A CG  1 
ATOM   806  C  CD1 . LEU A 1 104 ? 4.865   1.102   -6.160  1.00 35.83  ? 104  LEU A CD1 1 
ATOM   807  C  CD2 . LEU A 1 104 ? 4.981   -1.202  -5.296  1.00 37.02  ? 104  LEU A CD2 1 
ATOM   808  N  N   . LEU A 1 105 ? 2.102   1.403   -1.498  1.00 30.55  ? 105  LEU A N   1 
ATOM   809  C  CA  . LEU A 1 105 ? 1.812   1.290   -0.092  1.00 31.65  ? 105  LEU A CA  1 
ATOM   810  C  C   . LEU A 1 105 ? 1.725   -0.236  0.140   1.00 32.76  ? 105  LEU A C   1 
ATOM   811  O  O   . LEU A 1 105 ? 0.932   -0.847  -0.560  1.00 33.18  ? 105  LEU A O   1 
ATOM   812  C  CB  . LEU A 1 105 ? 0.596   2.014   0.459   1.00 29.38  ? 105  LEU A CB  1 
ATOM   813  C  CG  . LEU A 1 105 ? 0.440   1.848   1.980   1.00 30.10  ? 105  LEU A CG  1 
ATOM   814  C  CD1 . LEU A 1 105 ? -0.275  3.033   2.606   1.00 29.36  ? 105  LEU A CD1 1 
ATOM   815  C  CD2 . LEU A 1 105 ? -0.343  0.573   2.332   1.00 31.15  ? 105  LEU A CD2 1 
ATOM   816  N  N   . CYS A 1 106 ? 2.536   -0.790  1.029   1.00 32.49  ? 106  CYS A N   1 
ATOM   817  C  CA  . CYS A 1 106 ? 2.583   -2.238  1.217   1.00 31.35  ? 106  CYS A CA  1 
ATOM   818  C  C   . CYS A 1 106 ? 2.423   -2.591  2.692   1.00 30.75  ? 106  CYS A C   1 
ATOM   819  O  O   . CYS A 1 106 ? 2.823   -1.824  3.592   1.00 29.89  ? 106  CYS A O   1 
ATOM   820  C  CB  . CYS A 1 106 ? 3.853   -2.921  0.686   1.00 27.35  ? 106  CYS A CB  1 
ATOM   821  S  SG  . CYS A 1 106 ? 4.273   -2.704  -1.037  1.00 26.24  ? 106  CYS A SG  1 
ATOM   822  N  N   . MET A 1 107 ? 1.758   -3.722  2.949   1.00 31.18  ? 107  MET A N   1 
ATOM   823  C  CA  . MET A 1 107 ? 1.552   -4.146  4.348   1.00 31.90  ? 107  MET A CA  1 
ATOM   824  C  C   . MET A 1 107 ? 1.956   -5.615  4.467   1.00 33.76  ? 107  MET A C   1 
ATOM   825  O  O   . MET A 1 107 ? 1.911   -6.374  3.490   1.00 34.74  ? 107  MET A O   1 
ATOM   826  C  CB  . MET A 1 107 ? 0.176   -3.872  4.892   1.00 30.34  ? 107  MET A CB  1 
ATOM   827  C  CG  . MET A 1 107 ? -0.197  -2.402  5.046   1.00 31.08  ? 107  MET A CG  1 
ATOM   828  S  SD  . MET A 1 107 ? -1.972  -2.150  5.368   1.00 30.73  ? 107  MET A SD  1 
ATOM   829  C  CE  . MET A 1 107 ? -2.515  -2.709  3.730   1.00 32.83  ? 107  MET A CE  1 
ATOM   830  N  N   . GLU A 1 108 ? 2.427   -5.976  5.650   1.00 35.41  ? 108  GLU A N   1 
ATOM   831  C  CA  . GLU A 1 108 ? 2.902   -7.303  5.960   1.00 37.79  ? 108  GLU A CA  1 
ATOM   832  C  C   . GLU A 1 108 ? 2.672   -7.649  7.440   1.00 38.03  ? 108  GLU A C   1 
ATOM   833  O  O   . GLU A 1 108 ? 2.432   -6.816  8.304   1.00 36.40  ? 108  GLU A O   1 
ATOM   834  C  CB  . GLU A 1 108 ? 4.408   -7.417  5.790   1.00 40.48  ? 108  GLU A CB  1 
ATOM   835  C  CG  . GLU A 1 108 ? 5.052   -8.110  4.643   1.00 44.29  ? 108  GLU A CG  1 
ATOM   836  C  CD  . GLU A 1 108 ? 6.580   -7.931  4.687   1.00 45.13  ? 108  GLU A CD  1 
ATOM   837  O  OE1 . GLU A 1 108 ? 7.255   -8.526  5.552   1.00 44.64  ? 108  GLU A OE1 1 
ATOM   838  O  OE2 . GLU A 1 108 ? 7.100   -7.233  3.799   1.00 44.74  ? 108  GLU A OE2 1 
ATOM   839  N  N   . ASN A 1 109 ? 2.723   -8.961  7.669   1.00 39.28  ? 109  ASN A N   1 
ATOM   840  C  CA  . ASN A 1 109 ? 2.532   -9.511  9.009   1.00 40.21  ? 109  ASN A CA  1 
ATOM   841  C  C   . ASN A 1 109 ? 3.814   -10.239 9.374   1.00 40.08  ? 109  ASN A C   1 
ATOM   842  O  O   . ASN A 1 109 ? 4.177   -11.153 8.625   1.00 38.23  ? 109  ASN A O   1 
ATOM   843  C  CB  . ASN A 1 109 ? 1.321   -10.466 9.065   1.00 39.33  ? 109  ASN A CB  1 
ATOM   844  C  CG  . ASN A 1 109 ? 0.909   -10.531 10.548  1.00 40.16  ? 109  ASN A CG  1 
ATOM   845  O  OD1 . ASN A 1 109 ? 1.754   -10.861 11.381  1.00 39.53  ? 109  ASN A OD1 1 
ATOM   846  N  ND2 . ASN A 1 109 ? -0.316  -10.140 10.872  1.00 39.07  ? 109  ASN A ND2 1 
ATOM   847  N  N   . SER A 1 110 ? 4.576   -9.737  10.352  1.00 41.46  ? 110  SER A N   1 
ATOM   848  C  CA  . SER A 1 110 ? 5.890   -10.430 10.555  1.00 44.17  ? 110  SER A CA  1 
ATOM   849  C  C   . SER A 1 110 ? 5.778   -11.907 10.892  1.00 46.58  ? 110  SER A C   1 
ATOM   850  O  O   . SER A 1 110 ? 6.678   -12.673 10.509  1.00 48.50  ? 110  SER A O   1 
ATOM   851  C  CB  . SER A 1 110 ? 6.752   -9.709  11.580  1.00 40.33  ? 110  SER A CB  1 
ATOM   852  O  OG  . SER A 1 110 ? 5.919   -9.439  12.697  1.00 40.62  ? 110  SER A OG  1 
ATOM   853  N  N   . ALA A 1 111 ? 4.687   -12.412 11.451  1.00 48.18  ? 111  ALA A N   1 
ATOM   854  C  CA  . ALA A 1 111 ? 4.538   -13.853 11.640  1.00 51.34  ? 111  ALA A CA  1 
ATOM   855  C  C   . ALA A 1 111 ? 4.668   -14.671 10.364  1.00 52.83  ? 111  ALA A C   1 
ATOM   856  O  O   . ALA A 1 111 ? 4.981   -15.865 10.459  1.00 54.93  ? 111  ALA A O   1 
ATOM   857  C  CB  . ALA A 1 111 ? 3.174   -14.122 12.289  1.00 50.13  ? 111  ALA A CB  1 
ATOM   858  N  N   . SER A 1 112 ? 4.375   -14.165 9.170   1.00 53.02  ? 112  SER A N   1 
ATOM   859  C  CA  . SER A 1 112 ? 4.366   -14.893 7.926   1.00 51.76  ? 112  SER A CA  1 
ATOM   860  C  C   . SER A 1 112 ? 4.333   -13.888 6.771   1.00 52.35  ? 112  SER A C   1 
ATOM   861  O  O   . SER A 1 112 ? 3.372   -13.756 5.996   1.00 50.27  ? 112  SER A O   1 
ATOM   862  C  CB  . SER A 1 112 ? 3.141   -15.819 7.833   1.00 51.71  ? 112  SER A CB  1 
ATOM   863  O  OG  . SER A 1 112 ? 3.163   -16.594 6.629   1.00 50.47  ? 112  SER A OG  1 
ATOM   864  N  N   . PRO A 1 113 ? 5.471   -13.221 6.604   1.00 53.12  ? 113  PRO A N   1 
ATOM   865  C  CA  . PRO A 1 113 ? 5.677   -12.233 5.558   1.00 53.07  ? 113  PRO A CA  1 
ATOM   866  C  C   . PRO A 1 113 ? 5.268   -12.734 4.191   1.00 52.62  ? 113  PRO A C   1 
ATOM   867  O  O   . PRO A 1 113 ? 4.474   -12.085 3.504   1.00 51.67  ? 113  PRO A O   1 
ATOM   868  C  CB  . PRO A 1 113 ? 7.156   -11.864 5.618   1.00 53.01  ? 113  PRO A CB  1 
ATOM   869  C  CG  . PRO A 1 113 ? 7.655   -12.337 6.911   1.00 52.94  ? 113  PRO A CG  1 
ATOM   870  C  CD  . PRO A 1 113 ? 6.693   -13.375 7.438   1.00 53.64  ? 113  PRO A CD  1 
ATOM   871  N  N   . GLU A 1 114 ? 5.639   -13.962 3.861   1.00 53.76  ? 114  GLU A N   1 
ATOM   872  C  CA  . GLU A 1 114 ? 5.319   -14.577 2.581   1.00 56.02  ? 114  GLU A CA  1 
ATOM   873  C  C   . GLU A 1 114 ? 3.839   -14.807 2.331   1.00 54.52  ? 114  GLU A C   1 
ATOM   874  O  O   . GLU A 1 114 ? 3.393   -14.871 1.181   1.00 54.89  ? 114  GLU A O   1 
ATOM   875  C  CB  . GLU A 1 114 ? 6.074   -15.912 2.465   1.00 59.49  ? 114  GLU A CB  1 
ATOM   876  C  CG  . GLU A 1 114 ? 7.570   -15.763 2.385   1.00 64.21  ? 114  GLU A CG  1 
ATOM   877  C  CD  . GLU A 1 114 ? 8.357   -15.664 3.680   1.00 66.58  ? 114  GLU A CD  1 
ATOM   878  O  OE1 . GLU A 1 114 ? 7.826   -15.886 4.799   1.00 67.13  ? 114  GLU A OE1 1 
ATOM   879  O  OE2 . GLU A 1 114 ? 9.581   -15.366 3.558   1.00 67.00  ? 114  GLU A OE2 1 
ATOM   880  N  N   . HIS A 1 115 ? 3.009   -14.958 3.350   1.00 54.06  ? 115  HIS A N   1 
ATOM   881  C  CA  . HIS A 1 115 ? 1.584   -15.171 3.127   1.00 54.12  ? 115  HIS A CA  1 
ATOM   882  C  C   . HIS A 1 115 ? 0.737   -13.913 3.259   1.00 51.77  ? 115  HIS A C   1 
ATOM   883  O  O   . HIS A 1 115 ? -0.211  -13.782 2.490   1.00 52.43  ? 115  HIS A O   1 
ATOM   884  C  CB  . HIS A 1 115 ? 1.073   -16.303 4.053   1.00 56.56  ? 115  HIS A CB  1 
ATOM   885  C  CG  . HIS A 1 115 ? 1.751   -17.576 3.620   1.00 59.77  ? 115  HIS A CG  1 
ATOM   886  N  ND1 . HIS A 1 115 ? 2.298   -18.491 4.481   1.00 61.37  ? 115  HIS A ND1 1 
ATOM   887  C  CD2 . HIS A 1 115 ? 2.063   -18.009 2.366   1.00 60.29  ? 115  HIS A CD2 1 
ATOM   888  C  CE1 . HIS A 1 115 ? 2.880   -19.455 3.782   1.00 61.08  ? 115  HIS A CE1 1 
ATOM   889  N  NE2 . HIS A 1 115 ? 2.761   -19.179 2.492   1.00 60.57  ? 115  HIS A NE2 1 
ATOM   890  N  N   . SER A 1 116 ? 1.201   -12.889 3.963   1.00 46.89  ? 116  SER A N   1 
ATOM   891  C  CA  . SER A 1 116 ? 0.422   -11.720 4.264   1.00 42.80  ? 116  SER A CA  1 
ATOM   892  C  C   . SER A 1 116 ? 0.731   -10.452 3.476   1.00 41.06  ? 116  SER A C   1 
ATOM   893  O  O   . SER A 1 116 ? -0.010  -9.491  3.701   1.00 41.82  ? 116  SER A O   1 
ATOM   894  C  CB  . SER A 1 116 ? 0.693   -11.360 5.748   1.00 42.19  ? 116  SER A CB  1 
ATOM   895  O  OG  . SER A 1 116 ? 2.090   -11.014 5.899   1.00 40.50  ? 116  SER A OG  1 
ATOM   896  N  N   . LEU A 1 117 ? 1.758   -10.395 2.672   1.00 37.95  ? 117  LEU A N   1 
ATOM   897  C  CA  . LEU A 1 117 ? 2.240   -9.225  1.990   1.00 36.88  ? 117  LEU A CA  1 
ATOM   898  C  C   . LEU A 1 117 ? 1.298   -8.709  0.915   1.00 36.57  ? 117  LEU A C   1 
ATOM   899  O  O   . LEU A 1 117 ? 1.022   -9.413  -0.056  1.00 35.68  ? 117  LEU A O   1 
ATOM   900  C  CB  . LEU A 1 117 ? 3.564   -9.520  1.260   1.00 35.11  ? 117  LEU A CB  1 
ATOM   901  C  CG  . LEU A 1 117 ? 4.658   -8.519  1.075   1.00 36.28  ? 117  LEU A CG  1 
ATOM   902  C  CD1 . LEU A 1 117 ? 5.633   -8.848  -0.049  1.00 34.38  ? 117  LEU A CD1 1 
ATOM   903  C  CD2 . LEU A 1 117 ? 4.218   -7.046  0.959   1.00 35.82  ? 117  LEU A CD2 1 
ATOM   904  N  N   . VAL A 1 118 ? 0.798   -7.499  1.087   1.00 36.48  ? 118  VAL A N   1 
ATOM   905  C  CA  . VAL A 1 118 ? -0.093  -6.925  0.061   1.00 35.52  ? 118  VAL A CA  1 
ATOM   906  C  C   . VAL A 1 118 ? 0.441   -5.515  -0.223  1.00 35.66  ? 118  VAL A C   1 
ATOM   907  O  O   . VAL A 1 118 ? 0.884   -4.826  0.686   1.00 34.61  ? 118  VAL A O   1 
ATOM   908  C  CB  . VAL A 1 118 ? -1.577  -6.838  0.457   1.00 34.33  ? 118  VAL A CB  1 
ATOM   909  C  CG1 . VAL A 1 118 ? -2.143  -8.201  0.902   1.00 32.23  ? 118  VAL A CG1 1 
ATOM   910  C  CG2 . VAL A 1 118 ? -1.724  -5.864  1.615   1.00 33.72  ? 118  VAL A CG2 1 
ATOM   911  N  N   . CYS A 1 119 ? 0.383   -5.136  -1.497  1.00 35.57  ? 119  CYS A N   1 
ATOM   912  C  CA  . CYS A 1 119 ? 0.813   -3.824  -1.949  1.00 32.95  ? 119  CYS A CA  1 
ATOM   913  C  C   . CYS A 1 119 ? -0.339  -3.199  -2.742  1.00 33.61  ? 119  CYS A C   1 
ATOM   914  O  O   . CYS A 1 119 ? -1.046  -3.861  -3.536  1.00 34.21  ? 119  CYS A O   1 
ATOM   915  C  CB  . CYS A 1 119 ? 2.078   -3.876  -2.801  1.00 29.59  ? 119  CYS A CB  1 
ATOM   916  S  SG  . CYS A 1 119 ? 3.624   -4.393  -2.024  1.00 27.29  ? 119  CYS A SG  1 
ATOM   917  N  N   . GLN A 1 120 ? -0.457  -1.880  -2.644  1.00 31.46  ? 120  GLN A N   1 
ATOM   918  C  CA  . GLN A 1 120 ? -1.430  -1.125  -3.431  1.00 30.95  ? 120  GLN A CA  1 
ATOM   919  C  C   . GLN A 1 120 ? -0.662  -0.069  -4.245  1.00 28.82  ? 120  GLN A C   1 
ATOM   920  O  O   . GLN A 1 120 ? 0.235   0.584   -3.694  1.00 28.49  ? 120  GLN A O   1 
ATOM   921  C  CB  . GLN A 1 120 ? -2.405  -0.289  -2.606  1.00 31.37  ? 120  GLN A CB  1 
ATOM   922  C  CG  . GLN A 1 120 ? -3.237  -0.987  -1.583  1.00 34.37  ? 120  GLN A CG  1 
ATOM   923  C  CD  . GLN A 1 120 ? -4.321  -0.136  -0.929  1.00 35.55  ? 120  GLN A CD  1 
ATOM   924  O  OE1 . GLN A 1 120 ? -4.613  1.018   -1.217  1.00 34.73  ? 120  GLN A OE1 1 
ATOM   925  N  NE2 . GLN A 1 120 ? -5.001  -0.762  0.028   1.00 36.50  ? 120  GLN A NE2 1 
ATOM   926  N  N   . SER A 1 121 ? -1.077  0.142   -5.469  1.00 27.44  ? 121  SER A N   1 
ATOM   927  C  CA  . SER A 1 121 ? -0.429  1.157   -6.312  1.00 25.97  ? 121  SER A CA  1 
ATOM   928  C  C   . SER A 1 121 ? -1.256  2.428   -6.106  1.00 26.91  ? 121  SER A C   1 
ATOM   929  O  O   . SER A 1 121 ? -2.493  2.405   -6.185  1.00 23.58  ? 121  SER A O   1 
ATOM   930  C  CB  . SER A 1 121 ? -0.364  0.691   -7.753  1.00 24.41  ? 121  SER A CB  1 
ATOM   931  O  OG  . SER A 1 121 ? 0.271   1.677   -8.566  1.00 27.81  ? 121  SER A OG  1 
ATOM   932  N  N   . LEU A 1 122 ? -0.583  3.489   -5.659  1.00 27.36  ? 122  LEU A N   1 
ATOM   933  C  CA  . LEU A 1 122 ? -1.337  4.722   -5.366  1.00 27.49  ? 122  LEU A CA  1 
ATOM   934  C  C   . LEU A 1 122 ? -1.093  5.770   -6.431  1.00 27.27  ? 122  LEU A C   1 
ATOM   935  O  O   . LEU A 1 122 ? 0.047   5.932   -6.868  1.00 28.45  ? 122  LEU A O   1 
ATOM   936  C  CB  . LEU A 1 122 ? -0.965  5.343   -4.019  1.00 27.14  ? 122  LEU A CB  1 
ATOM   937  C  CG  . LEU A 1 122 ? -1.050  4.389   -2.800  1.00 28.66  ? 122  LEU A CG  1 
ATOM   938  C  CD1 . LEU A 1 122 ? -0.779  5.163   -1.499  1.00 27.17  ? 122  LEU A CD1 1 
ATOM   939  C  CD2 . LEU A 1 122 ? -2.414  3.719   -2.699  1.00 25.38  ? 122  LEU A CD2 1 
ATOM   940  N  N   . ALA A 1 123 ? -2.111  6.589   -6.682  1.00 26.85  ? 123  ALA A N   1 
ATOM   941  C  CA  . ALA A 1 123 ? -1.911  7.686   -7.629  1.00 27.38  ? 123  ALA A CA  1 
ATOM   942  C  C   . ALA A 1 123 ? -2.759  8.901   -7.228  1.00 28.48  ? 123  ALA A C   1 
ATOM   943  O  O   . ALA A 1 123 ? -3.729  8.813   -6.487  1.00 27.01  ? 123  ALA A O   1 
ATOM   944  C  CB  . ALA A 1 123 ? -2.297  7.209   -9.015  1.00 25.49  ? 123  ALA A CB  1 
ATOM   945  N  N   . ARG A 1 124 ? -2.383  10.027  -7.823  1.00 29.88  ? 124  ARG A N   1 
ATOM   946  C  CA  . ARG A 1 124 ? -3.013  11.294  -7.555  1.00 33.40  ? 124  ARG A CA  1 
ATOM   947  C  C   . ARG A 1 124 ? -4.396  11.334  -8.197  1.00 34.95  ? 124  ARG A C   1 
ATOM   948  O  O   . ARG A 1 124 ? -5.229  12.032  -7.615  1.00 34.97  ? 124  ARG A O   1 
ATOM   949  C  CB  . ARG A 1 124 ? -2.142  12.512  -7.936  1.00 32.12  ? 124  ARG A CB  1 
ATOM   950  C  CG  . ARG A 1 124 ? -0.854  12.669  -7.148  1.00 30.98  ? 124  ARG A CG  1 
ATOM   951  C  CD  . ARG A 1 124 ? -1.103  12.958  -5.681  1.00 32.51  ? 124  ARG A CD  1 
ATOM   952  N  NE  . ARG A 1 124 ? 0.084   13.402  -4.937  1.00 30.68  ? 124  ARG A NE  1 
ATOM   953  C  CZ  . ARG A 1 124 ? 0.090   13.653  -3.633  1.00 31.33  ? 124  ARG A CZ  1 
ATOM   954  N  NH1 . ARG A 1 124 ? -1.040  13.487  -2.928  1.00 29.90  ? 124  ARG A NH1 1 
ATOM   955  N  NH2 . ARG A 1 124 ? 1.216   14.058  -3.021  1.00 29.40  ? 124  ARG A NH2 1 
ATOM   956  N  N   . THR A 1 125 ? -4.703  10.552  -9.222  1.00 34.92  ? 125  THR A N   1 
ATOM   957  C  CA  . THR A 1 125 ? -6.074  10.421  -9.733  1.00 37.25  ? 125  THR A CA  1 
ATOM   958  C  C   . THR A 1 125 ? -6.436  8.926   -9.747  1.00 37.74  ? 125  THR A C   1 
ATOM   959  O  O   . THR A 1 125 ? -5.541  8.093   -9.531  1.00 35.15  ? 125  THR A O   1 
ATOM   960  C  CB  . THR A 1 125 ? -6.238  10.940  -11.164 1.00 38.39  ? 125  THR A CB  1 
ATOM   961  O  OG1 . THR A 1 125 ? -5.402  10.155  -12.044 1.00 41.26  ? 125  THR A OG1 1 
ATOM   962  C  CG2 . THR A 1 125 ? -5.805  12.410  -11.349 1.00 37.98  ? 125  THR A CG2 1 
ATOM   963  N  N   . LEU A 1 126 ? -7.692  8.582   -10.011 1.00 39.55  ? 126  LEU A N   1 
ATOM   964  C  CA  . LEU A 1 126 ? -8.050  7.151   -10.026 1.00 41.44  ? 126  LEU A CA  1 
ATOM   965  C  C   . LEU A 1 126 ? -7.803  6.480   -11.362 1.00 40.63  ? 126  LEU A C   1 
ATOM   966  O  O   . LEU A 1 126 ? -7.952  5.289   -11.605 1.00 41.40  ? 126  LEU A O   1 
ATOM   967  C  CB  . LEU A 1 126 ? -9.418  6.990   -9.376  1.00 44.11  ? 126  LEU A CB  1 
ATOM   968  C  CG  . LEU A 1 126 ? -9.977  5.587   -9.143  1.00 47.83  ? 126  LEU A CG  1 
ATOM   969  C  CD1 . LEU A 1 126 ? -9.140  4.720   -8.181  1.00 47.17  ? 126  LEU A CD1 1 
ATOM   970  C  CD2 . LEU A 1 126 ? -11.434 5.597   -8.659  1.00 47.53  ? 126  LEU A CD2 1 
ATOM   971  N  N   . GLU A 1 127 ? -7.283  7.138   -12.370 1.00 40.29  ? 127  GLU A N   1 
ATOM   972  C  CA  . GLU A 1 127 ? -6.924  6.709   -13.679 1.00 40.39  ? 127  GLU A CA  1 
ATOM   973  C  C   . GLU A 1 127 ? -5.914  5.561   -13.705 1.00 40.82  ? 127  GLU A C   1 
ATOM   974  O  O   . GLU A 1 127 ? -4.907  5.505   -12.980 1.00 40.64  ? 127  GLU A O   1 
ATOM   975  C  CB  . GLU A 1 127 ? -6.441  7.972   -14.405 1.00 40.83  ? 127  GLU A CB  1 
ATOM   976  C  CG  . GLU A 1 127 ? -7.645  8.894   -14.640 1.00 43.38  ? 127  GLU A CG  1 
ATOM   977  C  CD  . GLU A 1 127 ? -7.407  9.868   -15.770 1.00 44.88  ? 127  GLU A CD  1 
ATOM   978  O  OE1 . GLU A 1 127 ? -6.219  10.227  -15.993 1.00 47.36  ? 127  GLU A OE1 1 
ATOM   979  O  OE2 . GLU A 1 127 ? -8.362  10.283  -16.462 1.00 44.34  ? 127  GLU A OE2 1 
ATOM   980  N  N   . VAL A 1 128 ? -6.330  4.444   -14.315 1.00 40.40  ? 128  VAL A N   1 
ATOM   981  C  CA  . VAL A 1 128 ? -5.523  3.293   -14.549 1.00 38.81  ? 128  VAL A CA  1 
ATOM   982  C  C   . VAL A 1 128 ? -5.543  2.932   -16.065 1.00 37.43  ? 128  VAL A C   1 
ATOM   983  O  O   . VAL A 1 128 ? -6.565  3.113   -16.712 1.00 33.11  ? 128  VAL A O   1 
ATOM   984  C  CB  . VAL A 1 128 ? -5.807  1.880   -14.016 1.00 39.09  ? 128  VAL A CB  1 
ATOM   985  C  CG1 . VAL A 1 128 ? -4.821  1.520   -12.918 1.00 39.05  ? 128  VAL A CG1 1 
ATOM   986  C  CG2 . VAL A 1 128 ? -7.268  1.629   -13.782 1.00 38.17  ? 128  VAL A CG2 1 
ATOM   987  N  N   . ASP A 1 129 ? -4.556  2.066   -16.328 1.00 35.53  ? 129  ASP A N   1 
ATOM   988  C  CA  . ASP A 1 129 ? -4.410  1.443   -17.630 1.00 35.62  ? 129  ASP A CA  1 
ATOM   989  C  C   . ASP A 1 129 ? -3.260  0.424   -17.515 1.00 36.81  ? 129  ASP A C   1 
ATOM   990  O  O   . ASP A 1 129 ? -2.558  0.336   -16.490 1.00 34.97  ? 129  ASP A O   1 
ATOM   991  C  CB  . ASP A 1 129 ? -4.166  2.453   -18.731 1.00 34.25  ? 129  ASP A CB  1 
ATOM   992  C  CG  . ASP A 1 129 ? -2.857  3.193   -18.584 1.00 36.21  ? 129  ASP A CG  1 
ATOM   993  O  OD1 . ASP A 1 129 ? -1.979  2.817   -17.782 1.00 35.36  ? 129  ASP A OD1 1 
ATOM   994  O  OD2 . ASP A 1 129 ? -2.702  4.238   -19.267 1.00 37.18  ? 129  ASP A OD2 1 
ATOM   995  N  N   . ASP A 1 130 ? -3.044  -0.302  -18.607 1.00 36.47  ? 130  ASP A N   1 
ATOM   996  C  CA  . ASP A 1 130 ? -2.065  -1.366  -18.637 1.00 37.20  ? 130  ASP A CA  1 
ATOM   997  C  C   . ASP A 1 130 ? -0.668  -0.917  -18.226 1.00 38.07  ? 130  ASP A C   1 
ATOM   998  O  O   . ASP A 1 130 ? -0.015  -1.547  -17.402 1.00 37.68  ? 130  ASP A O   1 
ATOM   999  C  CB  . ASP A 1 130 ? -1.908  -1.926  -20.067 1.00 36.04  ? 130  ASP A CB  1 
ATOM   1000 C  CG  . ASP A 1 130 ? -3.089  -2.823  -20.377 1.00 36.32  ? 130  ASP A CG  1 
ATOM   1001 O  OD1 . ASP A 1 130 ? -3.825  -3.313  -19.514 1.00 33.62  ? 130  ASP A OD1 1 
ATOM   1002 O  OD2 . ASP A 1 130 ? -3.238  -3.016  -21.601 1.00 39.72  ? 130  ASP A OD2 1 
ATOM   1003 N  N   . GLN A 1 131 ? -0.253  0.174   -18.862 1.00 37.87  ? 131  GLN A N   1 
ATOM   1004 C  CA  . GLN A 1 131 ? 1.071   0.678   -18.612 1.00 40.20  ? 131  GLN A CA  1 
ATOM   1005 C  C   . GLN A 1 131 ? 1.334   0.967   -17.138 1.00 38.70  ? 131  GLN A C   1 
ATOM   1006 O  O   . GLN A 1 131 ? 2.445   0.742   -16.658 1.00 40.13  ? 131  GLN A O   1 
ATOM   1007 C  CB  . GLN A 1 131 ? 1.297   1.948   -19.450 1.00 44.10  ? 131  GLN A CB  1 
ATOM   1008 C  CG  . GLN A 1 131 ? 2.758   2.341   -19.255 1.00 50.60  ? 131  GLN A CG  1 
ATOM   1009 C  CD  . GLN A 1 131 ? 2.930   3.834   -19.267 1.00 55.91  ? 131  GLN A CD  1 
ATOM   1010 O  OE1 . GLN A 1 131 ? 2.986   4.391   -18.164 1.00 60.24  ? 131  GLN A OE1 1 
ATOM   1011 N  NE2 . GLN A 1 131 ? 3.014   4.436   -20.448 1.00 57.80  ? 131  GLN A NE2 1 
ATOM   1012 N  N   . ILE A 1 132 ? 0.396   1.561   -16.428 1.00 34.55  ? 132  ILE A N   1 
ATOM   1013 C  CA  . ILE A 1 132 ? 0.532   1.817   -15.014 1.00 33.02  ? 132  ILE A CA  1 
ATOM   1014 C  C   . ILE A 1 132 ? 0.531   0.511   -14.233 1.00 31.55  ? 132  ILE A C   1 
ATOM   1015 O  O   . ILE A 1 132 ? 1.213   0.343   -13.227 1.00 26.69  ? 132  ILE A O   1 
ATOM   1016 C  CB  . ILE A 1 132 ? -0.661  2.729   -14.619 1.00 33.65  ? 132  ILE A CB  1 
ATOM   1017 C  CG1 . ILE A 1 132 ? -0.375  4.105   -15.207 1.00 35.52  ? 132  ILE A CG1 1 
ATOM   1018 C  CG2 . ILE A 1 132 ? -0.891  2.724   -13.116 1.00 31.52  ? 132  ILE A CG2 1 
ATOM   1019 C  CD1 . ILE A 1 132 ? -1.541  5.091   -15.219 1.00 37.24  ? 132  ILE A CD1 1 
ATOM   1020 N  N   . ARG A 1 133 ? -0.315  -0.433  -14.683 1.00 30.53  ? 133  ARG A N   1 
ATOM   1021 C  CA  . ARG A 1 133 ? -0.290  -1.768  -14.084 1.00 32.17  ? 133  ARG A CA  1 
ATOM   1022 C  C   . ARG A 1 133 ? 1.069   -2.405  -14.396 1.00 31.75  ? 133  ARG A C   1 
ATOM   1023 O  O   . ARG A 1 133 ? 1.637   -3.098  -13.566 1.00 31.84  ? 133  ARG A O   1 
ATOM   1024 C  CB  . ARG A 1 133 ? -1.448  -2.664  -14.520 1.00 30.64  ? 133  ARG A CB  1 
ATOM   1025 C  CG  . ARG A 1 133 ? -2.832  -2.129  -14.141 1.00 30.82  ? 133  ARG A CG  1 
ATOM   1026 C  CD  . ARG A 1 133 ? -3.996  -2.951  -14.668 1.00 31.69  ? 133  ARG A CD  1 
ATOM   1027 N  NE  . ARG A 1 133 ? -4.001  -4.372  -14.354 1.00 29.06  ? 133  ARG A NE  1 
ATOM   1028 C  CZ  . ARG A 1 133 ? -4.350  -5.017  -13.254 1.00 31.37  ? 133  ARG A CZ  1 
ATOM   1029 N  NH1 . ARG A 1 133 ? -4.787  -4.427  -12.129 1.00 29.78  ? 133  ARG A NH1 1 
ATOM   1030 N  NH2 . ARG A 1 133 ? -4.238  -6.357  -13.190 1.00 30.21  ? 133  ARG A NH2 1 
ATOM   1031 N  N   . GLU A 1 134 ? 1.693   -2.129  -15.507 1.00 33.33  ? 134  GLU A N   1 
ATOM   1032 C  CA  . GLU A 1 134 ? 2.973   -2.718  -15.875 1.00 37.49  ? 134  GLU A CA  1 
ATOM   1033 C  C   . GLU A 1 134 ? 4.098   -2.089  -15.054 1.00 37.59  ? 134  GLU A C   1 
ATOM   1034 O  O   . GLU A 1 134 ? 4.904   -2.830  -14.454 1.00 35.92  ? 134  GLU A O   1 
ATOM   1035 C  CB  . GLU A 1 134 ? 3.275   -2.626  -17.370 1.00 38.24  ? 134  GLU A CB  1 
ATOM   1036 C  CG  . GLU A 1 134 ? 2.419   -3.580  -18.194 1.00 41.78  ? 134  GLU A CG  1 
ATOM   1037 C  CD  . GLU A 1 134 ? 2.205   -3.098  -19.635 1.00 46.62  ? 134  GLU A CD  1 
ATOM   1038 O  OE1 . GLU A 1 134 ? 2.772   -2.062  -20.101 1.00 47.36  ? 134  GLU A OE1 1 
ATOM   1039 O  OE2 . GLU A 1 134 ? 1.421   -3.756  -20.370 1.00 46.51  ? 134  GLU A OE2 1 
ATOM   1040 N  N   . LYS A 1 135 ? 3.932   -0.794  -14.784 1.00 36.98  ? 135  LYS A N   1 
ATOM   1041 C  CA  . LYS A 1 135 ? 4.893   -0.110  -13.921 1.00 39.06  ? 135  LYS A CA  1 
ATOM   1042 C  C   . LYS A 1 135 ? 4.790   -0.631  -12.506 1.00 37.93  ? 135  LYS A C   1 
ATOM   1043 O  O   . LYS A 1 135 ? 5.816   -0.840  -11.841 1.00 39.62  ? 135  LYS A O   1 
ATOM   1044 C  CB  . LYS A 1 135 ? 4.735   1.418   -13.976 1.00 42.19  ? 135  LYS A CB  1 
ATOM   1045 C  CG  . LYS A 1 135 ? 5.597   1.941   -15.126 1.00 44.75  ? 135  LYS A CG  1 
ATOM   1046 C  CD  . LYS A 1 135 ? 5.344   3.434   -15.320 1.00 48.79  ? 135  LYS A CD  1 
ATOM   1047 C  CE  . LYS A 1 135 ? 5.870   3.849   -16.712 1.00 48.24  ? 135  LYS A CE  1 
ATOM   1048 N  NZ  . LYS A 1 135 ? 5.394   5.242   -16.981 1.00 50.08  ? 135  LYS A NZ  1 
ATOM   1049 N  N   . PHE A 1 136 ? 3.584   -0.962  -12.056 1.00 35.33  ? 136  PHE A N   1 
ATOM   1050 C  CA  . PHE A 1 136 ? 3.443   -1.562  -10.738 1.00 34.52  ? 136  PHE A CA  1 
ATOM   1051 C  C   . PHE A 1 136 ? 4.148   -2.915  -10.702 1.00 37.28  ? 136  PHE A C   1 
ATOM   1052 O  O   . PHE A 1 136 ? 4.905   -3.199  -9.740  1.00 39.26  ? 136  PHE A O   1 
ATOM   1053 C  CB  . PHE A 1 136 ? 1.956   -1.624  -10.459 1.00 32.50  ? 136  PHE A CB  1 
ATOM   1054 C  CG  . PHE A 1 136 ? 1.483   -2.184  -9.150  1.00 29.42  ? 136  PHE A CG  1 
ATOM   1055 C  CD1 . PHE A 1 136 ? 2.134   -1.881  -7.956  1.00 27.57  ? 136  PHE A CD1 1 
ATOM   1056 C  CD2 . PHE A 1 136 ? 0.358   -2.980  -9.141  1.00 26.86  ? 136  PHE A CD2 1 
ATOM   1057 C  CE1 . PHE A 1 136 ? 1.663   -2.398  -6.759  1.00 28.05  ? 136  PHE A CE1 1 
ATOM   1058 C  CE2 . PHE A 1 136 ? -0.120  -3.471  -7.935  1.00 28.40  ? 136  PHE A CE2 1 
ATOM   1059 C  CZ  . PHE A 1 136 ? 0.525   -3.207  -6.747  1.00 27.91  ? 136  PHE A CZ  1 
ATOM   1060 N  N   . GLU A 1 137 ? 3.946   -3.803  -11.668 1.00 37.61  ? 137  GLU A N   1 
ATOM   1061 C  CA  . GLU A 1 137 ? 4.627   -5.094  -11.715 1.00 39.22  ? 137  GLU A CA  1 
ATOM   1062 C  C   . GLU A 1 137 ? 6.154   -4.939  -11.706 1.00 36.70  ? 137  GLU A C   1 
ATOM   1063 O  O   . GLU A 1 137 ? 6.790   -5.797  -11.114 1.00 35.56  ? 137  GLU A O   1 
ATOM   1064 C  CB  . GLU A 1 137 ? 4.289   -5.968  -12.955 1.00 40.91  ? 137  GLU A CB  1 
ATOM   1065 C  CG  . GLU A 1 137 ? 2.808   -6.138  -13.170 1.00 47.27  ? 137  GLU A CG  1 
ATOM   1066 C  CD  . GLU A 1 137 ? 2.286   -6.840  -14.405 1.00 50.35  ? 137  GLU A CD  1 
ATOM   1067 O  OE1 . GLU A 1 137 ? 2.061   -6.211  -15.465 1.00 51.31  ? 137  GLU A OE1 1 
ATOM   1068 O  OE2 . GLU A 1 137 ? 2.045   -8.072  -14.395 1.00 53.32  ? 137  GLU A OE2 1 
ATOM   1069 N  N   . ASP A 1 138 ? 6.735   -4.009  -12.441 1.00 36.07  ? 138  ASP A N   1 
ATOM   1070 C  CA  . ASP A 1 138 ? 8.163   -3.789  -12.443 1.00 37.24  ? 138  ASP A CA  1 
ATOM   1071 C  C   . ASP A 1 138 ? 8.674   -3.536  -11.020 1.00 38.57  ? 138  ASP A C   1 
ATOM   1072 O  O   . ASP A 1 138 ? 9.684   -4.135  -10.710 1.00 40.84  ? 138  ASP A O   1 
ATOM   1073 C  CB  . ASP A 1 138 ? 8.637   -2.572  -13.216 1.00 38.08  ? 138  ASP A CB  1 
ATOM   1074 C  CG  . ASP A 1 138 ? 8.363   -2.645  -14.714 1.00 41.54  ? 138  ASP A CG  1 
ATOM   1075 O  OD1 . ASP A 1 138 ? 8.142   -3.752  -15.240 1.00 38.67  ? 138  ASP A OD1 1 
ATOM   1076 O  OD2 . ASP A 1 138 ? 8.382   -1.524  -15.311 1.00 44.05  ? 138  ASP A OD2 1 
ATOM   1077 N  N   . ALA A 1 139 ? 8.061   -2.632  -10.263 1.00 36.14  ? 139  ALA A N   1 
ATOM   1078 C  CA  . ALA A 1 139 ? 8.468   -2.372  -8.892  1.00 34.53  ? 139  ALA A CA  1 
ATOM   1079 C  C   . ALA A 1 139 ? 8.286   -3.578  -7.978  1.00 34.22  ? 139  ALA A C   1 
ATOM   1080 O  O   . ALA A 1 139 ? 9.167   -3.867  -7.161  1.00 34.66  ? 139  ALA A O   1 
ATOM   1081 C  CB  . ALA A 1 139 ? 7.661   -1.183  -8.330  1.00 29.47  ? 139  ALA A CB  1 
ATOM   1082 N  N   . LEU A 1 140 ? 7.149   -4.292  -8.068  1.00 32.32  ? 140  LEU A N   1 
ATOM   1083 C  CA  . LEU A 1 140 ? 6.942   -5.494  -7.292  1.00 31.91  ? 140  LEU A CA  1 
ATOM   1084 C  C   . LEU A 1 140 ? 8.012   -6.566  -7.499  1.00 33.08  ? 140  LEU A C   1 
ATOM   1085 O  O   . LEU A 1 140 ? 8.316   -7.264  -6.526  1.00 31.73  ? 140  LEU A O   1 
ATOM   1086 C  CB  . LEU A 1 140 ? 5.605   -6.132  -7.736  1.00 33.06  ? 140  LEU A CB  1 
ATOM   1087 C  CG  . LEU A 1 140 ? 4.333   -5.337  -7.305  1.00 32.44  ? 140  LEU A CG  1 
ATOM   1088 C  CD1 . LEU A 1 140 ? 3.159   -6.045  -7.920  1.00 32.21  ? 140  LEU A CD1 1 
ATOM   1089 C  CD2 . LEU A 1 140 ? 4.184   -5.309  -5.794  1.00 30.13  ? 140  LEU A CD2 1 
ATOM   1090 N  N   . LYS A 1 141 ? 8.638   -6.672  -8.683  1.00 32.46  ? 141  LYS A N   1 
ATOM   1091 C  CA  . LYS A 1 141 ? 9.674   -7.662  -8.869  1.00 37.17  ? 141  LYS A CA  1 
ATOM   1092 C  C   . LYS A 1 141 ? 10.947  -7.376  -8.068  1.00 36.91  ? 141  LYS A C   1 
ATOM   1093 O  O   . LYS A 1 141 ? 11.577  -8.375  -7.777  1.00 34.87  ? 141  LYS A O   1 
ATOM   1094 C  CB  . LYS A 1 141 ? 10.120  -7.897  -10.331 1.00 40.05  ? 141  LYS A CB  1 
ATOM   1095 C  CG  . LYS A 1 141 ? 8.904   -8.214  -11.169 1.00 45.69  ? 141  LYS A CG  1 
ATOM   1096 C  CD  . LYS A 1 141 ? 9.066   -8.590  -12.601 1.00 49.83  ? 141  LYS A CD  1 
ATOM   1097 C  CE  . LYS A 1 141 ? 9.726   -7.623  -13.552 1.00 52.12  ? 141  LYS A CE  1 
ATOM   1098 N  NZ  . LYS A 1 141 ? 9.366   -8.057  -14.970 1.00 52.99  ? 141  LYS A NZ  1 
ATOM   1099 N  N   . THR A 1 142 ? 11.198  -6.185  -7.555  1.00 35.28  ? 142  THR A N   1 
ATOM   1100 C  CA  . THR A 1 142 ? 12.345  -5.921  -6.718  1.00 36.48  ? 142  THR A CA  1 
ATOM   1101 C  C   . THR A 1 142 ? 12.098  -6.389  -5.272  1.00 38.91  ? 142  THR A C   1 
ATOM   1102 O  O   . THR A 1 142 ? 13.025  -6.260  -4.447  1.00 39.70  ? 142  THR A O   1 
ATOM   1103 C  CB  . THR A 1 142 ? 12.655  -4.407  -6.594  1.00 34.75  ? 142  THR A CB  1 
ATOM   1104 O  OG1 . THR A 1 142 ? 11.545  -3.827  -5.862  1.00 33.81  ? 142  THR A OG1 1 
ATOM   1105 C  CG2 . THR A 1 142 ? 12.753  -3.792  -7.972  1.00 34.61  ? 142  THR A CG2 1 
ATOM   1106 N  N   . LEU A 1 143 ? 10.884  -6.868  -5.014  1.00 37.21  ? 143  LEU A N   1 
ATOM   1107 C  CA  . LEU A 1 143 ? 10.499  -7.356  -3.720  1.00 38.22  ? 143  LEU A CA  1 
ATOM   1108 C  C   . LEU A 1 143 ? 10.976  -8.800  -3.553  1.00 40.36  ? 143  LEU A C   1 
ATOM   1109 O  O   . LEU A 1 143 ? 11.029  -9.553  -4.523  1.00 38.87  ? 143  LEU A O   1 
ATOM   1110 C  CB  . LEU A 1 143 ? 8.976   -7.245  -3.593  1.00 36.29  ? 143  LEU A CB  1 
ATOM   1111 C  CG  . LEU A 1 143 ? 8.364   -6.099  -2.809  1.00 35.47  ? 143  LEU A CG  1 
ATOM   1112 C  CD1 . LEU A 1 143 ? 9.170   -4.819  -2.952  1.00 35.71  ? 143  LEU A CD1 1 
ATOM   1113 C  CD2 . LEU A 1 143 ? 6.936   -5.777  -3.197  1.00 32.12  ? 143  LEU A CD2 1 
ATOM   1114 N  N   . SER A 1 144 ? 11.207  -9.239  -2.313  1.00 42.98  ? 144  SER A N   1 
ATOM   1115 C  CA  . SER A 1 144 ? 11.668  -10.617 -2.114  1.00 44.09  ? 144  SER A CA  1 
ATOM   1116 C  C   . SER A 1 144 ? 10.550  -11.634 -2.327  1.00 42.51  ? 144  SER A C   1 
ATOM   1117 O  O   . SER A 1 144 ? 10.780  -12.662 -2.970  1.00 42.42  ? 144  SER A O   1 
ATOM   1118 C  CB  . SER A 1 144 ? 12.228  -10.810 -0.702  1.00 44.66  ? 144  SER A CB  1 
ATOM   1119 O  OG  . SER A 1 144 ? 12.783  -12.105 -0.603  1.00 46.47  ? 144  SER A OG  1 
ATOM   1120 N  N   . VAL A 1 145 ? 9.384   -11.423 -1.719  1.00 41.76  ? 145  VAL A N   1 
ATOM   1121 C  CA  . VAL A 1 145 ? 8.321   -12.406 -1.958  1.00 41.62  ? 145  VAL A CA  1 
ATOM   1122 C  C   . VAL A 1 145 ? 7.683   -12.196 -3.323  1.00 40.68  ? 145  VAL A C   1 
ATOM   1123 O  O   . VAL A 1 145 ? 7.524   -11.080 -3.767  1.00 40.01  ? 145  VAL A O   1 
ATOM   1124 C  CB  . VAL A 1 145 ? 7.335   -12.512 -0.814  1.00 42.19  ? 145  VAL A CB  1 
ATOM   1125 C  CG1 . VAL A 1 145 ? 7.783   -11.646 0.369   1.00 40.16  ? 145  VAL A CG1 1 
ATOM   1126 C  CG2 . VAL A 1 145 ? 5.895   -12.391 -1.249  1.00 40.80  ? 145  VAL A CG2 1 
ATOM   1127 N  N   . PRO A 1 146 ? 7.675   -13.244 -4.141  1.00 40.95  ? 146  PRO A N   1 
ATOM   1128 C  CA  . PRO A 1 146 ? 7.075   -13.241 -5.477  1.00 40.14  ? 146  PRO A CA  1 
ATOM   1129 C  C   . PRO A 1 146 ? 5.645   -12.705 -5.447  1.00 36.44  ? 146  PRO A C   1 
ATOM   1130 O  O   . PRO A 1 146 ? 4.875   -13.035 -4.536  1.00 33.18  ? 146  PRO A O   1 
ATOM   1131 C  CB  . PRO A 1 146 ? 7.133   -14.695 -5.946  1.00 40.81  ? 146  PRO A CB  1 
ATOM   1132 C  CG  . PRO A 1 146 ? 8.151   -15.350 -5.046  1.00 41.25  ? 146  PRO A CG  1 
ATOM   1133 C  CD  . PRO A 1 146 ? 8.043   -14.639 -3.717  1.00 40.94  ? 146  PRO A CD  1 
ATOM   1134 N  N   . MET A 1 147 ? 5.278   -11.810 -6.387  1.00 33.68  ? 147  MET A N   1 
ATOM   1135 C  CA  . MET A 1 147 ? 3.911   -11.248 -6.189  1.00 34.93  ? 147  MET A CA  1 
ATOM   1136 C  C   . MET A 1 147 ? 3.060   -11.296 -7.443  1.00 33.27  ? 147  MET A C   1 
ATOM   1137 O  O   . MET A 1 147 ? 3.650   -11.354 -8.521  1.00 33.28  ? 147  MET A O   1 
ATOM   1138 C  CB  . MET A 1 147 ? 3.922   -9.765  -5.755  1.00 32.94  ? 147  MET A CB  1 
ATOM   1139 C  CG  . MET A 1 147 ? 4.762   -9.402  -4.558  1.00 31.70  ? 147  MET A CG  1 
ATOM   1140 S  SD  . MET A 1 147 ? 3.867   -9.598  -3.018  1.00 34.35  ? 147  MET A SD  1 
ATOM   1141 C  CE  . MET A 1 147 ? 2.702   -8.241  -3.193  1.00 34.56  ? 147  MET A CE  1 
ATOM   1142 N  N   . ARG A 1 148 ? 1.748   -11.270 -7.247  1.00 33.33  ? 148  ARG A N   1 
ATOM   1143 C  CA  . ARG A 1 148 ? 0.862   -11.230 -8.412  1.00 34.99  ? 148  ARG A CA  1 
ATOM   1144 C  C   . ARG A 1 148 ? -0.131  -10.067 -8.383  1.00 34.26  ? 148  ARG A C   1 
ATOM   1145 O  O   . ARG A 1 148 ? -0.806  -9.854  -7.372  1.00 33.42  ? 148  ARG A O   1 
ATOM   1146 C  CB  . ARG A 1 148 ? 0.103   -12.561 -8.536  1.00 38.15  ? 148  ARG A CB  1 
ATOM   1147 C  CG  . ARG A 1 148 ? -0.718  -13.014 -7.335  1.00 41.55  ? 148  ARG A CG  1 
ATOM   1148 C  CD  . ARG A 1 148 ? -1.316  -14.420 -7.609  1.00 45.46  ? 148  ARG A CD  1 
ATOM   1149 N  NE  . ARG A 1 148 ? -1.809  -14.992 -6.345  1.00 47.72  ? 148  ARG A NE  1 
ATOM   1150 C  CZ  . ARG A 1 148 ? -3.044  -14.757 -5.878  1.00 48.76  ? 148  ARG A CZ  1 
ATOM   1151 N  NH1 . ARG A 1 148 ? -3.911  -14.031 -6.582  1.00 48.46  ? 148  ARG A NH1 1 
ATOM   1152 N  NH2 . ARG A 1 148 ? -3.387  -15.249 -4.686  1.00 49.20  ? 148  ARG A NH2 1 
ATOM   1153 N  N   . ILE A 1 149 ? -0.256  -9.313  -9.489  1.00 34.71  ? 149  ILE A N   1 
ATOM   1154 C  CA  . ILE A 1 149 ? -1.296  -8.296  -9.472  1.00 37.56  ? 149  ILE A CA  1 
ATOM   1155 C  C   . ILE A 1 149 ? -2.695  -8.822  -9.777  1.00 37.51  ? 149  ILE A C   1 
ATOM   1156 O  O   . ILE A 1 149 ? -2.926  -9.865  -10.373 1.00 37.84  ? 149  ILE A O   1 
ATOM   1157 C  CB  . ILE A 1 149 ? -0.903  -6.942  -10.038 1.00 39.28  ? 149  ILE A CB  1 
ATOM   1158 C  CG1 . ILE A 1 149 ? -1.967  -6.268  -10.877 1.00 39.05  ? 149  ILE A CG1 1 
ATOM   1159 C  CG2 . ILE A 1 149 ? 0.504   -6.922  -10.638 1.00 40.32  ? 149  ILE A CG2 1 
ATOM   1160 C  CD1 . ILE A 1 149 ? -1.477  -5.017  -11.566 1.00 39.24  ? 149  ILE A CD1 1 
ATOM   1161 N  N   . LEU A 1 150 ? -3.652  -8.307  -8.978  1.00 35.68  ? 150  LEU A N   1 
ATOM   1162 C  CA  . LEU A 1 150 ? -5.050  -8.621  -9.142  1.00 33.63  ? 150  LEU A CA  1 
ATOM   1163 C  C   . LEU A 1 150 ? -5.619  -7.989  -10.426 1.00 33.30  ? 150  LEU A C   1 
ATOM   1164 O  O   . LEU A 1 150 ? -5.070  -7.087  -11.042 1.00 32.80  ? 150  LEU A O   1 
ATOM   1165 C  CB  . LEU A 1 150 ? -5.877  -8.330  -7.918  1.00 30.38  ? 150  LEU A CB  1 
ATOM   1166 C  CG  . LEU A 1 150 ? -5.340  -8.849  -6.585  1.00 32.88  ? 150  LEU A CG  1 
ATOM   1167 C  CD1 . LEU A 1 150 ? -6.323  -8.492  -5.465  1.00 31.43  ? 150  LEU A CD1 1 
ATOM   1168 C  CD2 . LEU A 1 150 ? -5.082  -10.359 -6.576  1.00 32.48  ? 150  LEU A CD2 1 
ATOM   1169 N  N   . PRO A 1 151 ? -6.590  -8.694  -11.011 1.00 33.62  ? 151  PRO A N   1 
ATOM   1170 C  CA  . PRO A 1 151 ? -7.240  -8.284  -12.233 1.00 35.61  ? 151  PRO A CA  1 
ATOM   1171 C  C   . PRO A 1 151 ? -7.819  -6.889  -12.051 1.00 35.54  ? 151  PRO A C   1 
ATOM   1172 O  O   . PRO A 1 151 ? -8.340  -6.617  -10.990 1.00 33.79  ? 151  PRO A O   1 
ATOM   1173 C  CB  . PRO A 1 151 ? -8.437  -9.246  -12.405 1.00 35.83  ? 151  PRO A CB  1 
ATOM   1174 C  CG  . PRO A 1 151 ? -8.076  -10.446 -11.575 1.00 35.81  ? 151  PRO A CG  1 
ATOM   1175 C  CD  . PRO A 1 151 ? -7.233  -9.911  -10.422 1.00 33.93  ? 151  PRO A CD  1 
ATOM   1176 N  N   . ALA A 1 152 ? -7.706  -6.046  -13.063 1.00 37.64  ? 152  ALA A N   1 
ATOM   1177 C  CA  . ALA A 1 152 ? -8.336  -4.743  -13.039 1.00 38.03  ? 152  ALA A CA  1 
ATOM   1178 C  C   . ALA A 1 152 ? -9.850  -4.880  -12.915 1.00 40.22  ? 152  ALA A C   1 
ATOM   1179 O  O   . ALA A 1 152 ? -10.458 -5.828  -13.411 1.00 41.01  ? 152  ALA A O   1 
ATOM   1180 C  CB  . ALA A 1 152 ? -8.002  -3.994  -14.313 1.00 37.33  ? 152  ALA A CB  1 
ATOM   1181 N  N   . GLN A 1 153 ? -10.439 -4.085  -12.057 1.00 41.97  ? 153  GLN A N   1 
ATOM   1182 C  CA  . GLN A 1 153 ? -11.846 -3.913  -11.808 1.00 44.33  ? 153  GLN A CA  1 
ATOM   1183 C  C   . GLN A 1 153 ? -12.095 -2.401  -11.808 1.00 43.55  ? 153  GLN A C   1 
ATOM   1184 O  O   . GLN A 1 153 ? -11.418 -1.641  -11.119 1.00 42.02  ? 153  GLN A O   1 
ATOM   1185 C  CB  . GLN A 1 153 ? -12.356 -4.512  -10.495 1.00 47.71  ? 153  GLN A CB  1 
ATOM   1186 C  CG  . GLN A 1 153 ? -13.815 -4.992  -10.611 1.00 51.95  ? 153  GLN A CG  1 
ATOM   1187 C  CD  . GLN A 1 153 ? -14.276 -5.625  -9.303  1.00 55.22  ? 153  GLN A CD  1 
ATOM   1188 O  OE1 . GLN A 1 153 ? -13.490 -6.437  -8.774  1.00 57.17  ? 153  GLN A OE1 1 
ATOM   1189 N  NE2 . GLN A 1 153 ? -15.439 -5.267  -8.766  1.00 54.31  ? 153  GLN A NE2 1 
ATOM   1190 N  N   . LEU A 1 154 ? -12.927 -1.952  -12.726 1.00 43.95  ? 154  LEU A N   1 
ATOM   1191 C  CA  . LEU A 1 154 ? -13.223 -0.550  -12.933 1.00 45.94  ? 154  LEU A CA  1 
ATOM   1192 C  C   . LEU A 1 154 ? -13.993 0.064   -11.775 1.00 45.67  ? 154  LEU A C   1 
ATOM   1193 O  O   . LEU A 1 154 ? -13.761 1.184   -11.350 1.00 43.77  ? 154  LEU A O   1 
ATOM   1194 C  CB  . LEU A 1 154 ? -14.006 -0.377  -14.253 1.00 46.62  ? 154  LEU A CB  1 
ATOM   1195 C  CG  . LEU A 1 154 ? -13.214 0.046   -15.493 1.00 46.88  ? 154  LEU A CG  1 
ATOM   1196 C  CD1 . LEU A 1 154 ? -11.804 -0.497  -15.522 1.00 46.64  ? 154  LEU A CD1 1 
ATOM   1197 C  CD2 . LEU A 1 154 ? -13.950 -0.323  -16.780 1.00 45.67  ? 154  LEU A CD2 1 
ATOM   1198 N  N   . GLU A 1 155 ? -14.966 -0.656  -11.247 1.00 48.28  ? 155  GLU A N   1 
ATOM   1199 C  CA  . GLU A 1 155 ? -15.752 -0.128  -10.144 1.00 51.18  ? 155  GLU A CA  1 
ATOM   1200 C  C   . GLU A 1 155 ? -15.531 -1.060  -8.961  1.00 51.84  ? 155  GLU A C   1 
ATOM   1201 O  O   . GLU A 1 155 ? -15.535 -2.283  -9.130  1.00 52.46  ? 155  GLU A O   1 
ATOM   1202 C  CB  . GLU A 1 155 ? -17.249 -0.016  -10.448 1.00 52.64  ? 155  GLU A CB  1 
ATOM   1203 C  CG  . GLU A 1 155 ? -17.579 0.725   -11.706 1.00 55.14  ? 155  GLU A CG  1 
ATOM   1204 C  CD  . GLU A 1 155 ? -17.632 2.238   -11.648 1.00 57.15  ? 155  GLU A CD  1 
ATOM   1205 O  OE1 . GLU A 1 155 ? -17.433 2.838   -10.572 1.00 57.90  ? 155  GLU A OE1 1 
ATOM   1206 O  OE2 . GLU A 1 155 ? -17.950 2.826   -12.718 1.00 57.25  ? 155  GLU A OE2 1 
ATOM   1207 N  N   . GLU A 1 156 ? -15.352 -0.458  -7.804  1.00 51.51  ? 156  GLU A N   1 
ATOM   1208 C  CA  . GLU A 1 156 ? -15.133 -1.215  -6.573  1.00 53.61  ? 156  GLU A CA  1 
ATOM   1209 C  C   . GLU A 1 156 ? -15.793 -0.373  -5.467  1.00 52.96  ? 156  GLU A C   1 
ATOM   1210 O  O   . GLU A 1 156 ? -15.480 0.807   -5.326  1.00 49.91  ? 156  GLU A O   1 
ATOM   1211 C  CB  . GLU A 1 156 ? -13.660 -1.359  -6.264  1.00 55.81  ? 156  GLU A CB  1 
ATOM   1212 C  CG  . GLU A 1 156 ? -12.869 -2.387  -7.036  1.00 58.62  ? 156  GLU A CG  1 
ATOM   1213 C  CD  . GLU A 1 156 ? -12.712 -3.569  -6.089  1.00 61.24  ? 156  GLU A CD  1 
ATOM   1214 O  OE1 . GLU A 1 156 ? -13.735 -4.259  -5.958  1.00 60.37  ? 156  GLU A OE1 1 
ATOM   1215 O  OE2 . GLU A 1 156 ? -11.601 -3.627  -5.495  1.00 63.94  ? 156  GLU A OE2 1 
ATOM   1216 N  N   . GLN A 1 157 ? -16.739 -0.992  -4.775  1.00 52.75  ? 157  GLN A N   1 
ATOM   1217 C  CA  . GLN A 1 157 ? -17.445 -0.230  -3.757  1.00 53.56  ? 157  GLN A CA  1 
ATOM   1218 C  C   . GLN A 1 157 ? -16.514 0.128   -2.599  1.00 51.51  ? 157  GLN A C   1 
ATOM   1219 O  O   . GLN A 1 157 ? -15.740 -0.656  -2.063  1.00 48.96  ? 157  GLN A O   1 
ATOM   1220 C  CB  . GLN A 1 157 ? -18.702 -0.995  -3.385  1.00 55.80  ? 157  GLN A CB  1 
ATOM   1221 C  CG  . GLN A 1 157 ? -19.008 -0.938  -1.912  1.00 59.90  ? 157  GLN A CG  1 
ATOM   1222 C  CD  . GLN A 1 157 ? -20.445 -0.635  -1.585  1.00 62.46  ? 157  GLN A CD  1 
ATOM   1223 O  OE1 . GLN A 1 157 ? -21.169 -1.491  -1.084  1.00 64.21  ? 157  GLN A OE1 1 
ATOM   1224 N  NE2 . GLN A 1 157 ? -20.847 0.610   -1.827  1.00 64.57  ? 157  GLN A NE2 1 
ATOM   1225 N  N   . CYS A 1 158 ? -16.581 1.393   -2.217  1.00 48.82  ? 158  CYS A N   1 
ATOM   1226 C  CA  . CYS A 1 158 ? -15.795 1.944   -1.115  1.00 50.00  ? 158  CYS A CA  1 
ATOM   1227 C  C   . CYS A 1 158 ? -14.451 2.442   -1.640  1.00 48.90  ? 158  CYS A C   1 
ATOM   1228 O  O   . CYS A 1 158 ? -13.636 2.939   -0.874  1.00 49.17  ? 158  CYS A O   1 
ATOM   1229 C  CB  . CYS A 1 158 ? -15.689 1.020   0.098   1.00 49.71  ? 158  CYS A CB  1 
ATOM   1230 S  SG  . CYS A 1 158 ? -17.271 0.414   0.825   1.00 50.53  ? 158  CYS A SG  1 
ATOM   1231 N  N   . ARG A 1 159 ? -14.142 2.343   -2.913  1.00 47.48  ? 159  ARG A N   1 
ATOM   1232 C  CA  . ARG A 1 159 ? -12.915 2.811   -3.486  1.00 49.12  ? 159  ARG A CA  1 
ATOM   1233 C  C   . ARG A 1 159 ? -13.061 4.212   -4.104  1.00 52.85  ? 159  ARG A C   1 
ATOM   1234 O  O   . ARG A 1 159 ? -13.609 4.310   -5.199  1.00 53.70  ? 159  ARG A O   1 
ATOM   1235 C  CB  . ARG A 1 159 ? -12.358 1.928   -4.573  1.00 46.94  ? 159  ARG A CB  1 
ATOM   1236 C  CG  . ARG A 1 159 ? -10.945 2.286   -5.008  1.00 46.38  ? 159  ARG A CG  1 
ATOM   1237 C  CD  . ARG A 1 159 ? -10.450 1.306   -6.056  1.00 45.66  ? 159  ARG A CD  1 
ATOM   1238 N  NE  . ARG A 1 159 ? -11.266 1.325   -7.271  1.00 44.99  ? 159  ARG A NE  1 
ATOM   1239 C  CZ  . ARG A 1 159 ? -10.957 0.595   -8.337  1.00 46.39  ? 159  ARG A CZ  1 
ATOM   1240 N  NH1 . ARG A 1 159 ? -9.884  -0.197  -8.271  1.00 46.28  ? 159  ARG A NH1 1 
ATOM   1241 N  NH2 . ARG A 1 159 ? -11.703 0.638   -9.444  1.00 45.72  ? 159  ARG A NH2 1 
ATOM   1242 N  N   . VAL A 1 160 ? -12.538 5.215   -3.401  1.00 54.53  ? 160  VAL A N   1 
ATOM   1243 C  CA  . VAL A 1 160 ? -12.480 6.549   -3.982  1.00 57.63  ? 160  VAL A CA  1 
ATOM   1244 C  C   . VAL A 1 160 ? -11.030 6.773   -4.463  1.00 58.09  ? 160  VAL A C   1 
ATOM   1245 O  O   . VAL A 1 160 ? -10.915 7.024   -5.682  1.00 60.79  ? 160  VAL A O   1 
ATOM   1246 C  CB  . VAL A 1 160 ? -12.893 7.679   -3.026  1.00 57.64  ? 160  VAL A CB  1 
ATOM   1247 C  CG1 . VAL A 1 160 ? -12.795 9.006   -3.762  1.00 57.53  ? 160  VAL A CG1 1 
ATOM   1248 C  CG2 . VAL A 1 160 ? -14.307 7.463   -2.497  1.00 58.42  ? 160  VAL A CG2 1 
HETATM 1249 NA NA  . NA  B 2 .   ? 2.304   17.832  16.304  1.00 34.36  ? 2001 NA  A NA  1 
HETATM 1250 C  C1  . GOL C 3 .   ? 10.579  -11.032 -8.948  1.00 72.17  ? 1001 GOL A C1  1 
HETATM 1251 O  O1  . GOL C 3 .   ? 11.319  -11.228 -10.096 1.00 72.42  ? 1001 GOL A O1  1 
HETATM 1252 C  C2  . GOL C 3 .   ? 11.283  -11.654 -7.786  1.00 72.55  ? 1001 GOL A C2  1 
HETATM 1253 O  O2  . GOL C 3 .   ? 10.545  -11.178 -6.620  1.00 71.23  ? 1001 GOL A O2  1 
HETATM 1254 C  C3  . GOL C 3 .   ? 12.702  -11.080 -7.588  1.00 72.18  ? 1001 GOL A C3  1 
HETATM 1255 O  O3  . GOL C 3 .   ? 12.414  -10.247 -6.444  1.00 73.09  ? 1001 GOL A O3  1 
HETATM 1256 O  O   . HOH D 4 .   ? 10.899  6.264   9.715   1.00 23.27  ? 2002 HOH A O   1 
HETATM 1257 O  O   . HOH D 4 .   ? 11.686  -7.219  -0.372  1.00 23.28  ? 2003 HOH A O   1 
HETATM 1258 O  O   . HOH D 4 .   ? 8.229   3.826   4.069   1.00 25.57  ? 2004 HOH A O   1 
HETATM 1259 O  O   . HOH D 4 .   ? -8.604  4.697   -3.089  1.00 26.95  ? 2005 HOH A O   1 
HETATM 1260 O  O   . HOH D 4 .   ? -2.974  0.481   13.461  1.00 24.48  ? 2006 HOH A O   1 
HETATM 1261 O  O   . HOH D 4 .   ? 13.170  -5.857  -1.624  1.00 22.03  ? 2007 HOH A O   1 
HETATM 1262 O  O   . HOH D 4 .   ? -7.533  -1.588  -6.526  1.00 30.92  ? 2008 HOH A O   1 
HETATM 1263 O  O   . HOH D 4 .   ? 10.497  3.921   11.025  1.00 26.77  ? 2009 HOH A O   1 
HETATM 1264 O  O   . HOH D 4 .   ? -1.810  1.617   -21.487 1.00 28.89  ? 2010 HOH A O   1 
HETATM 1265 O  O   . HOH D 4 .   ? 9.310   -8.763  -0.174  1.00 28.54  ? 2011 HOH A O   1 
HETATM 1266 O  O   . HOH D 4 .   ? 9.617   8.222   9.790   1.00 26.83  ? 2012 HOH A O   1 
HETATM 1267 O  O   . HOH D 4 .   ? -3.738  3.268   14.075  1.00 33.44  ? 2013 HOH A O   1 
HETATM 1268 O  O   . HOH D 4 .   ? -3.987  19.876  9.199   1.00 32.39  ? 2014 HOH A O   1 
HETATM 1269 O  O   . HOH D 4 .   ? 8.266   -10.116 -5.783  1.00 33.02  ? 2015 HOH A O   1 
HETATM 1270 O  O   . HOH D 4 .   ? 4.387   1.645   -9.844  1.00 34.71  ? 2016 HOH A O   1 
HETATM 1271 O  O   . HOH D 4 .   ? 0.196   10.216  -9.727  1.00 36.08  ? 2017 HOH A O   1 
HETATM 1272 O  O   . HOH D 4 .   ? -5.477  -4.639  -9.515  1.00 35.48  ? 2018 HOH A O   1 
HETATM 1273 O  O   . HOH D 4 .   ? 15.738  -5.731  -5.242  1.00 39.63  ? 2019 HOH A O   1 
HETATM 1274 O  O   . HOH D 4 .   ? 10.628  0.645   -10.202 1.00 35.81  ? 2020 HOH A O   1 
HETATM 1275 O  O   . HOH D 4 .   ? -5.987  -1.927  -11.995 1.00 35.91  ? 2021 HOH A O   1 
HETATM 1276 O  O   . HOH D 4 .   ? -3.384  7.664   -12.491 1.00 38.40  ? 2022 HOH A O   1 
HETATM 1277 O  O   . HOH D 4 .   ? 6.378   7.587   17.048  1.00 45.41  ? 2023 HOH A O   1 
HETATM 1278 O  O   . HOH D 4 .   ? 11.464  -1.136  16.566  1.00 41.04  ? 2024 HOH A O   1 
HETATM 1279 O  O   . HOH D 4 .   ? -0.748  -11.885 0.782   1.00 40.31  ? 2025 HOH A O   1 
HETATM 1280 O  O   . HOH D 4 .   ? -8.272  0.830   -10.858 1.00 40.68  ? 2026 HOH A O   1 
HETATM 1281 O  O   . HOH D 4 .   ? 20.299  -4.732  -6.824  1.00 38.65  ? 2027 HOH A O   1 
HETATM 1282 O  O   . HOH D 4 .   ? -3.358  16.208  -2.383  1.00 40.29  ? 2028 HOH A O   1 
HETATM 1283 O  O   . HOH D 4 .   ? -1.589  3.280   16.284  1.00 43.20  ? 2029 HOH A O   1 
HETATM 1284 O  O   . HOH D 4 .   ? -8.313  -2.070  -10.794 1.00 45.57  ? 2030 HOH A O   1 
HETATM 1285 O  O   . HOH D 4 .   ? -9.142  8.982   -2.878  1.00 42.32  ? 2031 HOH A O   1 
HETATM 1286 O  O   . HOH D 4 .   ? -5.653  -7.006  12.350  1.00 44.00  ? 2032 HOH A O   1 
HETATM 1287 O  O   . HOH D 4 .   ? -8.560  -3.809  10.755  1.00 45.09  ? 2033 HOH A O   1 
HETATM 1288 O  O   . HOH D 4 .   ? 18.532  -2.840  -2.941  1.00 44.11  ? 2034 HOH A O   1 
HETATM 1289 O  O   . HOH D 4 .   ? -11.270 4.980   -0.762  1.00 51.36  ? 2035 HOH A O   1 
HETATM 1290 O  O   . HOH D 4 .   ? 2.884   16.307  6.141   1.00 47.91  ? 2036 HOH A O   1 
HETATM 1291 O  O   . HOH D 4 .   ? -10.356 10.889  -1.909  1.00 46.84  ? 2037 HOH A O   1 
HETATM 1292 O  O   . HOH D 4 .   ? -0.860  6.040   -19.417 1.00 48.67  ? 2038 HOH A O   1 
HETATM 1293 O  O   . HOH D 4 .   ? 12.839  15.291  -1.843  1.00 45.28  ? 2039 HOH A O   1 
HETATM 1294 O  O   . HOH D 4 .   ? -9.157  3.121   -10.863 1.00 47.26  ? 2040 HOH A O   1 
HETATM 1295 O  O   . HOH D 4 .   ? 5.255   -4.973  14.118  1.00 50.78  ? 2041 HOH A O   1 
HETATM 1296 O  O   . HOH D 4 .   ? 10.639  -7.725  10.877  1.00 52.91  ? 2042 HOH A O   1 
HETATM 1297 O  O   . HOH D 4 .   ? 11.283  -2.025  12.241  1.00 45.60  ? 2043 HOH A O   1 
HETATM 1298 O  O   . HOH D 4 .   ? 6.309   9.815   8.274   1.00 47.90  ? 2044 HOH A O   1 
HETATM 1299 O  O   . HOH D 4 .   ? 12.079  -5.745  10.600  0.50 50.11  ? 2045 HOH A O   1 
HETATM 1300 O  O   . HOH D 4 .   ? 0.501   4.419   -9.419  1.00 49.42  ? 2046 HOH A O   1 
HETATM 1301 O  O   . HOH D 4 .   ? 8.173   -3.507  13.240  1.00 50.61  ? 2047 HOH A O   1 
HETATM 1302 O  O   . HOH D 4 .   ? -12.046 11.605  -7.390  1.00 62.02  ? 2048 HOH A O   1 
HETATM 1303 O  O   . HOH D 4 .   ? -8.074  -3.353  -9.009  1.00 49.16  ? 2049 HOH A O   1 
HETATM 1304 O  O   . HOH D 4 .   ? 6.982   5.018   17.560  1.00 51.72  ? 2050 HOH A O   1 
HETATM 1305 O  O   . HOH D 4 .   ? 5.678   17.859  6.849   1.00 54.78  ? 2051 HOH A O   1 
HETATM 1306 O  O   . HOH D 4 .   ? 5.721   10.714  -4.967  1.00 53.34  ? 2052 HOH A O   1 
HETATM 1307 O  O   . HOH D 4 .   ? 1.818   -9.928  -11.813 1.00 50.20  ? 2053 HOH A O   1 
HETATM 1308 O  O   . HOH D 4 .   ? -5.045  13.758  -5.425  1.00 50.38  ? 2054 HOH A O   1 
HETATM 1309 O  O   . HOH D 4 .   ? 2.161   2.128   -10.975 1.00 54.59  ? 2055 HOH A O   1 
HETATM 1310 O  O   . HOH D 4 .   ? -7.964  12.722  1.132   1.00 58.60  ? 2056 HOH A O   1 
HETATM 1311 O  O   . HOH D 4 .   ? 4.350   -14.136 -8.700  1.00 57.38  ? 2057 HOH A O   1 
HETATM 1312 O  O   . HOH D 4 .   ? 16.168  15.008  0.820   1.00 57.86  ? 2058 HOH A O   1 
HETATM 1313 O  O   . HOH D 4 .   ? 1.402   17.429  -1.522  1.00 54.54  ? 2059 HOH A O   1 
HETATM 1314 O  O   . HOH D 4 .   ? 2.761   5.526   -16.107 1.00 52.53  ? 2060 HOH A O   1 
HETATM 1315 O  O   . HOH D 4 .   ? 6.997   1.188   16.803  1.00 52.99  ? 2061 HOH A O   1 
HETATM 1316 O  O   . HOH D 4 .   ? 7.225   -7.016  14.045  1.00 59.85  ? 2062 HOH A O   1 
HETATM 1317 O  O   . HOH D 4 .   ? -1.917  -2.389  -23.879 1.00 52.92  ? 2063 HOH A O   1 
HETATM 1318 O  O   . HOH D 4 .   ? 6.601   -10.135 -8.617  1.00 60.39  ? 2064 HOH A O   1 
HETATM 1319 O  O   . HOH D 4 .   ? 19.842  0.344   -1.012  1.00 62.31  ? 2065 HOH A O   1 
HETATM 1320 O  O   . HOH D 4 .   ? 5.406   -16.720 5.603   1.00 67.26  ? 2066 HOH A O   1 
HETATM 1321 O  O   . HOH D 4 .   ? 1.113   21.271  12.327  1.00 59.31  ? 2067 HOH A O   1 
HETATM 1322 O  O   . HOH D 4 .   ? -17.386 -4.048  -5.338  1.00 55.44  ? 2068 HOH A O   1 
HETATM 1323 O  O   . HOH D 4 .   ? 0.652   0.476   16.021  1.00 62.58  ? 2069 HOH A O   1 
HETATM 1324 O  O   . HOH D 4 .   ? -2.075  10.772  -11.470 1.00 64.09  ? 2070 HOH A O   1 
HETATM 1325 O  O   . HOH D 4 .   ? -8.424  13.511  -6.593  1.00 64.81  ? 2071 HOH A O   1 
HETATM 1326 O  O   . HOH D 4 .   ? 12.700  -2.817  14.337  1.00 61.97  ? 2072 HOH A O   1 
HETATM 1327 O  O   . HOH D 4 .   ? 3.805   17.316  9.395   1.00 53.94  ? 2073 HOH A O   1 
HETATM 1328 O  O   . HOH D 4 .   ? 22.162  -4.745  -10.859 1.00 61.23  ? 2074 HOH A O   1 
HETATM 1329 O  O   . HOH D 4 .   ? -0.297  7.229   -12.184 1.00 61.26  ? 2075 HOH A O   1 
HETATM 1330 O  O   . HOH D 4 .   ? -18.486 6.544   -9.606  1.00 65.75  ? 2076 HOH A O   1 
HETATM 1331 O  O   . HOH D 4 .   ? 11.663  10.543  13.888  1.00 58.91  ? 2077 HOH A O   1 
HETATM 1332 O  O   . HOH D 4 .   ? -2.356  0.494   -24.539 1.00 59.53  ? 2078 HOH A O   1 
HETATM 1333 O  O   . HOH D 4 .   ? 3.991   -16.404 -1.755  1.00 54.58  ? 2079 HOH A O   1 
HETATM 1334 O  O   . HOH D 4 .   ? 13.952  -14.950 3.216   1.00 61.04  ? 2080 HOH A O   1 
HETATM 1335 O  O   . HOH D 4 .   ? -3.371  15.491  -10.438 1.00 67.52  ? 2081 HOH A O   1 
HETATM 1336 O  O   . HOH D 4 .   ? -1.659  13.621  -11.582 1.00 70.09  ? 2082 HOH A O   1 
HETATM 1337 O  O   . HOH D 4 .   ? -12.935 -7.303  -6.472  1.00 68.49  ? 2083 HOH A O   1 
HETATM 1338 O  O   . HOH D 4 .   ? -12.873 8.810   3.980   1.00 73.30  ? 2084 HOH A O   1 
HETATM 1339 O  O   . HOH D 4 .   ? 2.992   13.770  -6.125  1.00 63.86  ? 2085 HOH A O   1 
HETATM 1340 O  O   . HOH D 4 .   ? -2.789  9.030   -14.929 1.00 56.02  ? 2086 HOH A O   1 
HETATM 1341 O  O   . HOH D 4 .   ? 4.426   -19.030 8.023   1.00 67.85  ? 2087 HOH A O   1 
HETATM 1342 O  O   . HOH D 4 .   ? 1.362   -4.596  16.242  1.00 66.16  ? 2088 HOH A O   1 
HETATM 1343 O  O   . HOH D 4 .   ? 3.961   -21.690 0.583   1.00 65.47  ? 2089 HOH A O   1 
HETATM 1344 O  O   . HOH D 4 .   ? -17.672 2.343   -8.028  1.00 64.16  ? 2090 HOH A O   1 
HETATM 1345 O  O   . HOH D 4 .   ? -0.045  8.520   -14.815 1.00 70.23  ? 2091 HOH A O   1 
HETATM 1346 O  O   . HOH D 4 .   ? 6.567   12.539  -11.020 1.00 70.49  ? 2092 HOH A O   1 
HETATM 1347 O  O   . HOH D 4 .   ? 0.858   -18.600 6.838   1.00 75.66  ? 2093 HOH A O   1 
HETATM 1348 O  O   . HOH D 4 .   ? 6.931   -4.121  18.389  1.00 76.35  ? 2094 HOH A O   1 
HETATM 1349 O  O   . HOH D 4 .   ? -2.550  9.496   -17.544 1.00 61.11  ? 2095 HOH A O   1 
HETATM 1350 O  O   . HOH D 4 .   ? -3.424  -17.682 -2.875  1.00 64.42  ? 2096 HOH A O   1 
HETATM 1351 O  O   . HOH D 4 .   ? 4.585   2.002   18.655  1.00 55.57  ? 2097 HOH A O   1 
HETATM 1352 O  O   . HOH D 4 .   ? -13.117 -6.998  -13.297 1.00 65.11  ? 2098 HOH A O   1 
HETATM 1353 O  O   . HOH D 4 .   ? -19.740 4.821   -8.367  1.00 87.18  ? 2099 HOH A O   1 
HETATM 1354 O  O   . HOH D 4 .   ? 10.777  13.187  13.837  1.00 76.12  ? 2100 HOH A O   1 
HETATM 1355 O  O   . HOH D 4 .   ? 9.552   -5.451  15.435  1.00 79.99  ? 2101 HOH A O   1 
HETATM 1356 O  O   . HOH D 4 .   ? -19.299 -2.867  -7.176  1.00 63.42  ? 2102 HOH A O   1 
HETATM 1357 O  O   . HOH D 4 .   ? 10.421  -14.951 6.852   1.00 70.36  ? 2103 HOH A O   1 
HETATM 1358 O  O   . HOH D 4 .   ? 7.169   17.391  17.921  1.00 75.97  ? 2104 HOH A O   1 
HETATM 1359 O  O   . HOH D 4 .   ? -16.434 5.596   -6.493  1.00 77.75  ? 2105 HOH A O   1 
HETATM 1360 O  O   . HOH D 4 .   ? -10.827 -7.671  -3.994  1.00 89.54  ? 2106 HOH A O   1 
HETATM 1361 O  O   . HOH D 4 .   ? -5.295  15.514  -8.565  1.00 72.61  ? 2107 HOH A O   1 
HETATM 1362 O  O   . HOH D 4 .   ? 1.645   18.415  -4.323  1.00 91.47  ? 2108 HOH A O   1 
HETATM 1363 O  O   . HOH D 4 .   ? 8.349   -15.335 11.175  1.00 74.87  ? 2109 HOH A O   1 
HETATM 1364 O  O   . HOH D 4 .   ? -13.493 -6.247  10.188  1.00 81.63  ? 2110 HOH A O   1 
HETATM 1365 O  O   . HOH D 4 .   ? 2.222   -15.481 -10.752 1.00 77.28  ? 2111 HOH A O   1 
HETATM 1366 O  O   . HOH D 4 .   ? -8.741  -4.955  -6.589  1.00 60.51  ? 2112 HOH A O   1 
HETATM 1367 O  O   . HOH D 4 .   ? 2.667   9.757   -12.970 1.00 91.09  ? 2113 HOH A O   1 
HETATM 1368 O  O   . HOH D 4 .   ? 9.152   -11.554 9.957   1.00 72.46  ? 2114 HOH A O   1 
HETATM 1369 O  O   . HOH D 4 .   ? -1.011  -8.147  -12.779 1.00 61.42  ? 2115 HOH A O   1 
HETATM 1370 O  O   . HOH D 4 .   ? -11.023 7.525   -11.524 1.00 83.36  ? 2116 HOH A O   1 
HETATM 1371 O  O   . HOH D 4 .   ? -3.595  15.373  10.837  1.00 50.01  ? 2117 HOH A O   1 
HETATM 1372 O  O   . HOH D 4 .   ? 11.888  -1.721  -11.682 1.00 60.62  ? 2118 HOH A O   1 
HETATM 1373 O  O   . HOH D 4 .   ? 13.110  -9.832  -11.724 1.00 57.81  ? 2119 HOH A O   1 
HETATM 1374 O  O   . HOH D 4 .   ? 10.295  -7.879  13.277  1.00 68.73  ? 2120 HOH A O   1 
HETATM 1375 O  O   . HOH D 4 .   ? -2.413  -11.784 8.309   1.00 70.14  ? 2121 HOH A O   1 
HETATM 1376 O  O   . HOH D 4 .   ? -14.819 -5.731  -1.851  1.00 73.92  ? 2122 HOH A O   1 
HETATM 1377 O  O   . HOH D 4 .   ? 3.976   -18.356 -0.487  1.00 80.05  ? 2123 HOH A O   1 
HETATM 1378 O  O   . HOH D 4 .   ? 11.772  9.854   18.892  1.00 58.48  ? 2124 HOH A O   1 
HETATM 1379 O  O   . HOH D 4 .   ? 6.941   19.751  15.996  1.00 81.82  ? 2125 HOH A O   1 
HETATM 1380 O  O   . HOH D 4 .   ? 0.615   -3.288  18.594  1.00 76.06  ? 2126 HOH A O   1 
HETATM 1381 O  O   . HOH D 4 .   ? -3.029  -6.960  13.100  1.00 48.37  ? 2127 HOH A O   1 
HETATM 1382 O  O   . HOH D 4 .   ? 11.950  -16.101 2.496   1.00 84.62  ? 2128 HOH A O   1 
HETATM 1383 O  O   . HOH D 4 .   ? 8.103   19.040  2.607   1.00 79.10  ? 2129 HOH A O   1 
HETATM 1384 O  O   . HOH D 4 .   ? -16.453 -3.250  -11.898 1.00 56.38  ? 2130 HOH A O   1 
HETATM 1385 O  O   . HOH D 4 .   ? 8.310   13.717  -7.316  1.00 76.93  ? 2131 HOH A O   1 
HETATM 1386 O  O   . HOH D 4 .   ? -6.527  -15.312 1.604   1.00 65.82  ? 2132 HOH A O   1 
HETATM 1387 O  O   . HOH D 4 .   ? -22.217 3.331   -7.326  1.00 83.77  ? 2133 HOH A O   1 
HETATM 1388 O  O   . HOH D 4 .   ? 11.013  -6.101  -15.896 1.00 87.94  ? 2134 HOH A O   1 
HETATM 1389 O  O   . HOH D 4 .   ? 17.038  -5.489  -7.392  1.00 61.98  ? 2135 HOH A O   1 
HETATM 1390 O  O   . HOH D 4 .   ? 11.882  6.257   -7.581  1.00 57.48  ? 2136 HOH A O   1 
HETATM 1391 O  O   . HOH D 4 .   ? 2.079   -12.968 -12.259 1.00 71.60  ? 2137 HOH A O   1 
HETATM 1392 O  O   . HOH D 4 .   ? -20.395 1.936   -12.453 1.00 53.95  ? 2138 HOH A O   1 
HETATM 1393 O  O   . HOH D 4 .   ? -20.681 -0.993  -11.838 1.00 73.08  ? 2139 HOH A O   1 
HETATM 1394 O  O   . HOH D 4 .   ? 2.195   8.148   -8.169  1.00 56.80  ? 2140 HOH A O   1 
HETATM 1395 O  O   . HOH D 4 .   ? -1.032  16.332  -6.586  1.00 70.07  ? 2141 HOH A O   1 
HETATM 1396 O  O   . HOH D 4 .   ? 13.256  9.702   21.582  1.00 61.93  ? 2142 HOH A O   1 
HETATM 1397 O  O   . HOH D 4 .   ? 1.204   -7.899  15.923  1.00 69.39  ? 2143 HOH A O   1 
HETATM 1398 O  O   . HOH D 4 .   ? 10.934  15.996  -4.419  1.00 74.66  ? 2144 HOH A O   1 
HETATM 1399 O  O   . HOH D 4 .   ? 12.309  2.875   -10.679 1.00 67.77  ? 2145 HOH A O   1 
HETATM 1400 O  O   . HOH D 4 .   ? -17.728 4.023   -4.069  1.00 80.87  ? 2146 HOH A O   1 
HETATM 1401 O  O   . HOH D 4 .   ? -15.473 -3.360  -14.770 1.00 78.64  ? 2147 HOH A O   1 
HETATM 1402 O  O   . HOH D 4 .   ? -20.129 4.491   -11.499 1.00 77.16  ? 2148 HOH A O   1 
HETATM 1403 O  O   . HOH D 4 .   ? -17.712 -1.649  -14.035 1.00 75.78  ? 2149 HOH A O   1 
HETATM 1404 O  O   . HOH D 4 .   ? 0.098   -13.871 9.192   1.00 65.30  ? 2150 HOH A O   1 
HETATM 1405 O  O   . HOH D 4 .   ? 3.893   -9.079  -10.432 1.00 69.10  ? 2151 HOH A O   1 
HETATM 1406 O  O   . HOH D 4 .   ? -17.953 5.390   -12.314 1.00 63.45  ? 2152 HOH A O   1 
HETATM 1407 O  O   . HOH D 4 .   ? 8.582   14.609  18.019  1.00 69.00  ? 2153 HOH A O   1 
HETATM 1408 O  O   . HOH D 4 .   ? -5.288  15.990  -13.007 1.00 71.00  ? 2154 HOH A O   1 
HETATM 1409 O  O   . HOH D 4 .   ? 13.654  -13.132 1.673   1.00 75.00  ? 2155 HOH A O   1 
# 
